data_6RU8
#
_entry.id   6RU8
#
_cell.length_a   48.727
_cell.length_b   84.131
_cell.length_c   89.287
_cell.angle_alpha   108.600
_cell.angle_beta   105.830
_cell.angle_gamma   91.570
#
_symmetry.space_group_name_H-M   'P 1'
#
loop_
_entity.id
_entity.type
_entity.pdbx_description
1 polymer 'Casein kinase I isoform delta'
2 polymer 'Tumor protein 63'
3 non-polymer "ADENOSINE-5'-DIPHOSPHATE"
4 non-polymer 1,2-ETHANEDIOL
5 non-polymer 'SODIUM ION'
6 non-polymer 'SULFATE ION'
7 water water
#
loop_
_entity_poly.entity_id
_entity_poly.type
_entity_poly.pdbx_seq_one_letter_code
_entity_poly.pdbx_strand_id
1 'polypeptide(L)'
;SMMELRVGNRYRLGRKIGSGSFGDIYLGTDIAAGEEVAIKLECVKTKHPQLHIESKIYKMMQGGVGIPTIRWCGAEGDYN
VMVMELLGPSLEDLFNFCSRKFSLKTVLLLADQMISRIEYIHSKNFIHRDVKPDNFLMGLGKKGNLVYIIDFGLAKKYRD
ARTHQHIPYRENKNLTGTARYASINTHLGIEQSRRDDLESLGYVLMYFNLGSLPWQGLKAATKRQKYERISEKKMSTPIE
VLCKGYPSEFATYLNFCRSLRFDDKPDYSYLRQLFRNLFHRQGFSYDYVFDWNMLK
;
A,B,C,D
2 'polypeptide(L)' (SEP)SA(SEP)TV(SEP)VGSSY E,F,G,H
#
loop_
_chem_comp.id
_chem_comp.type
_chem_comp.name
_chem_comp.formula
ADP non-polymer ADENOSINE-5'-DIPHOSPHATE 'C10 H15 N5 O10 P2'
EDO non-polymer 1,2-ETHANEDIOL 'C2 H6 O2'
NA non-polymer 'SODIUM ION' 'Na 1'
SO4 non-polymer 'SULFATE ION' 'O4 S -2'
#
# COMPACT_ATOMS: atom_id res chain seq x y z
N GLU A 4 -9.64 -41.62 8.29
CA GLU A 4 -9.21 -43.01 7.90
C GLU A 4 -9.73 -43.34 6.49
N LEU A 5 -9.42 -42.49 5.51
CA LEU A 5 -9.78 -42.71 4.08
C LEU A 5 -8.55 -43.25 3.33
N ARG A 6 -8.80 -44.08 2.31
CA ARG A 6 -7.78 -44.56 1.36
C ARG A 6 -7.53 -43.46 0.33
N VAL A 7 -6.26 -43.27 -0.03
CA VAL A 7 -5.81 -42.18 -0.95
C VAL A 7 -4.74 -42.77 -1.87
N GLY A 8 -4.85 -42.56 -3.18
CA GLY A 8 -4.09 -43.37 -4.15
C GLY A 8 -4.43 -44.82 -3.93
N ASN A 9 -3.47 -45.73 -4.06
CA ASN A 9 -3.72 -47.16 -3.80
C ASN A 9 -3.34 -47.52 -2.35
N ARG A 10 -2.40 -46.78 -1.76
CA ARG A 10 -1.53 -47.32 -0.69
C ARG A 10 -1.38 -46.32 0.47
N TYR A 11 -2.09 -45.19 0.44
CA TYR A 11 -1.98 -44.14 1.48
C TYR A 11 -3.25 -44.10 2.32
N ARG A 12 -3.06 -44.08 3.62
CA ARG A 12 -4.15 -43.93 4.59
C ARG A 12 -4.05 -42.54 5.20
N LEU A 13 -5.17 -41.82 5.23
CA LEU A 13 -5.26 -40.46 5.78
C LEU A 13 -5.49 -40.52 7.28
N GLY A 14 -4.74 -39.74 8.04
CA GLY A 14 -4.91 -39.54 9.49
C GLY A 14 -5.32 -38.12 9.79
N ARG A 15 -4.98 -37.62 10.96
CA ARG A 15 -5.46 -36.35 11.52
C ARG A 15 -4.72 -35.17 10.88
N LYS A 16 -5.36 -34.01 10.82
CA LYS A 16 -4.78 -32.75 10.33
C LYS A 16 -3.55 -32.42 11.18
N ILE A 17 -2.46 -32.01 10.55
CA ILE A 17 -1.24 -31.55 11.27
C ILE A 17 -0.96 -30.09 10.92
N GLY A 18 -1.64 -29.51 9.95
CA GLY A 18 -1.34 -28.13 9.49
C GLY A 18 -2.34 -27.63 8.47
N SER A 19 -2.48 -26.31 8.36
CA SER A 19 -3.22 -25.63 7.27
C SER A 19 -2.37 -24.49 6.73
N GLY A 20 -2.26 -24.38 5.41
CA GLY A 20 -1.68 -23.21 4.74
C GLY A 20 -2.74 -22.37 4.09
N SER A 21 -2.35 -21.57 3.10
CA SER A 21 -3.23 -20.64 2.35
C SER A 21 -4.34 -21.43 1.64
N PHE A 22 -4.04 -22.66 1.22
CA PHE A 22 -5.01 -23.55 0.52
C PHE A 22 -4.80 -24.99 0.98
N GLY A 23 -5.89 -25.73 0.99
CA GLY A 23 -5.96 -27.10 1.48
C GLY A 23 -5.52 -27.22 2.93
N ASP A 24 -5.26 -28.46 3.35
CA ASP A 24 -4.82 -28.83 4.70
C ASP A 24 -3.85 -30.00 4.56
N ILE A 25 -3.02 -30.19 5.57
CA ILE A 25 -1.94 -31.19 5.61
C ILE A 25 -2.31 -32.18 6.69
N TYR A 26 -2.29 -33.45 6.36
CA TYR A 26 -2.73 -34.56 7.25
C TYR A 26 -1.57 -35.51 7.45
N LEU A 27 -1.45 -36.06 8.64
CA LEU A 27 -0.64 -37.26 8.84
C LEU A 27 -1.21 -38.34 7.94
N GLY A 28 -0.34 -39.11 7.34
CA GLY A 28 -0.75 -40.27 6.55
C GLY A 28 0.18 -41.42 6.82
N THR A 29 -0.20 -42.60 6.35
CA THR A 29 0.68 -43.75 6.29
C THR A 29 0.75 -44.26 4.87
N ASP A 30 1.93 -44.50 4.40
CA ASP A 30 2.20 -45.32 3.20
C ASP A 30 2.12 -46.78 3.66
N ILE A 31 0.96 -47.38 3.46
CA ILE A 31 0.59 -48.74 3.94
C ILE A 31 1.55 -49.74 3.31
N ALA A 32 1.94 -49.56 2.05
CA ALA A 32 2.76 -50.53 1.32
C ALA A 32 4.18 -50.52 1.89
N ALA A 33 4.70 -49.35 2.29
CA ALA A 33 6.11 -49.17 2.69
C ALA A 33 6.24 -49.19 4.21
N GLY A 34 5.17 -48.94 4.96
CA GLY A 34 5.22 -48.84 6.43
C GLY A 34 5.93 -47.59 6.88
N GLU A 35 5.54 -46.46 6.35
CA GLU A 35 6.23 -45.16 6.54
C GLU A 35 5.16 -44.10 6.70
N GLU A 36 5.33 -43.23 7.66
CA GLU A 36 4.45 -42.08 7.85
C GLU A 36 4.79 -41.05 6.76
N VAL A 37 3.77 -40.35 6.28
CA VAL A 37 3.87 -39.33 5.21
C VAL A 37 3.02 -38.14 5.65
N ALA A 38 3.15 -37.03 4.95
CA ALA A 38 2.22 -35.90 5.03
C ALA A 38 1.39 -35.90 3.74
N ILE A 39 0.10 -35.70 3.87
CA ILE A 39 -0.84 -35.70 2.73
C ILE A 39 -1.51 -34.34 2.68
N LYS A 40 -1.26 -33.59 1.61
CA LYS A 40 -1.98 -32.34 1.38
C LYS A 40 -3.22 -32.62 0.55
N LEU A 41 -4.36 -32.13 1.01
CA LEU A 41 -5.64 -32.22 0.29
C LEU A 41 -6.08 -30.82 -0.12
N GLU A 42 -6.58 -30.68 -1.32
CA GLU A 42 -7.25 -29.45 -1.83
C GLU A 42 -8.57 -29.87 -2.46
N CYS A 43 -9.67 -29.31 -1.99
CA CYS A 43 -11.02 -29.58 -2.52
C CYS A 43 -11.01 -29.34 -4.04
N VAL A 44 -11.40 -30.36 -4.81
CA VAL A 44 -11.36 -30.34 -6.30
C VAL A 44 -12.25 -29.21 -6.81
N LYS A 45 -13.30 -28.83 -6.05
CA LYS A 45 -14.35 -27.88 -6.48
C LYS A 45 -13.91 -26.43 -6.28
N THR A 46 -12.72 -26.20 -5.72
CA THR A 46 -12.07 -24.85 -5.70
C THR A 46 -12.11 -24.24 -7.11
N LYS A 47 -12.40 -22.94 -7.21
CA LYS A 47 -12.48 -22.22 -8.52
C LYS A 47 -11.05 -22.12 -9.11
N HIS A 48 -10.04 -21.94 -8.26
CA HIS A 48 -8.64 -21.65 -8.63
C HIS A 48 -7.72 -22.73 -8.05
N PRO A 49 -7.63 -23.91 -8.70
CA PRO A 49 -6.81 -25.00 -8.19
C PRO A 49 -5.33 -24.60 -8.17
N GLN A 50 -4.63 -24.90 -7.07
CA GLN A 50 -3.23 -24.49 -6.83
C GLN A 50 -2.35 -25.71 -6.51
N LEU A 51 -2.94 -26.81 -6.02
CA LEU A 51 -2.16 -27.95 -5.50
C LEU A 51 -1.35 -28.54 -6.66
N HIS A 52 -1.96 -28.76 -7.83
CA HIS A 52 -1.27 -29.34 -9.02
C HIS A 52 -0.06 -28.47 -9.40
N ILE A 53 -0.20 -27.15 -9.32
CA ILE A 53 0.90 -26.19 -9.65
C ILE A 53 2.00 -26.35 -8.60
N GLU A 54 1.63 -26.35 -7.32
CA GLU A 54 2.60 -26.57 -6.23
C GLU A 54 3.34 -27.90 -6.41
N SER A 55 2.64 -28.97 -6.78
CA SER A 55 3.24 -30.32 -6.97
C SER A 55 4.26 -30.26 -8.11
N LYS A 56 3.96 -29.50 -9.17
CA LYS A 56 4.90 -29.26 -10.31
C LYS A 56 6.19 -28.60 -9.80
N ILE A 57 6.07 -27.58 -8.96
CA ILE A 57 7.25 -26.86 -8.42
C ILE A 57 8.07 -27.80 -7.55
N TYR A 58 7.42 -28.55 -6.65
CA TYR A 58 8.12 -29.53 -5.79
C TYR A 58 8.83 -30.58 -6.66
N LYS A 59 8.16 -31.05 -7.72
CA LYS A 59 8.73 -32.05 -8.67
C LYS A 59 9.99 -31.47 -9.33
N MET A 60 9.94 -30.22 -9.74
CA MET A 60 11.09 -29.47 -10.31
C MET A 60 12.24 -29.38 -9.29
N MET A 61 11.94 -29.38 -7.99
CA MET A 61 12.95 -29.20 -6.90
C MET A 61 13.52 -30.56 -6.45
N GLN A 62 12.98 -31.67 -6.93
CA GLN A 62 13.34 -33.01 -6.39
C GLN A 62 14.83 -33.25 -6.54
N GLY A 63 15.43 -33.95 -5.59
CA GLY A 63 16.87 -34.27 -5.60
C GLY A 63 17.65 -33.34 -4.70
N GLY A 64 17.17 -32.11 -4.53
CA GLY A 64 17.73 -31.12 -3.59
C GLY A 64 17.74 -31.62 -2.16
N VAL A 65 18.85 -31.47 -1.47
CA VAL A 65 18.91 -31.63 0.01
C VAL A 65 17.88 -30.66 0.65
N GLY A 66 17.08 -31.16 1.59
CA GLY A 66 16.12 -30.34 2.33
C GLY A 66 14.99 -29.85 1.47
N ILE A 67 14.71 -30.52 0.37
CA ILE A 67 13.44 -30.38 -0.38
C ILE A 67 12.62 -31.62 -0.05
N PRO A 68 11.41 -31.52 0.51
CA PRO A 68 10.64 -32.72 0.80
C PRO A 68 10.38 -33.51 -0.48
N THR A 69 10.46 -34.82 -0.38
CA THR A 69 10.15 -35.76 -1.48
C THR A 69 8.64 -35.72 -1.72
N ILE A 70 8.23 -35.61 -2.96
CA ILE A 70 6.83 -35.84 -3.37
C ILE A 70 6.71 -37.31 -3.76
N ARG A 71 5.83 -38.03 -3.08
CA ARG A 71 5.73 -39.50 -3.21
C ARG A 71 4.60 -39.84 -4.19
N TRP A 72 3.58 -39.01 -4.28
CA TRP A 72 2.44 -39.25 -5.17
C TRP A 72 1.62 -37.96 -5.33
N CYS A 73 1.10 -37.74 -6.54
CA CYS A 73 0.09 -36.70 -6.86
C CYS A 73 -1.04 -37.34 -7.60
N GLY A 74 -2.27 -36.93 -7.33
CA GLY A 74 -3.49 -37.43 -7.99
C GLY A 74 -4.74 -36.73 -7.48
N ALA A 75 -5.89 -37.30 -7.78
CA ALA A 75 -7.21 -36.77 -7.36
C ALA A 75 -8.10 -37.94 -6.96
N GLU A 76 -8.63 -37.88 -5.74
CA GLU A 76 -9.45 -38.95 -5.12
C GLU A 76 -10.71 -38.31 -4.55
N GLY A 77 -11.89 -38.80 -4.94
CA GLY A 77 -13.19 -38.26 -4.50
C GLY A 77 -13.23 -36.75 -4.64
N ASP A 78 -13.45 -36.04 -3.53
CA ASP A 78 -13.66 -34.58 -3.51
C ASP A 78 -12.33 -33.81 -3.54
N TYR A 79 -11.17 -34.49 -3.65
CA TYR A 79 -9.84 -33.87 -3.35
C TYR A 79 -8.80 -34.10 -4.44
N ASN A 80 -8.03 -33.07 -4.71
CA ASN A 80 -6.65 -33.17 -5.24
C ASN A 80 -5.73 -33.58 -4.09
N VAL A 81 -4.74 -34.40 -4.37
CA VAL A 81 -3.89 -35.06 -3.35
C VAL A 81 -2.43 -34.90 -3.71
N MET A 82 -1.63 -34.46 -2.76
CA MET A 82 -0.17 -34.49 -2.85
C MET A 82 0.38 -35.17 -1.59
N VAL A 83 1.06 -36.29 -1.77
CA VAL A 83 1.69 -37.03 -0.67
C VAL A 83 3.15 -36.63 -0.64
N MET A 84 3.64 -36.26 0.51
CA MET A 84 5.03 -35.81 0.69
C MET A 84 5.66 -36.46 1.91
N GLU A 85 6.99 -36.42 1.93
CA GLU A 85 7.80 -36.79 3.08
C GLU A 85 7.22 -36.08 4.30
N LEU A 86 7.07 -36.79 5.40
CA LEU A 86 6.67 -36.19 6.69
C LEU A 86 7.86 -35.45 7.29
N LEU A 87 7.67 -34.20 7.63
CA LEU A 87 8.72 -33.36 8.23
C LEU A 87 8.38 -33.06 9.67
N GLY A 88 9.37 -32.54 10.38
CA GLY A 88 9.25 -32.22 11.80
C GLY A 88 8.82 -30.80 12.04
N PRO A 89 9.09 -30.27 13.25
CA PRO A 89 8.58 -28.97 13.63
C PRO A 89 9.27 -27.85 12.82
N SER A 90 8.58 -26.73 12.69
CA SER A 90 9.11 -25.49 12.05
C SER A 90 10.18 -24.87 12.94
N LEU A 91 10.98 -23.97 12.39
CA LEU A 91 11.94 -23.22 13.19
C LEU A 91 11.19 -22.29 14.14
N GLU A 92 10.00 -21.83 13.79
CA GLU A 92 9.18 -20.98 14.71
C GLU A 92 8.75 -21.85 15.90
N ASP A 93 8.29 -23.06 15.64
CA ASP A 93 7.88 -24.02 16.69
C ASP A 93 9.07 -24.24 17.63
N LEU A 94 10.23 -24.52 17.09
CA LEU A 94 11.43 -24.88 17.88
C LEU A 94 11.89 -23.64 18.66
N PHE A 95 11.78 -22.47 18.06
CA PHE A 95 12.13 -21.19 18.71
C PHE A 95 11.27 -21.03 19.99
N ASN A 96 9.98 -21.27 19.87
CA ASN A 96 9.03 -21.20 21.02
C ASN A 96 9.39 -22.27 22.04
N PHE A 97 9.77 -23.45 21.60
CA PHE A 97 10.20 -24.57 22.47
C PHE A 97 11.47 -24.19 23.23
N CYS A 98 12.30 -23.36 22.63
CA CYS A 98 13.58 -22.92 23.24
C CYS A 98 13.40 -21.56 23.95
N SER A 99 12.17 -21.21 24.33
CA SER A 99 11.85 -19.95 25.07
C SER A 99 12.28 -18.73 24.26
N ARG A 100 12.18 -18.82 22.94
CA ARG A 100 12.41 -17.72 21.96
C ARG A 100 13.82 -17.16 22.16
N LYS A 101 14.78 -18.02 22.52
CA LYS A 101 16.25 -17.73 22.52
C LYS A 101 16.96 -18.87 21.78
N PHE A 102 17.68 -18.57 20.71
CA PHE A 102 18.64 -19.51 20.09
C PHE A 102 20.06 -19.08 20.46
N SER A 103 20.92 -20.04 20.77
CA SER A 103 22.38 -19.82 20.91
C SER A 103 22.94 -19.33 19.57
N LEU A 104 24.04 -18.60 19.60
CA LEU A 104 24.71 -18.19 18.37
C LEU A 104 25.03 -19.42 17.50
N LYS A 105 25.48 -20.51 18.11
CA LYS A 105 25.82 -21.74 17.38
C LYS A 105 24.60 -22.23 16.57
N THR A 106 23.45 -22.32 17.20
CA THR A 106 22.20 -22.77 16.54
C THR A 106 21.87 -21.82 15.38
N VAL A 107 21.95 -20.52 15.60
CA VAL A 107 21.64 -19.54 14.53
C VAL A 107 22.59 -19.79 13.35
N LEU A 108 23.87 -20.06 13.61
CA LEU A 108 24.86 -20.24 12.55
C LEU A 108 24.71 -21.59 11.89
N LEU A 109 24.38 -22.63 12.63
CA LEU A 109 24.05 -23.93 12.02
C LEU A 109 22.87 -23.74 11.05
N LEU A 110 21.85 -23.01 11.47
CA LEU A 110 20.65 -22.81 10.64
C LEU A 110 21.03 -21.93 9.43
N ALA A 111 21.80 -20.86 9.63
CA ALA A 111 22.11 -19.90 8.54
C ALA A 111 22.79 -20.68 7.40
N ASP A 112 23.70 -21.60 7.73
CA ASP A 112 24.48 -22.34 6.74
C ASP A 112 23.51 -23.10 5.83
N GLN A 113 22.56 -23.83 6.42
CA GLN A 113 21.64 -24.67 5.65
C GLN A 113 20.64 -23.79 4.92
N MET A 114 20.14 -22.74 5.56
CA MET A 114 19.07 -21.92 4.99
C MET A 114 19.59 -21.20 3.74
N ILE A 115 20.82 -20.68 3.77
CA ILE A 115 21.45 -20.05 2.57
C ILE A 115 21.53 -21.11 1.46
N SER A 116 21.93 -22.33 1.79
CA SER A 116 22.04 -23.44 0.81
C SER A 116 20.67 -23.77 0.22
N ARG A 117 19.63 -23.81 1.03
CA ARG A 117 18.27 -24.16 0.52
C ARG A 117 17.83 -23.09 -0.45
N ILE A 118 18.03 -21.83 -0.10
CA ILE A 118 17.65 -20.70 -0.99
C ILE A 118 18.48 -20.79 -2.27
N GLU A 119 19.75 -21.07 -2.18
CA GLU A 119 20.61 -21.16 -3.36
C GLU A 119 20.07 -22.26 -4.27
N TYR A 120 19.68 -23.38 -3.69
CA TYR A 120 19.17 -24.54 -4.45
C TYR A 120 17.93 -24.11 -5.22
N ILE A 121 16.98 -23.48 -4.55
CA ILE A 121 15.72 -23.01 -5.18
C ILE A 121 16.08 -22.07 -6.33
N HIS A 122 16.99 -21.14 -6.09
CA HIS A 122 17.41 -20.17 -7.14
C HIS A 122 18.03 -20.93 -8.33
N SER A 123 18.80 -21.99 -8.07
CA SER A 123 19.48 -22.80 -9.10
C SER A 123 18.44 -23.46 -10.00
N LYS A 124 17.21 -23.61 -9.50
CA LYS A 124 16.10 -24.24 -10.25
C LYS A 124 15.21 -23.17 -10.85
N ASN A 125 15.64 -21.91 -10.83
CA ASN A 125 15.04 -20.78 -11.61
C ASN A 125 13.89 -20.13 -10.85
N PHE A 126 13.73 -20.45 -9.57
CA PHE A 126 12.62 -19.94 -8.74
C PHE A 126 13.16 -19.02 -7.66
N ILE A 127 12.35 -18.08 -7.25
CA ILE A 127 12.48 -17.38 -5.95
C ILE A 127 11.32 -17.84 -5.09
N HIS A 128 11.52 -17.85 -3.81
CA HIS A 128 10.55 -18.46 -2.85
C HIS A 128 9.50 -17.42 -2.46
N ARG A 129 9.97 -16.22 -2.11
CA ARG A 129 9.19 -15.01 -1.80
C ARG A 129 8.43 -15.13 -0.46
N ASP A 130 8.60 -16.22 0.29
CA ASP A 130 7.92 -16.33 1.62
C ASP A 130 8.90 -16.91 2.62
N VAL A 131 10.09 -16.32 2.70
CA VAL A 131 11.15 -16.81 3.60
C VAL A 131 10.79 -16.38 5.02
N LYS A 132 10.55 -17.35 5.89
CA LYS A 132 10.16 -17.04 7.27
C LYS A 132 10.30 -18.30 8.10
N PRO A 133 10.39 -18.18 9.43
CA PRO A 133 10.74 -19.32 10.28
C PRO A 133 9.70 -20.44 10.19
N ASP A 134 8.46 -20.10 9.83
CA ASP A 134 7.34 -21.06 9.72
C ASP A 134 7.55 -21.98 8.52
N ASN A 135 8.31 -21.56 7.54
CA ASN A 135 8.45 -22.29 6.27
C ASN A 135 9.76 -23.07 6.22
N PHE A 136 10.49 -23.12 7.31
CA PHE A 136 11.64 -24.04 7.46
C PHE A 136 11.29 -25.07 8.54
N LEU A 137 11.29 -26.33 8.14
CA LEU A 137 10.95 -27.46 9.04
C LEU A 137 12.20 -28.33 9.16
N MET A 138 12.51 -28.79 10.36
CA MET A 138 13.56 -29.82 10.55
C MET A 138 13.00 -31.16 10.06
N GLY A 139 13.84 -32.00 9.50
CA GLY A 139 13.43 -33.37 9.16
C GLY A 139 13.17 -34.19 10.41
N LEU A 140 12.74 -35.42 10.21
CA LEU A 140 12.54 -36.42 11.28
C LEU A 140 13.53 -37.55 11.08
N GLY A 141 13.78 -38.29 12.15
CA GLY A 141 14.58 -39.51 12.14
C GLY A 141 15.98 -39.24 11.65
N LYS A 142 16.40 -39.94 10.59
CA LYS A 142 17.77 -39.83 10.00
C LYS A 142 17.95 -38.43 9.38
N LYS A 143 16.86 -37.74 9.10
CA LYS A 143 16.86 -36.38 8.49
C LYS A 143 16.71 -35.30 9.57
N GLY A 144 16.84 -35.66 10.86
CA GLY A 144 16.56 -34.76 12.00
C GLY A 144 17.55 -33.59 12.09
N ASN A 145 18.69 -33.67 11.40
CA ASN A 145 19.71 -32.58 11.40
C ASN A 145 19.57 -31.68 10.19
N LEU A 146 18.59 -31.95 9.33
CA LEU A 146 18.43 -31.25 8.02
CA LEU A 146 18.44 -31.23 8.03
C LEU A 146 17.29 -30.23 8.13
N VAL A 147 17.56 -29.01 7.72
CA VAL A 147 16.54 -27.94 7.55
C VAL A 147 15.90 -28.13 6.19
N TYR A 148 14.59 -28.26 6.14
CA TYR A 148 13.81 -28.32 4.89
C TYR A 148 13.18 -26.98 4.68
N ILE A 149 12.92 -26.65 3.44
CA ILE A 149 12.07 -25.48 3.10
C ILE A 149 10.76 -26.02 2.51
N ILE A 150 9.66 -25.38 2.85
CA ILE A 150 8.29 -25.73 2.39
C ILE A 150 7.61 -24.46 1.90
N ASP A 151 6.35 -24.62 1.50
CA ASP A 151 5.40 -23.54 1.16
C ASP A 151 5.94 -22.80 -0.07
N PHE A 152 5.70 -23.37 -1.26
CA PHE A 152 6.03 -22.78 -2.58
C PHE A 152 4.79 -22.12 -3.16
N GLY A 153 3.87 -21.70 -2.29
CA GLY A 153 2.61 -21.04 -2.70
C GLY A 153 2.86 -19.67 -3.29
N LEU A 154 3.97 -19.01 -2.98
CA LEU A 154 4.28 -17.67 -3.55
C LEU A 154 5.47 -17.74 -4.49
N ALA A 155 6.01 -18.93 -4.72
CA ALA A 155 7.24 -19.12 -5.52
C ALA A 155 6.93 -18.79 -6.97
N LYS A 156 7.89 -18.23 -7.67
CA LYS A 156 7.73 -17.90 -9.10
C LYS A 156 9.10 -17.93 -9.75
N LYS A 157 9.11 -18.18 -11.04
CA LYS A 157 10.32 -18.13 -11.89
C LYS A 157 10.83 -16.69 -11.88
N TYR A 158 12.11 -16.49 -11.59
CA TYR A 158 12.79 -15.18 -11.75
C TYR A 158 13.57 -15.13 -13.05
N ARG A 159 13.69 -16.27 -13.75
CA ARG A 159 14.40 -16.32 -15.05
C ARG A 159 13.84 -17.47 -15.89
N ASP A 160 13.96 -17.33 -17.20
CA ASP A 160 13.58 -18.36 -18.20
C ASP A 160 14.45 -19.61 -18.00
N ALA A 161 13.85 -20.80 -17.97
CA ALA A 161 14.57 -22.07 -17.71
C ALA A 161 15.49 -22.40 -18.89
N ARG A 162 15.14 -21.95 -20.10
CA ARG A 162 15.95 -22.17 -21.34
C ARG A 162 17.13 -21.19 -21.35
N THR A 163 16.83 -19.89 -21.35
CA THR A 163 17.75 -18.79 -21.72
C THR A 163 18.40 -18.19 -20.47
N HIS A 164 17.85 -18.46 -19.27
CA HIS A 164 18.25 -17.77 -18.01
C HIS A 164 18.08 -16.26 -18.16
N GLN A 165 17.18 -15.80 -19.05
CA GLN A 165 16.74 -14.38 -19.14
C GLN A 165 15.96 -14.00 -17.87
N HIS A 166 16.44 -13.01 -17.13
CA HIS A 166 15.87 -12.53 -15.86
C HIS A 166 14.52 -11.87 -16.13
N ILE A 167 13.55 -12.02 -15.24
CA ILE A 167 12.25 -11.28 -15.30
C ILE A 167 12.54 -9.79 -15.27
N PRO A 168 11.69 -8.98 -15.92
CA PRO A 168 11.94 -7.55 -16.01
C PRO A 168 11.73 -6.89 -14.64
N TYR A 169 12.44 -5.80 -14.42
CA TYR A 169 12.22 -4.85 -13.29
C TYR A 169 10.79 -4.31 -13.40
N ARG A 170 10.05 -4.35 -12.31
CA ARG A 170 8.70 -3.71 -12.20
C ARG A 170 8.62 -3.02 -10.86
N GLU A 171 7.81 -1.96 -10.78
CA GLU A 171 7.50 -1.18 -9.57
C GLU A 171 5.98 -1.22 -9.36
N ASN A 172 5.48 -0.49 -8.37
CA ASN A 172 4.05 -0.27 -8.11
C ASN A 172 3.38 -1.58 -7.71
N LYS A 173 4.12 -2.57 -7.20
CA LYS A 173 3.51 -3.84 -6.75
C LYS A 173 2.89 -3.63 -5.37
N ASN A 174 1.82 -4.36 -5.08
CA ASN A 174 1.34 -4.57 -3.69
C ASN A 174 2.20 -5.66 -3.05
N LEU A 175 2.33 -5.60 -1.74
CA LEU A 175 3.23 -6.49 -0.99
C LEU A 175 2.78 -7.93 -1.23
N THR A 176 3.73 -8.78 -1.62
CA THR A 176 3.56 -10.26 -1.64
C THR A 176 4.54 -10.87 -0.65
N GLY A 177 4.09 -11.84 0.14
CA GLY A 177 4.90 -12.46 1.18
C GLY A 177 4.44 -12.08 2.56
N THR A 178 5.34 -12.13 3.52
CA THR A 178 5.07 -11.88 4.96
C THR A 178 5.71 -10.55 5.32
N ALA A 179 4.93 -9.61 5.80
CA ALA A 179 5.35 -8.23 6.08
C ALA A 179 6.55 -8.21 7.06
N ARG A 180 6.54 -9.06 8.09
CA ARG A 180 7.57 -9.00 9.15
C ARG A 180 8.95 -9.20 8.52
N TYR A 181 9.08 -10.09 7.54
CA TYR A 181 10.39 -10.50 6.99
C TYR A 181 10.62 -9.97 5.59
N ALA A 182 9.65 -9.27 5.00
CA ALA A 182 9.76 -8.78 3.61
C ALA A 182 10.98 -7.86 3.49
N SER A 183 11.62 -7.90 2.32
CA SER A 183 12.71 -6.98 1.97
C SER A 183 12.20 -5.55 1.87
N ILE A 184 13.06 -4.58 2.06
CA ILE A 184 12.73 -3.15 1.84
C ILE A 184 12.25 -2.97 0.39
N ASN A 185 12.91 -3.57 -0.59
CA ASN A 185 12.50 -3.47 -2.03
C ASN A 185 11.03 -3.93 -2.16
N THR A 186 10.65 -5.05 -1.54
CA THR A 186 9.27 -5.57 -1.55
C THR A 186 8.31 -4.49 -1.00
N HIS A 187 8.64 -3.88 0.14
CA HIS A 187 7.79 -2.85 0.76
C HIS A 187 7.63 -1.66 -0.18
N LEU A 188 8.65 -1.35 -0.96
CA LEU A 188 8.62 -0.20 -1.93
C LEU A 188 7.83 -0.56 -3.19
N GLY A 189 7.39 -1.82 -3.31
CA GLY A 189 6.57 -2.29 -4.43
C GLY A 189 7.42 -2.71 -5.63
N ILE A 190 8.70 -3.01 -5.43
CA ILE A 190 9.62 -3.47 -6.50
C ILE A 190 9.48 -4.98 -6.65
N GLU A 191 9.54 -5.46 -7.88
CA GLU A 191 9.54 -6.92 -8.22
C GLU A 191 10.59 -7.63 -7.36
N GLN A 192 10.23 -8.78 -6.77
CA GLN A 192 11.17 -9.65 -6.01
CA GLN A 192 11.18 -9.63 -6.01
C GLN A 192 12.15 -10.32 -6.97
N SER A 193 13.36 -10.54 -6.51
CA SER A 193 14.40 -11.33 -7.20
C SER A 193 15.20 -12.08 -6.15
N ARG A 194 16.31 -12.68 -6.54
CA ARG A 194 17.10 -13.57 -5.65
C ARG A 194 17.50 -12.81 -4.37
N ARG A 195 17.90 -11.56 -4.50
CA ARG A 195 18.39 -10.75 -3.36
C ARG A 195 17.34 -10.70 -2.25
N ASP A 196 16.04 -10.69 -2.57
CA ASP A 196 14.96 -10.45 -1.60
C ASP A 196 14.79 -11.66 -0.68
N ASP A 197 14.89 -12.87 -1.22
CA ASP A 197 14.86 -14.10 -0.41
C ASP A 197 16.04 -14.04 0.58
N LEU A 198 17.22 -13.59 0.15
CA LEU A 198 18.40 -13.55 1.03
C LEU A 198 18.26 -12.42 2.08
N GLU A 199 17.77 -11.26 1.69
CA GLU A 199 17.56 -10.17 2.66
C GLU A 199 16.56 -10.66 3.75
N SER A 200 15.48 -11.31 3.34
CA SER A 200 14.47 -11.87 4.25
C SER A 200 15.14 -12.83 5.22
N LEU A 201 16.02 -13.69 4.74
CA LEU A 201 16.72 -14.65 5.61
C LEU A 201 17.55 -13.88 6.63
N GLY A 202 18.13 -12.78 6.24
CA GLY A 202 18.91 -11.93 7.16
C GLY A 202 18.03 -11.40 8.27
N TYR A 203 16.77 -11.04 7.98
CA TYR A 203 15.84 -10.59 9.03
C TYR A 203 15.47 -11.78 9.91
N VAL A 204 15.31 -12.96 9.30
CA VAL A 204 14.97 -14.18 10.08
C VAL A 204 16.11 -14.45 11.07
N LEU A 205 17.35 -14.35 10.63
CA LEU A 205 18.51 -14.64 11.49
C LEU A 205 18.57 -13.62 12.64
N MET A 206 18.33 -12.33 12.38
CA MET A 206 18.34 -11.32 13.46
C MET A 206 17.11 -11.50 14.37
N TYR A 207 15.99 -11.96 13.83
CA TYR A 207 14.78 -12.36 14.60
C TYR A 207 15.18 -13.42 15.64
N PHE A 208 15.88 -14.46 15.21
CA PHE A 208 16.33 -15.57 16.09
C PHE A 208 17.30 -15.04 17.16
N ASN A 209 18.16 -14.08 16.77
CA ASN A 209 19.12 -13.46 17.70
C ASN A 209 18.39 -12.60 18.75
N LEU A 210 17.39 -11.81 18.36
CA LEU A 210 16.78 -10.76 19.21
C LEU A 210 15.56 -11.31 19.97
N GLY A 211 14.86 -12.27 19.41
CA GLY A 211 13.54 -12.73 19.92
C GLY A 211 12.39 -12.04 19.24
N SER A 212 12.67 -10.90 18.58
CA SER A 212 11.66 -10.13 17.83
C SER A 212 12.40 -9.07 17.01
N LEU A 213 11.74 -8.50 16.05
CA LEU A 213 12.32 -7.44 15.21
C LEU A 213 11.68 -6.13 15.63
N PRO A 214 12.39 -4.99 15.44
CA PRO A 214 11.93 -3.71 15.93
C PRO A 214 10.66 -3.20 15.25
N TRP A 215 10.23 -3.83 14.17
CA TRP A 215 9.01 -3.40 13.40
C TRP A 215 7.84 -4.34 13.68
N GLN A 216 7.96 -5.17 14.72
CA GLN A 216 6.81 -5.97 15.25
C GLN A 216 5.88 -5.06 16.08
N GLY A 217 4.58 -5.34 16.08
CA GLY A 217 3.59 -4.72 16.97
C GLY A 217 3.30 -3.28 16.62
N LEU A 218 3.42 -2.91 15.35
CA LEU A 218 3.11 -1.53 14.91
C LEU A 218 1.59 -1.42 14.67
N LYS A 219 0.94 -0.54 15.42
CA LYS A 219 -0.53 -0.33 15.41
C LYS A 219 -0.92 0.31 14.08
N ALA A 220 -1.98 -0.17 13.44
CA ALA A 220 -2.58 0.43 12.21
C ALA A 220 -4.06 0.03 12.08
N ALA A 221 -4.85 0.88 11.42
CA ALA A 221 -6.30 0.69 11.18
C ALA A 221 -6.52 -0.45 10.18
N THR A 222 -5.63 -0.59 9.18
CA THR A 222 -5.75 -1.57 8.08
C THR A 222 -4.43 -2.32 7.88
N LYS A 223 -4.51 -3.48 7.23
CA LYS A 223 -3.35 -4.30 6.80
C LYS A 223 -2.39 -3.43 5.95
N ARG A 224 -2.92 -2.71 4.95
CA ARG A 224 -2.07 -1.93 4.01
C ARG A 224 -1.31 -0.86 4.79
N GLN A 225 -1.96 -0.25 5.78
CA GLN A 225 -1.35 0.82 6.62
C GLN A 225 -0.26 0.18 7.49
N LYS A 226 -0.54 -1.01 8.02
CA LYS A 226 0.44 -1.79 8.80
C LYS A 226 1.68 -2.10 7.95
N TYR A 227 1.51 -2.56 6.72
CA TYR A 227 2.65 -2.84 5.80
C TYR A 227 3.49 -1.56 5.66
N GLU A 228 2.83 -0.42 5.54
CA GLU A 228 3.52 0.87 5.32
C GLU A 228 4.26 1.31 6.59
N ARG A 229 3.68 1.10 7.77
CA ARG A 229 4.39 1.38 9.04
C ARG A 229 5.61 0.46 9.17
N ILE A 230 5.48 -0.79 8.78
CA ILE A 230 6.63 -1.75 8.83
C ILE A 230 7.71 -1.28 7.85
N SER A 231 7.31 -0.93 6.63
CA SER A 231 8.19 -0.34 5.58
C SER A 231 8.98 0.82 6.18
N GLU A 232 8.28 1.77 6.79
CA GLU A 232 8.92 3.01 7.30
C GLU A 232 9.90 2.65 8.42
N LYS A 233 9.53 1.73 9.32
CA LYS A 233 10.40 1.34 10.45
C LYS A 233 11.66 0.63 9.91
N LYS A 234 11.51 -0.29 8.97
CA LYS A 234 12.65 -0.99 8.35
C LYS A 234 13.57 0.02 7.68
N MET A 235 13.03 0.95 6.92
CA MET A 235 13.87 1.90 6.16
C MET A 235 14.53 2.91 7.10
N SER A 236 14.02 3.10 8.31
CA SER A 236 14.56 4.10 9.26
C SER A 236 15.43 3.42 10.33
N THR A 237 15.53 2.09 10.33
CA THR A 237 16.38 1.34 11.27
C THR A 237 17.69 0.99 10.56
N PRO A 238 18.78 1.68 10.86
CA PRO A 238 20.07 1.31 10.29
C PRO A 238 20.42 -0.13 10.62
N ILE A 239 21.06 -0.81 9.69
CA ILE A 239 21.50 -2.22 9.90
C ILE A 239 22.38 -2.29 11.16
N GLU A 240 23.21 -1.30 11.41
CA GLU A 240 24.16 -1.34 12.56
C GLU A 240 23.38 -1.21 13.88
N VAL A 241 22.21 -0.57 13.84
CA VAL A 241 21.29 -0.46 15.03
C VAL A 241 20.51 -1.79 15.19
N LEU A 242 19.97 -2.32 14.11
CA LEU A 242 19.28 -3.64 14.12
C LEU A 242 20.21 -4.71 14.72
N CYS A 243 21.48 -4.70 14.35
CA CYS A 243 22.45 -5.78 14.61
C CYS A 243 23.36 -5.45 15.81
N LYS A 244 23.07 -4.37 16.55
CA LYS A 244 23.93 -3.92 17.68
C LYS A 244 24.00 -5.04 18.74
N GLY A 245 25.20 -5.35 19.21
CA GLY A 245 25.44 -6.33 20.28
C GLY A 245 25.54 -7.76 19.74
N TYR A 246 25.46 -7.94 18.42
CA TYR A 246 25.60 -9.24 17.75
C TYR A 246 26.82 -9.20 16.85
N PRO A 247 27.39 -10.36 16.49
CA PRO A 247 28.55 -10.37 15.61
C PRO A 247 28.28 -9.57 14.33
N SER A 248 29.30 -8.81 13.92
CA SER A 248 29.27 -7.91 12.73
C SER A 248 28.80 -8.66 11.47
N GLU A 249 28.97 -9.97 11.41
CA GLU A 249 28.65 -10.79 10.22
C GLU A 249 27.17 -10.62 9.86
N PHE A 250 26.28 -10.50 10.85
CA PHE A 250 24.84 -10.35 10.57
C PHE A 250 24.59 -9.03 9.84
N ALA A 251 25.31 -7.99 10.23
CA ALA A 251 25.24 -6.66 9.59
C ALA A 251 25.89 -6.75 8.18
N THR A 252 27.03 -7.38 8.06
CA THR A 252 27.75 -7.51 6.76
C THR A 252 26.84 -8.25 5.77
N TYR A 253 26.18 -9.30 6.22
CA TYR A 253 25.24 -10.09 5.45
C TYR A 253 24.11 -9.19 4.93
N LEU A 254 23.47 -8.42 5.81
CA LEU A 254 22.31 -7.60 5.41
C LEU A 254 22.78 -6.49 4.46
N ASN A 255 23.93 -5.88 4.72
CA ASN A 255 24.50 -4.83 3.85
C ASN A 255 24.77 -5.39 2.46
N PHE A 256 25.34 -6.59 2.38
CA PHE A 256 25.61 -7.30 1.12
C PHE A 256 24.30 -7.48 0.35
N CYS A 257 23.28 -8.06 0.96
CA CYS A 257 21.98 -8.33 0.29
C CYS A 257 21.36 -7.00 -0.17
N ARG A 258 21.43 -5.94 0.63
CA ARG A 258 20.81 -4.63 0.31
C ARG A 258 21.57 -3.96 -0.84
N SER A 259 22.81 -4.34 -1.06
CA SER A 259 23.66 -3.78 -2.15
C SER A 259 23.42 -4.51 -3.48
N LEU A 260 22.83 -5.71 -3.48
CA LEU A 260 22.66 -6.52 -4.70
C LEU A 260 21.77 -5.76 -5.70
N ARG A 261 22.15 -5.77 -6.94
CA ARG A 261 21.30 -5.26 -8.05
C ARG A 261 20.17 -6.27 -8.28
N PHE A 262 19.12 -5.80 -8.89
CA PHE A 262 17.89 -6.55 -9.12
C PHE A 262 18.22 -7.90 -9.76
N ASP A 263 19.05 -7.92 -10.80
CA ASP A 263 19.30 -9.19 -11.54
C ASP A 263 20.62 -9.84 -11.12
N ASP A 264 21.29 -9.34 -10.08
CA ASP A 264 22.60 -9.90 -9.64
C ASP A 264 22.40 -11.33 -9.14
N LYS A 265 23.33 -12.21 -9.47
CA LYS A 265 23.52 -13.50 -8.79
C LYS A 265 24.18 -13.26 -7.45
N PRO A 266 23.52 -13.58 -6.33
CA PRO A 266 24.16 -13.47 -5.03
C PRO A 266 25.41 -14.34 -4.94
N ASP A 267 26.42 -13.88 -4.24
CA ASP A 267 27.59 -14.72 -3.88
C ASP A 267 27.21 -15.54 -2.64
N TYR A 268 26.49 -16.64 -2.85
CA TYR A 268 26.02 -17.53 -1.75
C TYR A 268 27.22 -18.05 -0.96
N SER A 269 28.31 -18.38 -1.65
CA SER A 269 29.54 -18.95 -1.02
C SER A 269 30.13 -17.95 -0.05
N TYR A 270 30.20 -16.69 -0.46
CA TYR A 270 30.70 -15.58 0.38
C TYR A 270 29.84 -15.50 1.65
N LEU A 271 28.54 -15.52 1.49
CA LEU A 271 27.59 -15.37 2.62
C LEU A 271 27.72 -16.56 3.57
N ARG A 272 27.81 -17.77 3.06
CA ARG A 272 28.02 -18.96 3.92
C ARG A 272 29.40 -18.84 4.62
N GLN A 273 30.42 -18.41 3.90
CA GLN A 273 31.81 -18.36 4.45
C GLN A 273 31.88 -17.31 5.56
N LEU A 274 31.14 -16.22 5.43
CA LEU A 274 31.01 -15.15 6.45
C LEU A 274 30.62 -15.81 7.79
N PHE A 275 29.59 -16.64 7.77
CA PHE A 275 29.07 -17.25 8.99
C PHE A 275 29.98 -18.40 9.44
N ARG A 276 30.55 -19.14 8.50
CA ARG A 276 31.48 -20.26 8.77
C ARG A 276 32.73 -19.72 9.48
N ASN A 277 33.29 -18.63 9.03
CA ASN A 277 34.48 -17.99 9.63
C ASN A 277 34.13 -17.57 11.07
N LEU A 278 32.95 -16.98 11.28
CA LEU A 278 32.47 -16.62 12.66
C LEU A 278 32.34 -17.88 13.49
N PHE A 279 31.67 -18.88 12.93
CA PHE A 279 31.45 -20.19 13.58
C PHE A 279 32.79 -20.74 14.09
N HIS A 280 33.80 -20.72 13.23
CA HIS A 280 35.16 -21.22 13.54
C HIS A 280 35.83 -20.35 14.60
N ARG A 281 35.72 -19.02 14.50
CA ARG A 281 36.33 -18.10 15.50
C ARG A 281 35.72 -18.38 16.89
N GLN A 282 34.48 -18.84 16.93
CA GLN A 282 33.78 -19.14 18.22
C GLN A 282 34.19 -20.51 18.74
N GLY A 283 34.88 -21.31 17.93
CA GLY A 283 35.28 -22.67 18.28
C GLY A 283 34.13 -23.65 18.27
N PHE A 284 33.05 -23.36 17.54
CA PHE A 284 31.90 -24.30 17.42
C PHE A 284 32.28 -25.45 16.45
N SER A 285 31.65 -26.61 16.63
CA SER A 285 31.69 -27.75 15.67
C SER A 285 30.37 -27.89 14.92
N TYR A 286 30.45 -28.21 13.62
CA TYR A 286 29.28 -28.53 12.76
C TYR A 286 28.86 -29.97 13.07
N ASP A 287 28.35 -30.19 14.29
CA ASP A 287 27.95 -31.51 14.83
C ASP A 287 26.41 -31.61 14.86
N TYR A 288 25.72 -30.59 14.36
CA TYR A 288 24.25 -30.54 14.28
C TYR A 288 23.61 -30.72 15.65
N VAL A 289 24.29 -30.34 16.70
CA VAL A 289 23.67 -30.29 18.04
C VAL A 289 23.03 -28.91 18.22
N PHE A 290 21.74 -28.83 17.93
CA PHE A 290 20.96 -27.59 18.02
C PHE A 290 20.49 -27.41 19.48
N ASP A 291 20.08 -26.19 19.84
CA ASP A 291 19.57 -25.91 21.20
C ASP A 291 18.49 -26.91 21.59
N TRP A 292 17.56 -27.20 20.69
CA TRP A 292 16.39 -28.08 21.01
C TRP A 292 16.85 -29.51 21.26
N ASN A 293 18.00 -29.92 20.75
CA ASN A 293 18.53 -31.29 21.02
C ASN A 293 18.93 -31.45 22.48
N MET A 294 19.02 -30.35 23.24
CA MET A 294 19.48 -30.36 24.66
C MET A 294 18.26 -30.35 25.61
N LEU A 295 17.05 -30.23 25.09
CA LEU A 295 15.81 -30.15 25.93
C LEU A 295 15.61 -31.52 26.61
N LYS A 296 15.58 -31.54 27.95
CA LYS A 296 15.55 -32.77 28.78
C LYS A 296 14.10 -33.26 28.89
N GLU B 4 10.34 23.42 -36.71
CA GLU B 4 10.00 23.43 -38.18
C GLU B 4 10.60 22.18 -38.85
N LEU B 5 10.26 20.99 -38.35
CA LEU B 5 10.74 19.69 -38.91
C LEU B 5 9.64 19.09 -39.78
N ARG B 6 10.00 18.41 -40.87
CA ARG B 6 9.09 17.66 -41.76
C ARG B 6 8.83 16.30 -41.14
N VAL B 7 7.60 15.82 -41.22
CA VAL B 7 7.16 14.54 -40.60
C VAL B 7 6.21 13.87 -41.58
N GLY B 8 6.43 12.60 -41.90
CA GLY B 8 5.75 11.99 -43.05
C GLY B 8 6.09 12.79 -44.30
N ASN B 9 5.14 12.95 -45.21
CA ASN B 9 5.38 13.74 -46.44
C ASN B 9 4.92 15.19 -46.23
N ARG B 10 3.94 15.41 -45.37
CA ARG B 10 3.02 16.58 -45.47
C ARG B 10 2.78 17.24 -44.10
N TYR B 11 3.48 16.80 -43.04
CA TYR B 11 3.26 17.35 -41.67
C TYR B 11 4.47 18.16 -41.25
N ARG B 12 4.20 19.32 -40.73
CA ARG B 12 5.21 20.24 -40.18
C ARG B 12 5.03 20.27 -38.68
N LEU B 13 6.12 20.06 -37.94
CA LEU B 13 6.15 20.05 -36.47
C LEU B 13 6.28 21.47 -35.96
N GLY B 14 5.45 21.84 -34.99
CA GLY B 14 5.56 23.10 -34.22
C GLY B 14 5.91 22.82 -32.77
N ARG B 15 5.45 23.66 -31.87
CA ARG B 15 5.87 23.70 -30.46
C ARG B 15 5.15 22.61 -29.67
N LYS B 16 5.77 22.13 -28.60
CA LYS B 16 5.19 21.17 -27.65
C LYS B 16 3.90 21.76 -27.08
N ILE B 17 2.85 20.96 -26.98
CA ILE B 17 1.58 21.38 -26.34
C ILE B 17 1.28 20.47 -25.15
N GLY B 18 2.00 19.37 -24.96
CA GLY B 18 1.72 18.44 -23.85
C GLY B 18 2.74 17.32 -23.75
N SER B 19 2.82 16.70 -22.59
CA SER B 19 3.63 15.49 -22.31
C SER B 19 2.81 14.56 -21.42
N GLY B 20 2.77 13.28 -21.75
CA GLY B 20 2.09 12.28 -20.91
C GLY B 20 3.10 11.33 -20.32
N SER B 21 2.73 10.05 -20.18
CA SER B 21 3.59 8.99 -19.57
C SER B 21 4.81 8.75 -20.46
N PHE B 22 4.69 8.88 -21.80
CA PHE B 22 5.85 8.77 -22.72
C PHE B 22 5.69 9.73 -23.90
N GLY B 23 6.82 10.10 -24.51
CA GLY B 23 6.88 10.96 -25.68
C GLY B 23 6.32 12.33 -25.35
N ASP B 24 6.10 13.14 -26.38
CA ASP B 24 5.53 14.50 -26.23
C ASP B 24 4.58 14.74 -27.39
N ILE B 25 3.67 15.66 -27.18
CA ILE B 25 2.62 16.05 -28.13
C ILE B 25 2.97 17.46 -28.63
N TYR B 26 3.01 17.64 -29.93
CA TYR B 26 3.41 18.92 -30.59
C TYR B 26 2.25 19.42 -31.43
N LEU B 27 2.07 20.73 -31.49
CA LEU B 27 1.26 21.36 -32.54
C LEU B 27 1.93 20.98 -33.85
N GLY B 28 1.13 20.71 -34.85
CA GLY B 28 1.60 20.44 -36.20
C GLY B 28 0.68 21.04 -37.20
N THR B 29 1.12 21.11 -38.45
CA THR B 29 0.27 21.47 -39.58
C THR B 29 0.32 20.34 -40.60
N ASP B 30 -0.84 19.95 -41.06
CA ASP B 30 -1.02 19.19 -42.29
C ASP B 30 -0.91 20.20 -43.46
N ILE B 31 0.28 20.28 -44.02
CA ILE B 31 0.66 21.26 -45.10
C ILE B 31 -0.25 21.04 -46.31
N ALA B 32 -0.56 19.80 -46.64
CA ALA B 32 -1.32 19.47 -47.86
C ALA B 32 -2.77 19.94 -47.70
N ALA B 33 -3.34 19.79 -46.50
CA ALA B 33 -4.77 20.05 -46.22
C ALA B 33 -4.98 21.45 -45.66
N GLY B 34 -3.95 22.09 -45.12
CA GLY B 34 -4.08 23.40 -44.44
C GLY B 34 -4.84 23.28 -43.14
N GLU B 35 -4.47 22.34 -42.30
CA GLU B 35 -5.21 21.99 -41.05
C GLU B 35 -4.18 21.79 -39.94
N GLU B 36 -4.44 22.32 -38.78
CA GLU B 36 -3.62 22.08 -37.58
C GLU B 36 -3.92 20.66 -37.08
N VAL B 37 -2.91 19.99 -36.57
CA VAL B 37 -2.94 18.60 -36.06
C VAL B 37 -2.14 18.57 -34.78
N ALA B 38 -2.24 17.49 -34.03
CA ALA B 38 -1.35 17.15 -32.92
C ALA B 38 -0.43 16.02 -33.39
N ILE B 39 0.83 16.13 -33.06
CA ILE B 39 1.86 15.14 -33.47
C ILE B 39 2.48 14.59 -32.21
N LYS B 40 2.31 13.30 -31.98
CA LYS B 40 3.03 12.62 -30.88
C LYS B 40 4.34 12.08 -31.42
N LEU B 41 5.43 12.37 -30.72
CA LEU B 41 6.76 11.82 -31.01
C LEU B 41 7.20 10.92 -29.87
N GLU B 42 7.86 9.83 -30.21
CA GLU B 42 8.53 8.91 -29.27
C GLU B 42 9.92 8.60 -29.85
N CYS B 43 10.96 8.86 -29.09
CA CYS B 43 12.35 8.56 -29.47
C CYS B 43 12.44 7.09 -29.86
N VAL B 44 12.91 6.81 -31.07
CA VAL B 44 13.01 5.44 -31.65
C VAL B 44 13.91 4.57 -30.75
N LYS B 45 14.87 5.19 -30.04
CA LYS B 45 15.92 4.48 -29.26
C LYS B 45 15.41 4.06 -27.88
N THR B 46 14.16 4.39 -27.53
CA THR B 46 13.54 3.94 -26.26
C THR B 46 13.68 2.42 -26.13
N LYS B 47 13.95 1.92 -24.92
CA LYS B 47 14.04 0.47 -24.61
C LYS B 47 12.66 -0.18 -24.78
N HIS B 48 11.59 0.55 -24.43
CA HIS B 48 10.18 0.06 -24.36
C HIS B 48 9.29 0.86 -25.31
N PRO B 49 9.31 0.58 -26.63
CA PRO B 49 8.50 1.33 -27.58
C PRO B 49 7.00 1.08 -27.31
N GLN B 50 6.23 2.17 -27.29
CA GLN B 50 4.79 2.18 -26.89
C GLN B 50 3.94 2.90 -27.94
N LEU B 51 4.54 3.74 -28.78
CA LEU B 51 3.72 4.60 -29.67
C LEU B 51 2.96 3.74 -30.66
N HIS B 52 3.61 2.73 -31.25
CA HIS B 52 2.97 1.83 -32.25
C HIS B 52 1.78 1.11 -31.60
N ILE B 53 1.91 0.72 -30.35
CA ILE B 53 0.84 0.02 -29.59
C ILE B 53 -0.33 1.01 -29.40
N GLU B 54 -0.02 2.22 -28.93
CA GLU B 54 -1.04 3.30 -28.78
C GLU B 54 -1.77 3.53 -30.11
N SER B 55 -1.03 3.61 -31.24
CA SER B 55 -1.63 3.90 -32.58
C SER B 55 -2.59 2.76 -32.95
N LYS B 56 -2.24 1.51 -32.60
CA LYS B 56 -3.11 0.32 -32.81
C LYS B 56 -4.45 0.50 -32.06
N ILE B 57 -4.38 0.90 -30.80
CA ILE B 57 -5.60 1.08 -29.96
C ILE B 57 -6.46 2.21 -30.54
N TYR B 58 -5.86 3.34 -30.90
CA TYR B 58 -6.61 4.46 -31.50
C TYR B 58 -7.25 4.00 -32.81
N LYS B 59 -6.51 3.25 -33.62
CA LYS B 59 -7.02 2.74 -34.92
C LYS B 59 -8.25 1.86 -34.69
N MET B 60 -8.18 1.00 -33.69
CA MET B 60 -9.28 0.13 -33.27
C MET B 60 -10.51 0.95 -32.84
N MET B 61 -10.32 2.17 -32.31
CA MET B 61 -11.40 3.04 -31.77
C MET B 61 -11.98 3.96 -32.86
N GLN B 62 -11.38 4.00 -34.04
CA GLN B 62 -11.75 5.00 -35.08
C GLN B 62 -13.23 4.80 -35.44
N GLY B 63 -13.91 5.88 -35.78
CA GLY B 63 -15.34 5.88 -36.13
C GLY B 63 -16.20 6.36 -34.98
N GLY B 64 -15.73 6.14 -33.76
CA GLY B 64 -16.36 6.64 -32.53
C GLY B 64 -16.42 8.16 -32.51
N VAL B 65 -17.56 8.71 -32.16
CA VAL B 65 -17.68 10.14 -31.79
C VAL B 65 -16.74 10.38 -30.59
N GLY B 66 -15.98 11.46 -30.63
CA GLY B 66 -15.11 11.90 -29.55
C GLY B 66 -13.96 10.96 -29.34
N ILE B 67 -13.59 10.21 -30.36
CA ILE B 67 -12.27 9.54 -30.46
C ILE B 67 -11.44 10.35 -31.44
N PRO B 68 -10.26 10.87 -31.06
CA PRO B 68 -9.48 11.64 -32.02
C PRO B 68 -9.11 10.76 -33.23
N THR B 69 -9.14 11.35 -34.41
CA THR B 69 -8.75 10.71 -35.68
C THR B 69 -7.22 10.54 -35.67
N ILE B 70 -6.74 9.39 -36.05
CA ILE B 70 -5.31 9.16 -36.36
C ILE B 70 -5.14 9.40 -37.87
N ARG B 71 -4.30 10.35 -38.23
CA ARG B 71 -4.14 10.80 -39.63
C ARG B 71 -2.95 10.07 -40.27
N TRP B 72 -1.94 9.72 -39.49
CA TRP B 72 -0.73 9.07 -40.00
C TRP B 72 0.08 8.47 -38.85
N CYS B 73 0.69 7.31 -39.08
CA CYS B 73 1.69 6.70 -38.18
C CYS B 73 2.90 6.30 -39.00
N GLY B 74 4.10 6.41 -38.43
CA GLY B 74 5.36 6.08 -39.10
C GLY B 74 6.56 6.36 -38.21
N ALA B 75 7.75 6.30 -38.78
CA ALA B 75 9.03 6.55 -38.08
C ALA B 75 9.93 7.40 -38.98
N GLU B 76 10.37 8.54 -38.47
CA GLU B 76 11.13 9.58 -39.21
C GLU B 76 12.32 9.99 -38.34
N GLY B 77 13.53 9.88 -38.86
CA GLY B 77 14.78 10.17 -38.14
C GLY B 77 14.79 9.51 -36.77
N ASP B 78 14.90 10.30 -35.71
CA ASP B 78 15.11 9.82 -34.34
C ASP B 78 13.76 9.41 -33.69
N TYR B 79 12.63 9.49 -34.41
CA TYR B 79 11.28 9.46 -33.78
C TYR B 79 10.32 8.49 -34.47
N ASN B 80 9.55 7.79 -33.66
CA ASN B 80 8.24 7.24 -34.03
C ASN B 80 7.23 8.39 -33.99
N VAL B 81 6.28 8.38 -34.91
CA VAL B 81 5.37 9.54 -35.15
C VAL B 81 3.94 9.04 -35.22
N MET B 82 3.06 9.68 -34.48
CA MET B 82 1.61 9.51 -34.62
C MET B 82 0.96 10.90 -34.75
N VAL B 83 0.36 11.15 -35.90
CA VAL B 83 -0.34 12.41 -36.18
C VAL B 83 -1.82 12.18 -35.88
N MET B 84 -2.40 13.08 -35.10
CA MET B 84 -3.81 12.98 -34.68
C MET B 84 -4.51 14.32 -34.81
N GLU B 85 -5.82 14.27 -34.87
CA GLU B 85 -6.73 15.40 -34.76
C GLU B 85 -6.24 16.27 -33.59
N LEU B 86 -6.17 17.58 -33.81
CA LEU B 86 -5.87 18.55 -32.75
C LEU B 86 -7.12 18.75 -31.88
N LEU B 87 -6.97 18.59 -30.58
CA LEU B 87 -8.09 18.79 -29.66
C LEU B 87 -7.85 20.05 -28.83
N GLY B 88 -8.88 20.49 -28.14
CA GLY B 88 -8.85 21.69 -27.30
C GLY B 88 -8.48 21.38 -25.87
N PRO B 89 -8.84 22.28 -24.95
CA PRO B 89 -8.42 22.16 -23.55
C PRO B 89 -9.11 20.98 -22.87
N SER B 90 -8.45 20.43 -21.85
CA SER B 90 -9.01 19.35 -21.00
C SER B 90 -10.15 19.90 -20.15
N LEU B 91 -10.95 19.02 -19.59
CA LEU B 91 -11.97 19.43 -18.63
C LEU B 91 -11.31 19.99 -17.36
N GLU B 92 -10.11 19.55 -16.99
CA GLU B 92 -9.41 20.11 -15.82
C GLU B 92 -9.00 21.56 -16.14
N ASP B 93 -8.47 21.79 -17.33
CA ASP B 93 -8.10 23.15 -17.78
C ASP B 93 -9.34 24.07 -17.72
N LEU B 94 -10.46 23.62 -18.26
CA LEU B 94 -11.68 24.45 -18.36
C LEU B 94 -12.24 24.68 -16.95
N PHE B 95 -12.12 23.68 -16.08
CA PHE B 95 -12.56 23.76 -14.68
C PHE B 95 -11.82 24.91 -14.00
N ASN B 96 -10.50 24.96 -14.19
CA ASN B 96 -9.63 26.03 -13.65
C ASN B 96 -10.05 27.37 -14.22
N PHE B 97 -10.36 27.42 -15.51
CA PHE B 97 -10.81 28.65 -16.21
C PHE B 97 -12.15 29.13 -15.63
N CYS B 98 -12.98 28.20 -15.17
CA CYS B 98 -14.31 28.52 -14.60
C CYS B 98 -14.23 28.63 -13.06
N SER B 99 -13.05 28.91 -12.51
CA SER B 99 -12.83 29.11 -11.04
C SER B 99 -13.24 27.84 -10.29
N ARG B 100 -13.02 26.67 -10.88
CA ARG B 100 -13.19 25.34 -10.26
C ARG B 100 -14.61 25.20 -9.72
N LYS B 101 -15.58 25.79 -10.43
CA LYS B 101 -17.04 25.58 -10.22
C LYS B 101 -17.68 25.37 -11.59
N PHE B 102 -18.36 24.24 -11.80
CA PHE B 102 -19.23 24.04 -12.98
C PHE B 102 -20.68 24.13 -12.54
N SER B 103 -21.51 24.80 -13.34
CA SER B 103 -22.98 24.81 -13.17
C SER B 103 -23.50 23.37 -13.28
N LEU B 104 -24.65 23.08 -12.69
CA LEU B 104 -25.29 21.77 -12.84
C LEU B 104 -25.48 21.45 -14.32
N LYS B 105 -25.90 22.42 -15.13
CA LYS B 105 -26.14 22.20 -16.57
C LYS B 105 -24.86 21.68 -17.25
N THR B 106 -23.74 22.34 -17.05
CA THR B 106 -22.44 21.93 -17.62
C THR B 106 -22.11 20.50 -17.13
N VAL B 107 -22.27 20.22 -15.85
CA VAL B 107 -21.94 18.86 -15.32
C VAL B 107 -22.82 17.83 -16.05
N LEU B 108 -24.09 18.13 -16.29
CA LEU B 108 -25.00 17.17 -16.94
C LEU B 108 -24.72 17.08 -18.43
N LEU B 109 -24.38 18.20 -19.09
CA LEU B 109 -23.96 18.14 -20.51
C LEU B 109 -22.74 17.20 -20.64
N LEU B 110 -21.78 17.35 -19.73
CA LEU B 110 -20.55 16.54 -19.76
C LEU B 110 -20.90 15.09 -19.42
N ALA B 111 -21.70 14.85 -18.39
CA ALA B 111 -22.03 13.46 -17.96
C ALA B 111 -22.59 12.69 -19.15
N ASP B 112 -23.47 13.31 -19.93
CA ASP B 112 -24.14 12.62 -21.04
C ASP B 112 -23.07 12.10 -22.02
N GLN B 113 -22.13 12.97 -22.38
CA GLN B 113 -21.13 12.60 -23.41
C GLN B 113 -20.11 11.63 -22.80
N MET B 114 -19.71 11.84 -21.57
CA MET B 114 -18.65 11.03 -20.95
C MET B 114 -19.13 9.59 -20.78
N ILE B 115 -20.39 9.38 -20.37
CA ILE B 115 -20.96 8.01 -20.26
C ILE B 115 -20.92 7.37 -21.67
N SER B 116 -21.32 8.12 -22.71
CA SER B 116 -21.29 7.64 -24.11
C SER B 116 -19.87 7.29 -24.53
N ARG B 117 -18.88 8.11 -24.21
CA ARG B 117 -17.48 7.84 -24.64
C ARG B 117 -17.03 6.53 -23.97
N ILE B 118 -17.32 6.37 -22.71
CA ILE B 118 -16.94 5.15 -21.96
C ILE B 118 -17.63 3.95 -22.58
N GLU B 119 -18.91 4.07 -22.90
CA GLU B 119 -19.67 2.97 -23.47
C GLU B 119 -19.02 2.58 -24.80
N TYR B 120 -18.61 3.56 -25.58
CA TYR B 120 -18.01 3.30 -26.89
C TYR B 120 -16.72 2.49 -26.70
N ILE B 121 -15.85 2.92 -25.81
CA ILE B 121 -14.59 2.20 -25.51
C ILE B 121 -14.91 0.78 -25.10
N HIS B 122 -15.88 0.60 -24.22
CA HIS B 122 -16.28 -0.73 -23.74
C HIS B 122 -16.77 -1.57 -24.94
N SER B 123 -17.51 -0.97 -25.86
CA SER B 123 -18.06 -1.65 -27.07
C SER B 123 -16.90 -2.17 -27.92
N LYS B 124 -15.71 -1.62 -27.76
CA LYS B 124 -14.51 -2.02 -28.55
C LYS B 124 -13.63 -2.92 -27.70
N ASN B 125 -14.17 -3.44 -26.59
CA ASN B 125 -13.60 -4.56 -25.79
C ASN B 125 -12.52 -4.07 -24.83
N PHE B 126 -12.41 -2.78 -24.62
CA PHE B 126 -11.40 -2.17 -23.73
C PHE B 126 -12.10 -1.50 -22.52
N ILE B 127 -11.39 -1.45 -21.43
CA ILE B 127 -11.66 -0.51 -20.32
C ILE B 127 -10.51 0.50 -20.33
N HIS B 128 -10.77 1.69 -19.88
CA HIS B 128 -9.85 2.84 -20.03
C HIS B 128 -8.90 2.88 -18.82
N ARG B 129 -9.47 2.77 -17.62
CA ARG B 129 -8.75 2.65 -16.31
C ARG B 129 -7.99 3.94 -15.96
N ASP B 130 -8.21 5.05 -16.66
CA ASP B 130 -7.59 6.34 -16.27
C ASP B 130 -8.59 7.43 -16.50
N VAL B 131 -9.81 7.24 -16.01
CA VAL B 131 -10.92 8.21 -16.19
C VAL B 131 -10.63 9.37 -15.23
N LYS B 132 -10.38 10.54 -15.78
CA LYS B 132 -10.09 11.74 -14.98
C LYS B 132 -10.23 12.95 -15.89
N PRO B 133 -10.43 14.15 -15.30
CA PRO B 133 -10.76 15.33 -16.07
C PRO B 133 -9.65 15.71 -17.08
N ASP B 134 -8.41 15.33 -16.79
CA ASP B 134 -7.23 15.61 -17.63
C ASP B 134 -7.32 14.84 -18.97
N ASN B 135 -8.06 13.73 -19.01
CA ASN B 135 -8.07 12.83 -20.16
C ASN B 135 -9.35 13.01 -20.97
N PHE B 136 -10.15 14.01 -20.64
CA PHE B 136 -11.28 14.45 -21.50
C PHE B 136 -10.97 15.85 -22.02
N LEU B 137 -10.88 15.96 -23.34
CA LEU B 137 -10.57 17.25 -24.03
C LEU B 137 -11.80 17.62 -24.85
N MET B 138 -12.15 18.89 -24.85
CA MET B 138 -13.17 19.40 -25.77
C MET B 138 -12.51 19.50 -27.17
N GLY B 139 -13.27 19.28 -28.21
CA GLY B 139 -12.81 19.51 -29.58
C GLY B 139 -12.56 20.99 -29.83
N LEU B 140 -12.06 21.30 -31.02
CA LEU B 140 -11.92 22.68 -31.51
C LEU B 140 -12.83 22.89 -32.68
N GLY B 141 -13.11 24.15 -32.97
CA GLY B 141 -13.85 24.59 -34.17
C GLY B 141 -15.23 23.97 -34.18
N LYS B 142 -15.55 23.24 -35.24
CA LYS B 142 -16.90 22.62 -35.43
C LYS B 142 -17.09 21.49 -34.40
N LYS B 143 -16.00 21.00 -33.82
CA LYS B 143 -16.01 19.90 -32.81
C LYS B 143 -15.98 20.49 -31.38
N GLY B 144 -16.18 21.80 -31.21
CA GLY B 144 -16.00 22.49 -29.91
C GLY B 144 -17.03 22.07 -28.84
N ASN B 145 -18.11 21.44 -29.24
CA ASN B 145 -19.19 21.00 -28.34
C ASN B 145 -19.02 19.52 -27.97
N LEU B 146 -18.00 18.86 -28.52
CA LEU B 146 -17.79 17.39 -28.37
CA LEU B 146 -17.79 17.39 -28.35
C LEU B 146 -16.69 17.15 -27.32
N VAL B 147 -16.97 16.30 -26.37
CA VAL B 147 -15.99 15.78 -25.39
C VAL B 147 -15.27 14.61 -26.03
N TYR B 148 -13.96 14.66 -26.09
CA TYR B 148 -13.10 13.58 -26.57
C TYR B 148 -12.48 12.89 -25.36
N ILE B 149 -12.11 11.65 -25.52
CA ILE B 149 -11.31 10.92 -24.52
C ILE B 149 -9.96 10.58 -25.13
N ILE B 150 -8.90 10.69 -24.32
CA ILE B 150 -7.49 10.45 -24.74
C ILE B 150 -6.85 9.54 -23.71
N ASP B 151 -5.57 9.27 -23.92
CA ASP B 151 -4.64 8.62 -22.98
C ASP B 151 -5.13 7.18 -22.73
N PHE B 152 -4.77 6.28 -23.64
CA PHE B 152 -5.10 4.83 -23.56
C PHE B 152 -3.90 4.07 -22.99
N GLY B 153 -3.04 4.75 -22.27
CA GLY B 153 -1.82 4.18 -21.66
C GLY B 153 -2.14 3.15 -20.59
N LEU B 154 -3.33 3.19 -19.99
CA LEU B 154 -3.69 2.16 -18.96
C LEU B 154 -4.79 1.24 -19.48
N ALA B 155 -5.24 1.44 -20.70
CA ALA B 155 -6.38 0.73 -21.29
C ALA B 155 -6.00 -0.73 -21.47
N LYS B 156 -6.95 -1.63 -21.28
CA LYS B 156 -6.71 -3.06 -21.51
C LYS B 156 -8.01 -3.73 -21.92
N LYS B 157 -7.89 -4.82 -22.66
CA LYS B 157 -9.03 -5.65 -23.09
C LYS B 157 -9.65 -6.26 -21.82
N TYR B 158 -10.96 -6.13 -21.66
CA TYR B 158 -11.69 -6.80 -20.56
C TYR B 158 -12.42 -8.03 -21.10
N ARG B 159 -12.46 -8.21 -22.43
CA ARG B 159 -13.10 -9.40 -23.03
C ARG B 159 -12.46 -9.73 -24.38
N ASP B 160 -12.56 -10.97 -24.77
CA ASP B 160 -12.10 -11.49 -26.07
C ASP B 160 -12.92 -10.83 -27.19
N ALA B 161 -12.27 -10.36 -28.25
CA ALA B 161 -12.93 -9.64 -29.38
C ALA B 161 -13.80 -10.63 -30.17
N ARG B 162 -13.42 -11.91 -30.20
CA ARG B 162 -14.15 -12.99 -30.92
C ARG B 162 -15.38 -13.40 -30.11
N THR B 163 -15.17 -13.87 -28.88
CA THR B 163 -16.14 -14.65 -28.07
C THR B 163 -16.88 -13.73 -27.08
N HIS B 164 -16.36 -12.52 -26.83
CA HIS B 164 -16.82 -11.62 -25.74
C HIS B 164 -16.73 -12.35 -24.39
N GLN B 165 -15.82 -13.31 -24.25
CA GLN B 165 -15.42 -13.94 -22.96
C GLN B 165 -14.72 -12.90 -22.07
N HIS B 166 -15.27 -12.64 -20.91
CA HIS B 166 -14.78 -11.63 -19.94
C HIS B 166 -13.48 -12.14 -19.33
N ILE B 167 -12.53 -11.25 -19.06
CA ILE B 167 -11.29 -11.58 -18.29
C ILE B 167 -11.69 -12.14 -16.92
N PRO B 168 -10.89 -13.07 -16.37
CA PRO B 168 -11.19 -13.64 -15.07
C PRO B 168 -11.06 -12.61 -13.94
N TYR B 169 -11.85 -12.79 -12.89
CA TYR B 169 -11.71 -12.10 -11.59
C TYR B 169 -10.31 -12.38 -11.02
N ARG B 170 -9.58 -11.35 -10.63
CA ARG B 170 -8.29 -11.48 -9.91
C ARG B 170 -8.27 -10.46 -8.77
N GLU B 171 -7.53 -10.78 -7.72
CA GLU B 171 -7.21 -9.88 -6.58
C GLU B 171 -5.69 -9.73 -6.53
N ASN B 172 -5.18 -8.95 -5.59
CA ASN B 172 -3.74 -8.71 -5.41
C ASN B 172 -3.18 -8.05 -6.68
N LYS B 173 -3.99 -7.24 -7.39
CA LYS B 173 -3.52 -6.39 -8.51
C LYS B 173 -2.60 -5.29 -7.96
N ASN B 174 -1.65 -4.86 -8.77
CA ASN B 174 -0.67 -3.81 -8.45
C ASN B 174 -1.34 -2.44 -8.59
N LEU B 175 -0.76 -1.43 -7.96
CA LEU B 175 -1.30 -0.05 -7.96
C LEU B 175 -1.44 0.40 -9.43
N THR B 176 -2.61 0.81 -9.83
CA THR B 176 -2.93 1.25 -11.22
C THR B 176 -3.76 2.52 -11.11
N GLY B 177 -3.56 3.48 -12.00
CA GLY B 177 -4.53 4.55 -12.24
C GLY B 177 -4.23 5.80 -11.46
N THR B 178 -5.21 6.69 -11.38
CA THR B 178 -5.12 7.96 -10.65
C THR B 178 -5.89 7.79 -9.33
N ALA B 179 -5.20 7.95 -8.21
CA ALA B 179 -5.74 7.63 -6.85
C ALA B 179 -7.00 8.48 -6.59
N ARG B 180 -7.02 9.75 -7.01
CA ARG B 180 -8.13 10.65 -6.65
C ARG B 180 -9.45 10.06 -7.21
N TYR B 181 -9.43 9.46 -8.38
CA TYR B 181 -10.67 9.05 -9.09
C TYR B 181 -10.79 7.54 -9.18
N ALA B 182 -9.82 6.78 -8.68
CA ALA B 182 -9.82 5.31 -8.72
C ALA B 182 -11.07 4.78 -8.03
N SER B 183 -11.63 3.72 -8.57
CA SER B 183 -12.75 2.97 -7.94
C SER B 183 -12.28 2.36 -6.61
N ILE B 184 -13.19 2.10 -5.72
CA ILE B 184 -12.89 1.37 -4.46
C ILE B 184 -12.30 0.00 -4.81
N ASN B 185 -12.86 -0.72 -5.79
CA ASN B 185 -12.31 -2.03 -6.23
C ASN B 185 -10.83 -1.90 -6.57
N THR B 186 -10.44 -0.84 -7.30
CA THR B 186 -9.04 -0.60 -7.68
C THR B 186 -8.17 -0.45 -6.42
N HIS B 187 -8.61 0.31 -5.42
CA HIS B 187 -7.86 0.52 -4.16
C HIS B 187 -7.68 -0.84 -3.46
N LEU B 188 -8.65 -1.73 -3.59
CA LEU B 188 -8.64 -3.06 -2.92
C LEU B 188 -7.75 -4.03 -3.68
N GLY B 189 -7.23 -3.64 -4.87
CA GLY B 189 -6.39 -4.53 -5.70
C GLY B 189 -7.21 -5.57 -6.47
N ILE B 190 -8.49 -5.27 -6.74
CA ILE B 190 -9.38 -6.14 -7.56
C ILE B 190 -9.19 -5.76 -9.03
N GLU B 191 -9.19 -6.74 -9.92
CA GLU B 191 -9.16 -6.56 -11.38
C GLU B 191 -10.24 -5.55 -11.78
N GLN B 192 -9.89 -4.54 -12.57
CA GLN B 192 -10.85 -3.53 -13.06
C GLN B 192 -11.72 -4.16 -14.14
N SER B 193 -12.95 -3.68 -14.25
CA SER B 193 -13.88 -4.05 -15.34
C SER B 193 -14.70 -2.82 -15.70
N ARG B 194 -15.76 -3.00 -16.49
CA ARG B 194 -16.51 -1.86 -17.06
C ARG B 194 -17.07 -0.99 -15.92
N ARG B 195 -17.56 -1.62 -14.84
CA ARG B 195 -18.12 -0.88 -13.71
C ARG B 195 -17.12 0.15 -13.16
N ASP B 196 -15.82 -0.12 -13.17
CA ASP B 196 -14.80 0.73 -12.51
C ASP B 196 -14.62 2.05 -13.29
N ASP B 197 -14.62 1.99 -14.61
CA ASP B 197 -14.56 3.22 -15.43
C ASP B 197 -15.79 4.07 -15.08
N LEU B 198 -16.96 3.47 -14.91
CA LEU B 198 -18.17 4.26 -14.63
C LEU B 198 -18.14 4.80 -13.20
N GLU B 199 -17.70 4.02 -12.22
CA GLU B 199 -17.58 4.52 -10.84
C GLU B 199 -16.61 5.73 -10.83
N SER B 200 -15.48 5.63 -11.50
CA SER B 200 -14.49 6.74 -11.62
C SER B 200 -15.18 7.98 -12.19
N LEU B 201 -15.97 7.81 -13.22
CA LEU B 201 -16.70 8.96 -13.84
C LEU B 201 -17.61 9.60 -12.79
N GLY B 202 -18.23 8.79 -11.95
CA GLY B 202 -19.09 9.30 -10.88
C GLY B 202 -18.30 10.19 -9.93
N TYR B 203 -17.05 9.84 -9.62
CA TYR B 203 -16.20 10.68 -8.76
C TYR B 203 -15.83 11.95 -9.53
N VAL B 204 -15.57 11.82 -10.82
CA VAL B 204 -15.26 13.02 -11.65
C VAL B 204 -16.45 13.99 -11.62
N LEU B 205 -17.67 13.48 -11.78
CA LEU B 205 -18.88 14.35 -11.79
C LEU B 205 -19.04 15.04 -10.44
N MET B 206 -18.83 14.34 -9.32
CA MET B 206 -18.95 14.95 -7.98
C MET B 206 -17.78 15.92 -7.74
N TYR B 207 -16.63 15.66 -8.31
CA TYR B 207 -15.45 16.57 -8.30
C TYR B 207 -15.86 17.90 -8.91
N PHE B 208 -16.50 17.86 -10.08
CA PHE B 208 -16.96 19.06 -10.81
C PHE B 208 -18.00 19.80 -9.99
N ASN B 209 -18.91 19.06 -9.33
CA ASN B 209 -19.97 19.64 -8.46
C ASN B 209 -19.35 20.34 -7.26
N LEU B 210 -18.40 19.70 -6.57
CA LEU B 210 -17.90 20.13 -5.23
C LEU B 210 -16.74 21.13 -5.38
N GLY B 211 -15.93 21.01 -6.43
CA GLY B 211 -14.65 21.75 -6.54
C GLY B 211 -13.49 20.93 -6.02
N SER B 212 -13.78 19.87 -5.24
CA SER B 212 -12.78 18.93 -4.75
C SER B 212 -13.50 17.74 -4.15
N LEU B 213 -12.82 16.64 -3.98
CA LEU B 213 -13.40 15.45 -3.31
C LEU B 213 -12.86 15.40 -1.89
N PRO B 214 -13.61 14.76 -0.97
CA PRO B 214 -13.24 14.72 0.43
C PRO B 214 -11.93 13.98 0.73
N TRP B 215 -11.41 13.22 -0.22
CA TRP B 215 -10.16 12.43 -0.05
C TRP B 215 -8.99 13.13 -0.76
N GLN B 216 -9.17 14.37 -1.18
CA GLN B 216 -8.06 15.27 -1.63
C GLN B 216 -7.38 15.87 -0.41
N GLY B 217 -6.09 16.19 -0.52
CA GLY B 217 -5.31 16.91 0.49
C GLY B 217 -5.07 16.11 1.74
N LEU B 218 -5.02 14.78 1.64
CA LEU B 218 -4.75 13.93 2.80
C LEU B 218 -3.25 13.88 3.04
N LYS B 219 -2.81 14.29 4.23
CA LYS B 219 -1.39 14.31 4.65
C LYS B 219 -0.90 12.87 4.79
N ALA B 220 0.27 12.55 4.23
CA ALA B 220 0.98 11.27 4.44
C ALA B 220 2.49 11.47 4.27
N ALA B 221 3.29 10.64 4.94
CA ALA B 221 4.78 10.63 4.86
C ALA B 221 5.22 10.14 3.46
N THR B 222 4.49 9.19 2.87
CA THR B 222 4.86 8.55 1.57
C THR B 222 3.64 8.49 0.65
N LYS B 223 3.90 8.34 -0.65
CA LYS B 223 2.89 8.09 -1.70
C LYS B 223 2.03 6.86 -1.33
N ARG B 224 2.66 5.74 -0.94
CA ARG B 224 1.91 4.48 -0.68
C ARG B 224 0.98 4.69 0.50
N GLN B 225 1.39 5.47 1.49
CA GLN B 225 0.58 5.79 2.69
C GLN B 225 -0.57 6.71 2.26
N LYS B 226 -0.29 7.65 1.37
CA LYS B 226 -1.31 8.56 0.80
C LYS B 226 -2.38 7.74 0.06
N TYR B 227 -2.00 6.78 -0.78
CA TYR B 227 -2.96 5.90 -1.49
C TYR B 227 -3.87 5.23 -0.45
N GLU B 228 -3.28 4.77 0.63
CA GLU B 228 -4.02 4.00 1.68
C GLU B 228 -4.97 4.96 2.42
N ARG B 229 -4.54 6.19 2.73
CA ARG B 229 -5.45 7.20 3.35
C ARG B 229 -6.59 7.52 2.36
N ILE B 230 -6.32 7.61 1.07
CA ILE B 230 -7.38 7.90 0.06
C ILE B 230 -8.37 6.72 0.02
N SER B 231 -7.84 5.52 -0.03
CA SER B 231 -8.62 4.25 0.01
C SER B 231 -9.56 4.29 1.24
N GLU B 232 -9.00 4.55 2.39
CA GLU B 232 -9.72 4.49 3.69
C GLU B 232 -10.82 5.57 3.69
N LYS B 233 -10.52 6.76 3.22
CA LYS B 233 -11.48 7.89 3.20
C LYS B 233 -12.61 7.57 2.21
N LYS B 234 -12.32 7.06 1.01
CA LYS B 234 -13.35 6.66 0.05
C LYS B 234 -14.27 5.61 0.66
N MET B 235 -13.70 4.60 1.27
CA MET B 235 -14.48 3.47 1.80
C MET B 235 -15.29 3.89 3.02
N SER B 236 -14.92 4.98 3.69
CA SER B 236 -15.59 5.41 4.94
C SER B 236 -16.52 6.61 4.66
N THR B 237 -16.56 7.11 3.43
CA THR B 237 -17.44 8.22 3.03
C THR B 237 -18.66 7.65 2.35
N PRO B 238 -19.81 7.62 3.04
CA PRO B 238 -21.04 7.17 2.41
C PRO B 238 -21.35 8.01 1.17
N ILE B 239 -21.87 7.37 0.15
CA ILE B 239 -22.28 8.08 -1.10
C ILE B 239 -23.25 9.24 -0.73
N GLU B 240 -24.14 9.04 0.25
CA GLU B 240 -25.15 10.09 0.57
C GLU B 240 -24.44 11.30 1.20
N VAL B 241 -23.31 11.08 1.87
CA VAL B 241 -22.49 12.19 2.46
C VAL B 241 -21.66 12.86 1.35
N LEU B 242 -21.03 12.07 0.48
CA LEU B 242 -20.29 12.62 -0.69
C LEU B 242 -21.22 13.54 -1.52
N CYS B 243 -22.47 13.14 -1.72
CA CYS B 243 -23.39 13.76 -2.69
C CYS B 243 -24.38 14.71 -1.98
N LYS B 244 -24.19 14.97 -0.69
CA LYS B 244 -25.11 15.81 0.12
C LYS B 244 -25.19 17.21 -0.51
N GLY B 245 -26.42 17.71 -0.69
CA GLY B 245 -26.70 19.05 -1.24
C GLY B 245 -26.71 19.07 -2.76
N TYR B 246 -26.53 17.92 -3.41
CA TYR B 246 -26.59 17.79 -4.89
C TYR B 246 -27.77 16.90 -5.27
N PRO B 247 -28.24 16.98 -6.52
CA PRO B 247 -29.34 16.13 -6.94
C PRO B 247 -29.04 14.65 -6.66
N SER B 248 -30.04 13.93 -6.18
CA SER B 248 -29.96 12.50 -5.79
C SER B 248 -29.40 11.65 -6.93
N GLU B 249 -29.52 12.10 -8.17
CA GLU B 249 -29.07 11.31 -9.34
C GLU B 249 -27.58 10.95 -9.20
N PHE B 250 -26.77 11.85 -8.67
CA PHE B 250 -25.32 11.62 -8.53
C PHE B 250 -25.10 10.45 -7.58
N ALA B 251 -25.88 10.38 -6.52
CA ALA B 251 -25.84 9.29 -5.52
C ALA B 251 -26.38 7.99 -6.16
N THR B 252 -27.49 8.07 -6.86
CA THR B 252 -28.10 6.89 -7.53
C THR B 252 -27.09 6.29 -8.54
N TYR B 253 -26.44 7.16 -9.28
CA TYR B 253 -25.40 6.78 -10.27
C TYR B 253 -24.29 6.00 -9.55
N LEU B 254 -23.74 6.55 -8.48
CA LEU B 254 -22.60 5.91 -7.79
C LEU B 254 -23.04 4.58 -7.13
N ASN B 255 -24.22 4.54 -6.55
CA ASN B 255 -24.80 3.30 -5.95
C ASN B 255 -24.95 2.22 -7.03
N PHE B 256 -25.45 2.60 -8.20
CA PHE B 256 -25.64 1.68 -9.35
C PHE B 256 -24.29 1.11 -9.74
N CYS B 257 -23.28 1.95 -9.98
CA CYS B 257 -21.94 1.48 -10.40
C CYS B 257 -21.33 0.56 -9.34
N ARG B 258 -21.49 0.89 -8.06
CA ARG B 258 -20.89 0.11 -6.94
CA ARG B 258 -20.89 0.11 -6.94
C ARG B 258 -21.63 -1.22 -6.80
N SER B 259 -22.85 -1.32 -7.29
CA SER B 259 -23.66 -2.57 -7.21
C SER B 259 -23.38 -3.50 -8.38
N LEU B 260 -22.73 -3.03 -9.46
CA LEU B 260 -22.48 -3.88 -10.63
C LEU B 260 -21.59 -5.06 -10.24
N ARG B 261 -21.89 -6.22 -10.76
CA ARG B 261 -21.01 -7.40 -10.67
C ARG B 261 -19.83 -7.21 -11.61
N PHE B 262 -18.75 -7.92 -11.32
CA PHE B 262 -17.48 -7.82 -12.02
C PHE B 262 -17.70 -7.88 -13.53
N ASP B 263 -18.49 -8.84 -14.02
CA ASP B 263 -18.60 -9.08 -15.48
C ASP B 263 -19.90 -8.49 -16.03
N ASP B 264 -20.65 -7.74 -15.22
CA ASP B 264 -21.96 -7.17 -15.65
C ASP B 264 -21.71 -6.16 -16.76
N LYS B 265 -22.59 -6.16 -17.76
CA LYS B 265 -22.72 -5.04 -18.72
C LYS B 265 -23.48 -3.91 -18.04
N PRO B 266 -22.86 -2.74 -17.86
CA PRO B 266 -23.57 -1.61 -17.29
C PRO B 266 -24.76 -1.22 -18.18
N ASP B 267 -25.82 -0.75 -17.56
CA ASP B 267 -26.97 -0.15 -18.27
C ASP B 267 -26.64 1.31 -18.53
N TYR B 268 -25.84 1.57 -19.55
CA TYR B 268 -25.39 2.92 -19.94
C TYR B 268 -26.61 3.81 -20.21
N SER B 269 -27.64 3.26 -20.85
CA SER B 269 -28.86 4.00 -21.23
CA SER B 269 -28.86 4.00 -21.23
C SER B 269 -29.58 4.50 -19.98
N TYR B 270 -29.68 3.65 -18.97
CA TYR B 270 -30.28 3.99 -17.67
C TYR B 270 -29.51 5.15 -17.06
N LEU B 271 -28.18 5.05 -17.03
CA LEU B 271 -27.32 6.05 -16.38
C LEU B 271 -27.46 7.39 -17.12
N ARG B 272 -27.47 7.38 -18.45
CA ARG B 272 -27.68 8.63 -19.23
C ARG B 272 -29.10 9.16 -18.95
N GLN B 273 -30.09 8.28 -18.88
CA GLN B 273 -31.50 8.71 -18.72
C GLN B 273 -31.69 9.35 -17.32
N LEU B 274 -30.98 8.85 -16.33
CA LEU B 274 -30.98 9.40 -14.95
C LEU B 274 -30.65 10.91 -15.03
N PHE B 275 -29.57 11.23 -15.72
CA PHE B 275 -29.10 12.62 -15.79
C PHE B 275 -29.99 13.43 -16.75
N ARG B 276 -30.46 12.81 -17.82
CA ARG B 276 -31.33 13.46 -18.84
C ARG B 276 -32.65 13.87 -18.19
N ASN B 277 -33.24 13.00 -17.38
CA ASN B 277 -34.49 13.28 -16.64
C ASN B 277 -34.27 14.46 -15.70
N LEU B 278 -33.14 14.51 -15.00
CA LEU B 278 -32.79 15.64 -14.11
C LEU B 278 -32.62 16.91 -14.95
N PHE B 279 -31.89 16.79 -16.06
CA PHE B 279 -31.62 17.87 -17.01
C PHE B 279 -32.96 18.51 -17.42
N HIS B 280 -33.93 17.67 -17.75
CA HIS B 280 -35.28 18.10 -18.18
C HIS B 280 -36.05 18.72 -17.01
N ARG B 281 -35.99 18.13 -15.81
CA ARG B 281 -36.68 18.66 -14.61
CA ARG B 281 -36.68 18.68 -14.62
C ARG B 281 -36.14 20.07 -14.30
N GLN B 282 -34.89 20.34 -14.66
CA GLN B 282 -34.24 21.66 -14.39
C GLN B 282 -34.62 22.65 -15.48
N GLY B 283 -35.23 22.19 -16.56
CA GLY B 283 -35.59 23.02 -17.72
C GLY B 283 -34.38 23.45 -18.55
N PHE B 284 -33.28 22.73 -18.47
CA PHE B 284 -32.08 22.99 -19.30
C PHE B 284 -32.34 22.55 -20.74
N SER B 285 -31.67 23.18 -21.69
CA SER B 285 -31.65 22.77 -23.14
C SER B 285 -30.30 22.16 -23.48
N TYR B 286 -30.31 21.08 -24.27
CA TYR B 286 -29.09 20.44 -24.83
C TYR B 286 -28.64 21.33 -26.00
N ASP B 287 -28.13 22.53 -25.69
CA ASP B 287 -27.67 23.54 -26.68
C ASP B 287 -26.14 23.67 -26.63
N TYR B 288 -25.49 22.84 -25.81
CA TYR B 288 -24.02 22.76 -25.70
C TYR B 288 -23.45 24.12 -25.31
N VAL B 289 -24.20 24.93 -24.59
CA VAL B 289 -23.66 26.18 -24.00
C VAL B 289 -23.10 25.84 -22.63
N PHE B 290 -21.81 25.57 -22.58
CA PHE B 290 -21.06 25.22 -21.36
C PHE B 290 -20.69 26.50 -20.62
N ASP B 291 -20.38 26.39 -19.33
CA ASP B 291 -19.96 27.56 -18.50
C ASP B 291 -18.85 28.34 -19.22
N TRP B 292 -17.87 27.67 -19.77
CA TRP B 292 -16.68 28.32 -20.38
C TRP B 292 -17.06 29.10 -21.62
N ASN B 293 -18.17 28.76 -22.30
CA ASN B 293 -18.63 29.49 -23.50
C ASN B 293 -19.10 30.89 -23.10
N MET B 294 -19.30 31.16 -21.81
CA MET B 294 -19.84 32.45 -21.29
C MET B 294 -18.69 33.38 -20.85
N LEU B 295 -17.45 32.90 -20.84
CA LEU B 295 -16.29 33.69 -20.38
C LEU B 295 -16.08 34.86 -21.36
N LYS B 296 -16.11 36.10 -20.86
CA LYS B 296 -16.07 37.34 -21.68
C LYS B 296 -14.62 37.68 -22.05
N GLU C 4 -36.78 -24.13 42.66
CA GLU C 4 -38.28 -24.16 42.74
C GLU C 4 -38.74 -23.03 43.67
N LEU C 5 -38.53 -21.78 43.25
CA LEU C 5 -39.02 -20.55 43.92
C LEU C 5 -40.37 -20.13 43.30
N ARG C 6 -41.23 -19.53 44.11
CA ARG C 6 -42.50 -18.89 43.68
C ARG C 6 -42.17 -17.51 43.13
N VAL C 7 -42.87 -17.10 42.08
CA VAL C 7 -42.87 -15.71 41.58
C VAL C 7 -44.33 -15.26 41.41
N GLY C 8 -44.68 -14.14 42.00
CA GLY C 8 -46.05 -13.74 42.28
C GLY C 8 -46.78 -14.83 43.02
N ASN C 9 -48.04 -15.03 42.68
CA ASN C 9 -48.89 -16.09 43.28
C ASN C 9 -48.83 -17.34 42.41
N ARG C 10 -48.55 -17.22 41.10
CA ARG C 10 -48.94 -18.26 40.12
C ARG C 10 -47.78 -18.76 39.26
N TYR C 11 -46.55 -18.26 39.44
CA TYR C 11 -45.41 -18.69 38.61
C TYR C 11 -44.42 -19.47 39.48
N ARG C 12 -43.98 -20.59 38.97
CA ARG C 12 -42.85 -21.36 39.52
C ARG C 12 -41.63 -21.11 38.64
N LEU C 13 -40.49 -20.83 39.27
CA LEU C 13 -39.21 -20.58 38.59
C LEU C 13 -38.46 -21.89 38.51
N GLY C 14 -37.94 -22.20 37.33
CA GLY C 14 -37.02 -23.31 37.07
C GLY C 14 -35.64 -22.81 36.73
N ARG C 15 -34.86 -23.62 36.00
CA ARG C 15 -33.43 -23.34 35.76
C ARG C 15 -33.28 -22.34 34.60
N LYS C 16 -32.14 -21.69 34.57
CA LYS C 16 -31.74 -20.71 33.55
C LYS C 16 -31.75 -21.39 32.18
N ILE C 17 -32.32 -20.74 31.18
CA ILE C 17 -32.34 -21.23 29.79
C ILE C 17 -31.59 -20.27 28.89
N GLY C 18 -31.20 -19.09 29.37
CA GLY C 18 -30.37 -18.16 28.57
C GLY C 18 -30.00 -16.90 29.30
N SER C 19 -29.05 -16.17 28.75
CA SER C 19 -28.64 -14.81 29.19
C SER C 19 -28.51 -13.92 27.98
N GLY C 20 -29.09 -12.72 28.02
CA GLY C 20 -29.01 -11.71 26.94
C GLY C 20 -28.10 -10.56 27.34
N SER C 21 -28.34 -9.37 26.78
CA SER C 21 -27.53 -8.13 27.03
C SER C 21 -27.62 -7.74 28.51
N PHE C 22 -28.75 -8.03 29.16
CA PHE C 22 -28.97 -7.84 30.62
C PHE C 22 -29.94 -8.92 31.12
N GLY C 23 -29.89 -9.19 32.41
CA GLY C 23 -30.76 -10.16 33.10
C GLY C 23 -30.54 -11.57 32.56
N ASP C 24 -31.34 -12.50 33.04
CA ASP C 24 -31.27 -13.94 32.68
C ASP C 24 -32.69 -14.47 32.51
N ILE C 25 -32.84 -15.51 31.71
CA ILE C 25 -34.14 -16.08 31.31
C ILE C 25 -34.22 -17.48 31.93
N TYR C 26 -35.32 -17.78 32.61
CA TYR C 26 -35.52 -19.03 33.37
C TYR C 26 -36.74 -19.73 32.82
N LEU C 27 -36.69 -21.05 32.79
CA LEU C 27 -37.91 -21.84 32.60
C LEU C 27 -38.83 -21.51 33.75
N GLY C 28 -40.12 -21.42 33.47
CA GLY C 28 -41.14 -21.22 34.50
C GLY C 28 -42.37 -21.99 34.16
N THR C 29 -43.26 -22.13 35.10
CA THR C 29 -44.62 -22.63 34.88
C THR C 29 -45.62 -21.64 35.42
N ASP C 30 -46.61 -21.34 34.64
CA ASP C 30 -47.84 -20.68 35.05
C ASP C 30 -48.76 -21.76 35.68
N ILE C 31 -48.71 -21.83 36.99
CA ILE C 31 -49.46 -22.81 37.84
C ILE C 31 -50.95 -22.68 37.56
N ALA C 32 -51.45 -21.47 37.41
CA ALA C 32 -52.90 -21.20 37.33
C ALA C 32 -53.41 -21.65 35.97
N ALA C 33 -52.60 -21.52 34.90
CA ALA C 33 -53.01 -21.77 33.50
C ALA C 33 -52.56 -23.15 33.05
N GLY C 34 -51.58 -23.78 33.73
CA GLY C 34 -51.00 -25.04 33.26
C GLY C 34 -50.20 -24.85 31.96
N GLU C 35 -49.33 -23.86 31.93
CA GLU C 35 -48.55 -23.52 30.71
C GLU C 35 -47.13 -23.23 31.14
N GLU C 36 -46.15 -23.71 30.39
CA GLU C 36 -44.74 -23.33 30.56
C GLU C 36 -44.56 -21.89 30.08
N VAL C 37 -43.69 -21.16 30.74
CA VAL C 37 -43.41 -19.74 30.42
C VAL C 37 -41.90 -19.55 30.47
N ALA C 38 -41.45 -18.42 29.94
CA ALA C 38 -40.08 -17.94 30.13
C ALA C 38 -40.15 -16.76 31.10
N ILE C 39 -39.28 -16.73 32.08
CA ILE C 39 -39.29 -15.69 33.13
C ILE C 39 -37.95 -14.98 33.09
N LYS C 40 -37.97 -13.71 32.73
CA LYS C 40 -36.75 -12.90 32.74
C LYS C 40 -36.63 -12.21 34.10
N LEU C 41 -35.45 -12.31 34.72
CA LEU C 41 -35.13 -11.64 35.99
C LEU C 41 -34.02 -10.62 35.74
N GLU C 42 -34.16 -9.45 36.35
CA GLU C 42 -33.15 -8.38 36.41
C GLU C 42 -33.02 -7.93 37.87
N CYS C 43 -31.82 -7.95 38.40
CA CYS C 43 -31.53 -7.52 39.79
CA CYS C 43 -31.52 -7.52 39.79
C CYS C 43 -32.12 -6.12 39.99
N VAL C 44 -32.94 -5.96 41.00
CA VAL C 44 -33.63 -4.67 41.30
C VAL C 44 -32.58 -3.55 41.55
N LYS C 45 -31.40 -3.91 42.06
CA LYS C 45 -30.34 -2.94 42.49
C LYS C 45 -29.44 -2.55 41.31
N THR C 46 -29.68 -3.05 40.12
CA THR C 46 -28.84 -2.75 38.92
C THR C 46 -28.72 -1.23 38.77
N LYS C 47 -27.54 -0.75 38.37
CA LYS C 47 -27.26 0.70 38.15
C LYS C 47 -28.08 1.21 36.97
N HIS C 48 -28.29 0.37 35.94
CA HIS C 48 -28.99 0.73 34.68
C HIS C 48 -30.22 -0.15 34.47
N PRO C 49 -31.33 0.08 35.19
CA PRO C 49 -32.51 -0.78 35.04
C PRO C 49 -33.11 -0.64 33.63
N GLN C 50 -33.41 -1.78 33.00
CA GLN C 50 -33.82 -1.90 31.58
C GLN C 50 -35.06 -2.80 31.45
N LEU C 51 -35.35 -3.66 32.41
CA LEU C 51 -36.36 -4.72 32.19
C LEU C 51 -37.74 -4.09 31.98
N HIS C 52 -38.13 -3.13 32.83
CA HIS C 52 -39.45 -2.47 32.72
C HIS C 52 -39.53 -1.68 31.39
N ILE C 53 -38.41 -1.18 30.89
CA ILE C 53 -38.37 -0.48 29.56
C ILE C 53 -38.62 -1.53 28.47
N GLU C 54 -37.90 -2.64 28.53
CA GLU C 54 -38.11 -3.76 27.57
C GLU C 54 -39.57 -4.24 27.61
N SER C 55 -40.17 -4.36 28.80
CA SER C 55 -41.57 -4.83 28.95
C SER C 55 -42.53 -3.84 28.27
N LYS C 56 -42.24 -2.53 28.37
CA LYS C 56 -43.02 -1.47 27.66
C LYS C 56 -42.95 -1.70 26.14
N ILE C 57 -41.78 -1.95 25.61
CA ILE C 57 -41.57 -2.18 24.15
C ILE C 57 -42.35 -3.42 23.73
N TYR C 58 -42.23 -4.53 24.47
CA TYR C 58 -42.97 -5.77 24.17
C TYR C 58 -44.47 -5.50 24.19
N LYS C 59 -44.95 -4.74 25.20
CA LYS C 59 -46.39 -4.39 25.35
C LYS C 59 -46.86 -3.64 24.11
N MET C 60 -46.06 -2.68 23.67
CA MET C 60 -46.31 -1.86 22.47
C MET C 60 -46.34 -2.74 21.20
N MET C 61 -45.59 -3.84 21.18
CA MET C 61 -45.46 -4.74 19.99
C MET C 61 -46.56 -5.81 19.99
N GLN C 62 -47.34 -5.96 21.06
CA GLN C 62 -48.28 -7.10 21.22
C GLN C 62 -49.26 -7.08 20.05
N GLY C 63 -49.69 -8.25 19.58
CA GLY C 63 -50.60 -8.37 18.43
C GLY C 63 -49.86 -8.65 17.14
N GLY C 64 -48.59 -8.23 17.06
CA GLY C 64 -47.68 -8.55 15.95
C GLY C 64 -47.50 -10.05 15.82
N VAL C 65 -47.51 -10.54 14.60
CA VAL C 65 -47.11 -11.93 14.30
C VAL C 65 -45.66 -12.13 14.80
N GLY C 66 -45.38 -13.23 15.50
CA GLY C 66 -44.01 -13.58 15.92
C GLY C 66 -43.44 -12.56 16.90
N ILE C 67 -44.30 -11.85 17.63
CA ILE C 67 -43.88 -11.10 18.84
C ILE C 67 -44.32 -11.92 20.06
N PRO C 68 -43.40 -12.33 20.94
CA PRO C 68 -43.81 -13.12 22.10
C PRO C 68 -44.79 -12.32 22.97
N THR C 69 -45.78 -13.00 23.51
CA THR C 69 -46.77 -12.46 24.46
C THR C 69 -46.08 -12.21 25.79
N ILE C 70 -46.26 -11.03 26.35
CA ILE C 70 -45.85 -10.72 27.76
CA ILE C 70 -45.84 -10.73 27.74
C ILE C 70 -47.05 -11.03 28.66
N ARG C 71 -46.85 -11.88 29.64
CA ARG C 71 -47.98 -12.33 30.52
C ARG C 71 -48.03 -11.51 31.80
N TRP C 72 -46.89 -11.06 32.30
CA TRP C 72 -46.82 -10.40 33.62
C TRP C 72 -45.49 -9.68 33.78
N CYS C 73 -45.55 -8.49 34.37
CA CYS C 73 -44.39 -7.70 34.80
CA CYS C 73 -44.37 -7.71 34.78
C CYS C 73 -44.59 -7.30 36.24
N GLY C 74 -43.54 -7.40 37.03
CA GLY C 74 -43.55 -7.02 38.45
C GLY C 74 -42.17 -7.17 39.03
N ALA C 75 -42.11 -7.40 40.33
CA ALA C 75 -40.88 -7.41 41.13
C ALA C 75 -41.12 -8.38 42.29
N GLU C 76 -40.21 -9.33 42.46
CA GLU C 76 -40.22 -10.33 43.54
C GLU C 76 -38.82 -10.40 44.14
N GLY C 77 -38.72 -10.34 45.47
CA GLY C 77 -37.43 -10.40 46.19
C GLY C 77 -36.41 -9.45 45.56
N ASP C 78 -35.30 -9.97 45.10
CA ASP C 78 -34.13 -9.19 44.62
C ASP C 78 -34.32 -8.79 43.15
N TYR C 79 -35.47 -9.09 42.51
CA TYR C 79 -35.58 -9.08 41.02
C TYR C 79 -36.80 -8.31 40.54
N ASN C 80 -36.59 -7.58 39.45
CA ASN C 80 -37.62 -7.21 38.46
C ASN C 80 -37.92 -8.47 37.63
N VAL C 81 -39.16 -8.62 37.22
CA VAL C 81 -39.69 -9.87 36.60
C VAL C 81 -40.46 -9.51 35.35
N MET C 82 -40.18 -10.22 34.26
CA MET C 82 -40.99 -10.19 33.05
C MET C 82 -41.28 -11.63 32.62
N VAL C 83 -42.53 -12.00 32.64
CA VAL C 83 -42.98 -13.36 32.27
C VAL C 83 -43.46 -13.29 30.84
N MET C 84 -42.96 -14.18 30.01
CA MET C 84 -43.36 -14.21 28.59
CA MET C 84 -43.24 -14.23 28.56
C MET C 84 -43.71 -15.63 28.19
N GLU C 85 -44.46 -15.73 27.12
CA GLU C 85 -44.68 -16.96 26.32
C GLU C 85 -43.34 -17.69 26.26
N LEU C 86 -43.34 -19.00 26.52
CA LEU C 86 -42.16 -19.85 26.23
C LEU C 86 -42.09 -20.07 24.73
N LEU C 87 -40.95 -19.83 24.16
CA LEU C 87 -40.68 -20.07 22.73
C LEU C 87 -39.74 -21.25 22.59
N GLY C 88 -39.54 -21.67 21.35
CA GLY C 88 -38.70 -22.82 21.04
C GLY C 88 -37.25 -22.44 20.85
N PRO C 89 -36.48 -23.30 20.19
CA PRO C 89 -35.07 -23.07 20.00
C PRO C 89 -34.82 -21.88 19.05
N SER C 90 -33.68 -21.23 19.21
CA SER C 90 -33.21 -20.15 18.31
C SER C 90 -32.84 -20.70 16.95
N LEU C 91 -32.69 -19.83 15.96
CA LEU C 91 -32.23 -20.28 14.64
C LEU C 91 -30.77 -20.72 14.74
N GLU C 92 -29.98 -20.16 15.65
CA GLU C 92 -28.58 -20.63 15.86
C GLU C 92 -28.64 -22.07 16.41
N ASP C 93 -29.49 -22.30 17.38
CA ASP C 93 -29.67 -23.67 17.97
C ASP C 93 -30.06 -24.65 16.88
N LEU C 94 -31.04 -24.31 16.05
CA LEU C 94 -31.56 -25.22 15.00
C LEU C 94 -30.50 -25.42 13.94
N PHE C 95 -29.74 -24.38 13.65
CA PHE C 95 -28.61 -24.46 12.67
C PHE C 95 -27.63 -25.53 13.14
N ASN C 96 -27.25 -25.47 14.42
CA ASN C 96 -26.31 -26.46 15.06
C ASN C 96 -26.94 -27.84 15.01
N PHE C 97 -28.23 -27.93 15.27
CA PHE C 97 -28.98 -29.21 15.27
C PHE C 97 -28.99 -29.80 13.88
N CYS C 98 -28.97 -28.97 12.85
CA CYS C 98 -29.01 -29.40 11.44
C CYS C 98 -27.58 -29.47 10.86
N SER C 99 -26.58 -29.62 11.72
CA SER C 99 -25.15 -29.76 11.34
C SER C 99 -24.71 -28.52 10.54
N ARG C 100 -25.23 -27.35 10.89
CA ARG C 100 -24.81 -26.03 10.35
C ARG C 100 -24.96 -26.02 8.83
N LYS C 101 -25.99 -26.72 8.31
CA LYS C 101 -26.42 -26.65 6.89
C LYS C 101 -27.94 -26.51 6.85
N PHE C 102 -28.43 -25.48 6.21
CA PHE C 102 -29.86 -25.32 5.88
C PHE C 102 -30.03 -25.51 4.37
N SER C 103 -31.10 -26.16 3.95
CA SER C 103 -31.55 -26.16 2.52
C SER C 103 -31.86 -24.72 2.10
N LEU C 104 -31.78 -24.45 0.81
CA LEU C 104 -32.20 -23.16 0.24
C LEU C 104 -33.63 -22.88 0.63
N LYS C 105 -34.51 -23.89 0.57
CA LYS C 105 -35.93 -23.69 0.89
C LYS C 105 -36.08 -23.16 2.33
N THR C 106 -35.40 -23.76 3.31
CA THR C 106 -35.43 -23.32 4.73
C THR C 106 -34.90 -21.88 4.82
N VAL C 107 -33.82 -21.56 4.14
CA VAL C 107 -33.27 -20.18 4.18
C VAL C 107 -34.32 -19.20 3.64
N LEU C 108 -35.03 -19.57 2.60
CA LEU C 108 -36.05 -18.68 1.97
C LEU C 108 -37.28 -18.60 2.83
N LEU C 109 -37.70 -19.71 3.44
CA LEU C 109 -38.83 -19.64 4.38
C LEU C 109 -38.50 -18.68 5.51
N LEU C 110 -37.28 -18.78 6.06
CA LEU C 110 -36.87 -17.94 7.20
C LEU C 110 -36.76 -16.48 6.72
N ALA C 111 -36.19 -16.23 5.53
CA ALA C 111 -35.99 -14.84 5.04
C ALA C 111 -37.34 -14.14 4.98
N ASP C 112 -38.36 -14.81 4.48
CA ASP C 112 -39.69 -14.22 4.27
C ASP C 112 -40.23 -13.74 5.63
N GLN C 113 -40.13 -14.55 6.66
CA GLN C 113 -40.67 -14.17 7.99
C GLN C 113 -39.76 -13.12 8.64
N MET C 114 -38.47 -13.28 8.55
CA MET C 114 -37.54 -12.38 9.23
C MET C 114 -37.65 -10.95 8.67
N ILE C 115 -37.79 -10.81 7.35
CA ILE C 115 -38.02 -9.45 6.74
C ILE C 115 -39.32 -8.90 7.34
N SER C 116 -40.38 -9.71 7.40
CA SER C 116 -41.69 -9.27 7.97
C SER C 116 -41.56 -8.88 9.43
N ARG C 117 -40.80 -9.62 10.25
CA ARG C 117 -40.64 -9.30 11.69
C ARG C 117 -39.98 -7.93 11.80
N ILE C 118 -38.94 -7.70 11.00
CA ILE C 118 -38.20 -6.43 11.05
C ILE C 118 -39.12 -5.31 10.58
N GLU C 119 -39.87 -5.53 9.52
CA GLU C 119 -40.81 -4.51 9.00
C GLU C 119 -41.80 -4.14 10.12
N TYR C 120 -42.32 -5.13 10.82
CA TYR C 120 -43.31 -4.90 11.88
C TYR C 120 -42.71 -3.99 12.95
N ILE C 121 -41.51 -4.31 13.42
CA ILE C 121 -40.81 -3.53 14.47
C ILE C 121 -40.65 -2.10 13.97
N HIS C 122 -40.21 -1.94 12.73
CA HIS C 122 -40.04 -0.60 12.13
C HIS C 122 -41.37 0.13 12.07
N SER C 123 -42.46 -0.57 11.79
CA SER C 123 -43.82 0.03 11.70
C SER C 123 -44.21 0.59 13.10
N LYS C 124 -43.60 0.10 14.15
CA LYS C 124 -43.90 0.52 15.53
C LYS C 124 -42.88 1.55 15.99
N ASN C 125 -42.03 2.04 15.07
CA ASN C 125 -41.16 3.23 15.25
C ASN C 125 -39.86 2.83 15.93
N PHE C 126 -39.54 1.54 15.97
CA PHE C 126 -38.30 1.03 16.60
C PHE C 126 -37.38 0.42 15.54
N ILE C 127 -36.10 0.46 15.81
CA ILE C 127 -35.10 -0.43 15.17
C ILE C 127 -34.61 -1.37 16.25
N HIS C 128 -34.28 -2.58 15.86
CA HIS C 128 -33.95 -3.68 16.80
C HIS C 128 -32.48 -3.56 17.24
N ARG C 129 -31.60 -3.40 16.27
CA ARG C 129 -30.15 -3.17 16.42
C ARG C 129 -29.40 -4.41 16.87
N ASP C 130 -30.03 -5.55 17.01
CA ASP C 130 -29.31 -6.78 17.43
C ASP C 130 -29.81 -7.97 16.61
N VAL C 131 -29.87 -7.80 15.31
CA VAL C 131 -30.36 -8.84 14.39
C VAL C 131 -29.27 -9.90 14.27
N LYS C 132 -29.57 -11.11 14.71
CA LYS C 132 -28.66 -12.25 14.71
C LYS C 132 -29.44 -13.51 14.91
N PRO C 133 -28.92 -14.66 14.48
CA PRO C 133 -29.69 -15.92 14.50
C PRO C 133 -30.16 -16.29 15.93
N ASP C 134 -29.42 -15.84 16.95
CA ASP C 134 -29.72 -16.12 18.39
C ASP C 134 -31.01 -15.42 18.81
N ASN C 135 -31.40 -14.34 18.11
CA ASN C 135 -32.53 -13.49 18.52
C ASN C 135 -33.78 -13.83 17.70
N PHE C 136 -33.74 -14.89 16.91
CA PHE C 136 -34.95 -15.44 16.26
C PHE C 136 -35.18 -16.84 16.82
N LEU C 137 -36.34 -17.04 17.42
CA LEU C 137 -36.75 -18.33 18.05
C LEU C 137 -37.98 -18.83 17.32
N MET C 138 -38.05 -20.09 17.03
CA MET C 138 -39.27 -20.72 16.49
C MET C 138 -40.29 -20.83 17.63
N GLY C 139 -41.58 -20.68 17.33
CA GLY C 139 -42.66 -20.93 18.28
C GLY C 139 -42.75 -22.38 18.62
N LEU C 140 -43.60 -22.70 19.60
CA LEU C 140 -43.92 -24.10 19.97
C LEU C 140 -45.36 -24.39 19.64
N GLY C 141 -45.69 -25.66 19.53
CA GLY C 141 -47.07 -26.15 19.38
C GLY C 141 -47.69 -25.62 18.10
N LYS C 142 -48.83 -24.95 18.21
CA LYS C 142 -49.58 -24.45 17.02
C LYS C 142 -48.81 -23.28 16.40
N LYS C 143 -47.84 -22.72 17.11
CA LYS C 143 -46.98 -21.59 16.63
C LYS C 143 -45.61 -22.11 16.14
N GLY C 144 -45.48 -23.43 15.94
CA GLY C 144 -44.21 -24.10 15.63
C GLY C 144 -43.62 -23.67 14.27
N ASN C 145 -44.43 -23.12 13.38
CA ASN C 145 -44.00 -22.71 12.02
C ASN C 145 -43.62 -21.22 11.99
N LEU C 146 -43.77 -20.51 13.10
CA LEU C 146 -43.56 -19.05 13.18
C LEU C 146 -42.18 -18.76 13.76
N VAL C 147 -41.47 -17.86 13.10
CA VAL C 147 -40.22 -17.26 13.58
C VAL C 147 -40.63 -16.09 14.48
N TYR C 148 -40.18 -16.09 15.73
CA TYR C 148 -40.35 -14.97 16.67
C TYR C 148 -39.06 -14.20 16.72
N ILE C 149 -39.15 -12.92 16.95
CA ILE C 149 -37.98 -12.07 17.27
C ILE C 149 -38.01 -11.71 18.74
N ILE C 150 -36.86 -11.75 19.39
CA ILE C 150 -36.69 -11.48 20.83
C ILE C 150 -35.59 -10.44 21.00
N ASP C 151 -35.32 -10.12 22.25
CA ASP C 151 -34.17 -9.31 22.71
C ASP C 151 -34.34 -7.90 22.17
N PHE C 152 -35.17 -7.09 22.85
CA PHE C 152 -35.35 -5.64 22.57
C PHE C 152 -34.51 -4.82 23.53
N GLY C 153 -33.46 -5.44 24.07
CA GLY C 153 -32.51 -4.79 24.99
C GLY C 153 -31.72 -3.68 24.31
N LEU C 154 -31.58 -3.70 22.99
CA LEU C 154 -30.81 -2.66 22.26
C LEU C 154 -31.70 -1.83 21.38
N ALA C 155 -33.00 -2.09 21.41
CA ALA C 155 -33.98 -1.44 20.50
C ALA C 155 -34.10 0.03 20.87
N LYS C 156 -34.33 0.87 19.89
CA LYS C 156 -34.56 2.31 20.15
C LYS C 156 -35.48 2.87 19.08
N LYS C 157 -36.18 3.93 19.44
CA LYS C 157 -37.06 4.68 18.53
C LYS C 157 -36.18 5.34 17.47
N TYR C 158 -36.53 5.19 16.22
CA TYR C 158 -35.81 5.84 15.09
C TYR C 158 -36.64 7.03 14.58
N ARG C 159 -37.86 7.25 15.11
CA ARG C 159 -38.66 8.49 14.82
C ARG C 159 -39.65 8.78 15.97
N HIS C 166 -37.82 11.38 11.78
CA HIS C 166 -36.64 10.47 11.83
C HIS C 166 -35.59 11.07 12.77
N ILE C 167 -34.92 10.24 13.57
CA ILE C 167 -33.75 10.64 14.42
C ILE C 167 -32.68 11.22 13.51
N PRO C 168 -31.89 12.17 14.03
CA PRO C 168 -30.84 12.81 13.25
C PRO C 168 -29.71 11.82 12.91
N TYR C 169 -29.09 12.04 11.76
CA TYR C 169 -27.79 11.46 11.35
C TYR C 169 -26.74 11.81 12.39
N ARG C 170 -26.02 10.82 12.89
CA ARG C 170 -24.84 11.00 13.77
C ARG C 170 -23.80 9.99 13.34
N GLU C 171 -22.52 10.39 13.37
CA GLU C 171 -21.37 9.59 12.84
C GLU C 171 -20.35 9.39 13.96
N ASN C 172 -20.82 9.41 15.21
CA ASN C 172 -19.97 9.41 16.44
C ASN C 172 -20.46 8.31 17.41
N LYS C 173 -21.22 7.33 16.93
CA LYS C 173 -21.71 6.18 17.74
C LYS C 173 -20.53 5.23 17.98
N ASN C 174 -20.50 4.55 19.10
CA ASN C 174 -19.64 3.35 19.31
C ASN C 174 -20.40 2.14 18.75
N LEU C 175 -19.72 1.03 18.46
CA LEU C 175 -20.39 -0.17 17.91
C LEU C 175 -21.41 -0.65 18.94
N THR C 176 -22.68 -0.79 18.55
CA THR C 176 -23.74 -1.40 19.36
C THR C 176 -24.32 -2.60 18.60
N GLY C 177 -24.57 -3.69 19.31
CA GLY C 177 -25.03 -4.95 18.74
C GLY C 177 -23.91 -5.95 18.62
N THR C 178 -24.00 -6.86 17.66
CA THR C 178 -23.09 -8.01 17.51
C THR C 178 -22.21 -7.77 16.29
N ALA C 179 -20.90 -7.78 16.48
CA ALA C 179 -19.90 -7.42 15.45
C ALA C 179 -20.07 -8.34 14.22
N ARG C 180 -20.31 -9.62 14.41
CA ARG C 180 -20.36 -10.58 13.27
C ARG C 180 -21.44 -10.15 12.26
N TYR C 181 -22.56 -9.62 12.71
CA TYR C 181 -23.71 -9.30 11.83
C TYR C 181 -23.90 -7.79 11.68
N ALA C 182 -23.10 -6.97 12.34
CA ALA C 182 -23.23 -5.49 12.27
C ALA C 182 -23.10 -5.02 10.82
N SER C 183 -23.87 -4.01 10.47
CA SER C 183 -23.77 -3.32 9.17
C SER C 183 -22.42 -2.61 9.04
N ILE C 184 -21.99 -2.38 7.82
CA ILE C 184 -20.77 -1.57 7.55
C ILE C 184 -20.93 -0.19 8.18
N ASN C 185 -22.09 0.43 8.04
CA ASN C 185 -22.40 1.75 8.65
C ASN C 185 -22.12 1.72 10.14
N THR C 186 -22.55 0.68 10.83
CA THR C 186 -22.34 0.53 12.28
C THR C 186 -20.84 0.48 12.58
N HIS C 187 -20.05 -0.25 11.81
CA HIS C 187 -18.56 -0.34 12.00
C HIS C 187 -17.94 1.04 11.82
N LEU C 188 -18.51 1.88 10.96
CA LEU C 188 -18.00 3.25 10.68
C LEU C 188 -18.44 4.24 11.77
N GLY C 189 -19.27 3.80 12.72
CA GLY C 189 -19.74 4.61 13.84
C GLY C 189 -20.94 5.46 13.48
N ILE C 190 -21.66 5.13 12.42
CA ILE C 190 -22.90 5.84 11.98
C ILE C 190 -24.09 5.29 12.77
N GLU C 191 -24.96 6.19 13.21
CA GLU C 191 -26.25 5.89 13.88
C GLU C 191 -26.98 4.80 13.10
N GLN C 192 -27.50 3.77 13.79
CA GLN C 192 -28.31 2.72 13.13
C GLN C 192 -29.66 3.29 12.72
N SER C 193 -30.19 2.83 11.61
CA SER C 193 -31.55 3.14 11.14
C SER C 193 -32.13 1.86 10.54
N ARG C 194 -33.24 1.97 9.88
CA ARG C 194 -34.00 0.79 9.37
C ARG C 194 -33.10 -0.05 8.45
N ARG C 195 -32.30 0.59 7.60
CA ARG C 195 -31.46 -0.11 6.63
C ARG C 195 -30.50 -1.09 7.35
N ASP C 196 -30.03 -0.76 8.55
CA ASP C 196 -28.99 -1.54 9.25
C ASP C 196 -29.56 -2.86 9.77
N ASP C 197 -30.78 -2.87 10.27
CA ASP C 197 -31.45 -4.11 10.69
C ASP C 197 -31.55 -5.03 9.45
N LEU C 198 -31.87 -4.47 8.27
CA LEU C 198 -32.04 -5.30 7.05
C LEU C 198 -30.67 -5.78 6.54
N GLU C 199 -29.66 -4.92 6.55
CA GLU C 199 -28.31 -5.35 6.13
C GLU C 199 -27.85 -6.50 7.04
N SER C 200 -28.06 -6.38 8.34
CA SER C 200 -27.67 -7.44 9.31
C SER C 200 -28.36 -8.74 8.94
N LEU C 201 -29.64 -8.68 8.59
CA LEU C 201 -30.39 -9.89 8.22
C LEU C 201 -29.77 -10.52 6.99
N GLY C 202 -29.29 -9.69 6.07
CA GLY C 202 -28.63 -10.21 4.86
C GLY C 202 -27.37 -10.98 5.23
N TYR C 203 -26.63 -10.55 6.24
CA TYR C 203 -25.45 -11.32 6.71
C TYR C 203 -25.93 -12.60 7.40
N VAL C 204 -27.03 -12.53 8.13
CA VAL C 204 -27.60 -13.76 8.78
C VAL C 204 -27.93 -14.79 7.70
N LEU C 205 -28.57 -14.37 6.62
CA LEU C 205 -28.99 -15.29 5.54
C LEU C 205 -27.76 -15.92 4.89
N MET C 206 -26.71 -15.13 4.60
CA MET C 206 -25.49 -15.68 3.98
C MET C 206 -24.72 -16.55 5.00
N TYR C 207 -24.81 -16.23 6.27
CA TYR C 207 -24.28 -17.06 7.37
C TYR C 207 -24.91 -18.46 7.28
N PHE C 208 -26.23 -18.53 7.13
CA PHE C 208 -26.98 -19.82 7.06
C PHE C 208 -26.55 -20.57 5.78
N ASN C 209 -26.35 -19.85 4.69
CA ASN C 209 -25.90 -20.43 3.40
C ASN C 209 -24.48 -20.98 3.51
N LEU C 210 -23.56 -20.26 4.16
CA LEU C 210 -22.10 -20.58 4.15
C LEU C 210 -21.74 -21.54 5.29
N GLY C 211 -22.42 -21.44 6.43
CA GLY C 211 -22.02 -22.11 7.68
C GLY C 211 -21.16 -21.18 8.55
N SER C 212 -20.62 -20.12 7.97
CA SER C 212 -19.83 -19.09 8.70
C SER C 212 -19.63 -17.90 7.77
N LEU C 213 -19.26 -16.77 8.31
CA LEU C 213 -18.96 -15.57 7.50
C LEU C 213 -17.45 -15.40 7.44
N PRO C 214 -16.92 -14.79 6.36
CA PRO C 214 -15.49 -14.71 6.15
C PRO C 214 -14.75 -13.87 7.19
N TRP C 215 -15.48 -13.11 8.00
CA TRP C 215 -14.89 -12.23 9.04
C TRP C 215 -15.07 -12.84 10.42
N GLN C 216 -15.45 -14.12 10.50
CA GLN C 216 -15.40 -14.92 11.76
C GLN C 216 -13.98 -15.36 12.03
N GLY C 217 -13.64 -15.54 13.30
CA GLY C 217 -12.37 -16.15 13.77
C GLY C 217 -11.16 -15.30 13.46
N LEU C 218 -11.31 -13.98 13.42
CA LEU C 218 -10.17 -13.07 13.21
C LEU C 218 -9.48 -12.84 14.56
N LYS C 219 -8.21 -13.24 14.67
CA LYS C 219 -7.39 -13.12 15.91
C LYS C 219 -7.13 -11.65 16.20
N ALA C 220 -7.34 -11.22 17.45
CA ALA C 220 -6.94 -9.88 17.94
C ALA C 220 -6.62 -9.95 19.44
N ALA C 221 -5.66 -9.13 19.88
CA ALA C 221 -5.25 -8.97 21.29
C ALA C 221 -6.40 -8.35 22.11
N THR C 222 -7.17 -7.41 21.52
CA THR C 222 -8.21 -6.62 22.23
C THR C 222 -9.53 -6.63 21.44
N LYS C 223 -10.65 -6.38 22.13
CA LYS C 223 -12.00 -6.26 21.55
C LYS C 223 -12.00 -5.16 20.47
N ARG C 224 -11.45 -3.99 20.76
CA ARG C 224 -11.48 -2.84 19.81
C ARG C 224 -10.73 -3.24 18.53
N GLN C 225 -9.62 -3.96 18.66
CA GLN C 225 -8.78 -4.43 17.53
C GLN C 225 -9.57 -5.46 16.72
N LYS C 226 -10.26 -6.34 17.44
CA LYS C 226 -11.18 -7.38 16.94
C LYS C 226 -12.24 -6.73 16.02
N TYR C 227 -12.92 -5.70 16.52
CA TYR C 227 -13.96 -4.97 15.76
C TYR C 227 -13.33 -4.42 14.49
N GLU C 228 -12.11 -3.90 14.58
CA GLU C 228 -11.44 -3.23 13.45
C GLU C 228 -11.05 -4.27 12.39
N ARG C 229 -10.58 -5.44 12.79
CA ARG C 229 -10.29 -6.52 11.83
C ARG C 229 -11.60 -6.97 11.14
N ILE C 230 -12.69 -7.07 11.88
CA ILE C 230 -14.01 -7.50 11.32
C ILE C 230 -14.46 -6.42 10.33
N SER C 231 -14.40 -5.16 10.76
CA SER C 231 -14.73 -3.97 9.93
C SER C 231 -13.94 -4.04 8.62
N GLU C 232 -12.63 -4.24 8.71
CA GLU C 232 -11.75 -4.22 7.52
C GLU C 232 -12.15 -5.37 6.58
N LYS C 233 -12.37 -6.56 7.13
CA LYS C 233 -12.71 -7.74 6.31
C LYS C 233 -14.09 -7.54 5.64
N LYS C 234 -15.07 -7.03 6.35
CA LYS C 234 -16.41 -6.73 5.76
C LYS C 234 -16.27 -5.73 4.64
N MET C 235 -15.55 -4.66 4.86
CA MET C 235 -15.44 -3.56 3.89
C MET C 235 -14.59 -3.98 2.69
N SER C 236 -13.81 -5.03 2.79
CA SER C 236 -12.92 -5.49 1.71
C SER C 236 -13.47 -6.74 1.03
N THR C 237 -14.58 -7.28 1.51
CA THR C 237 -15.25 -8.45 0.89
C THR C 237 -16.39 -7.98 0.03
N PRO C 238 -16.22 -7.98 -1.31
CA PRO C 238 -17.31 -7.60 -2.20
C PRO C 238 -18.53 -8.50 -1.95
N ILE C 239 -19.71 -7.93 -2.08
CA ILE C 239 -20.96 -8.70 -1.90
C ILE C 239 -20.96 -9.90 -2.88
N GLU C 240 -20.47 -9.72 -4.09
CA GLU C 240 -20.49 -10.78 -5.14
CA GLU C 240 -20.50 -10.79 -5.12
C GLU C 240 -19.53 -11.91 -4.74
N VAL C 241 -18.49 -11.60 -3.96
CA VAL C 241 -17.54 -12.64 -3.45
C VAL C 241 -18.18 -13.32 -2.24
N LEU C 242 -18.77 -12.57 -1.32
CA LEU C 242 -19.49 -13.17 -0.15
C LEU C 242 -20.54 -14.17 -0.64
N CYS C 243 -21.28 -13.81 -1.70
CA CYS C 243 -22.48 -14.53 -2.18
C CYS C 243 -22.17 -15.47 -3.34
N LYS C 244 -20.90 -15.64 -3.69
CA LYS C 244 -20.46 -16.46 -4.85
C LYS C 244 -21.00 -17.89 -4.70
N GLY C 245 -21.63 -18.41 -5.75
CA GLY C 245 -22.17 -19.79 -5.81
C GLY C 245 -23.53 -19.93 -5.14
N TYR C 246 -24.13 -18.82 -4.71
CA TYR C 246 -25.51 -18.77 -4.17
C TYR C 246 -26.38 -17.97 -5.09
N PRO C 247 -27.71 -18.19 -5.07
CA PRO C 247 -28.61 -17.38 -5.89
C PRO C 247 -28.33 -15.89 -5.79
N SER C 248 -28.35 -15.21 -6.94
CA SER C 248 -28.03 -13.76 -7.05
C SER C 248 -28.89 -12.94 -6.08
N GLU C 249 -30.07 -13.43 -5.70
CA GLU C 249 -31.00 -12.70 -4.80
C GLU C 249 -30.30 -12.30 -3.49
N PHE C 250 -29.44 -13.13 -2.95
CA PHE C 250 -28.72 -12.82 -1.68
C PHE C 250 -27.84 -11.58 -1.88
N ALA C 251 -27.17 -11.50 -3.04
CA ALA C 251 -26.32 -10.35 -3.40
C ALA C 251 -27.22 -9.13 -3.69
N THR C 252 -28.31 -9.31 -4.43
CA THR C 252 -29.23 -8.18 -4.78
C THR C 252 -29.78 -7.59 -3.49
N TYR C 253 -30.16 -8.44 -2.55
CA TYR C 253 -30.69 -8.04 -1.23
C TYR C 253 -29.66 -7.17 -0.52
N LEU C 254 -28.42 -7.63 -0.42
CA LEU C 254 -27.38 -6.90 0.34
C LEU C 254 -27.05 -5.58 -0.37
N ASN C 255 -26.97 -5.59 -1.69
CA ASN C 255 -26.71 -4.38 -2.48
C ASN C 255 -27.82 -3.34 -2.25
N PHE C 256 -29.05 -3.78 -2.23
CA PHE C 256 -30.21 -2.90 -1.98
C PHE C 256 -30.08 -2.27 -0.59
N CYS C 257 -29.86 -3.07 0.46
CA CYS C 257 -29.71 -2.54 1.84
C CYS C 257 -28.54 -1.54 1.92
N ARG C 258 -27.42 -1.82 1.26
CA ARG C 258 -26.20 -0.98 1.32
C ARG C 258 -26.44 0.33 0.55
N SER C 259 -27.40 0.35 -0.36
CA SER C 259 -27.76 1.55 -1.15
C SER C 259 -28.73 2.46 -0.41
N LEU C 260 -29.42 1.99 0.61
CA LEU C 260 -30.45 2.78 1.31
C LEU C 260 -29.81 3.99 1.98
N ARG C 261 -30.45 5.13 1.88
CA ARG C 261 -30.07 6.34 2.61
C ARG C 261 -30.49 6.21 4.05
N PHE C 262 -29.85 6.98 4.93
CA PHE C 262 -30.00 6.87 6.38
C PHE C 262 -31.49 6.85 6.75
N ASP C 263 -32.30 7.76 6.21
CA ASP C 263 -33.71 7.90 6.65
C ASP C 263 -34.68 7.23 5.67
N ASP C 264 -34.17 6.50 4.67
CA ASP C 264 -35.04 5.84 3.65
C ASP C 264 -35.93 4.81 4.34
N LYS C 265 -37.19 4.73 3.94
CA LYS C 265 -38.08 3.57 4.21
C LYS C 265 -37.68 2.45 3.26
N PRO C 266 -37.21 1.31 3.77
CA PRO C 266 -36.89 0.18 2.94
C PRO C 266 -38.12 -0.31 2.17
N ASP C 267 -37.91 -0.79 0.96
CA ASP C 267 -38.97 -1.49 0.19
C ASP C 267 -39.01 -2.94 0.64
N TYR C 268 -39.61 -3.21 1.78
CA TYR C 268 -39.70 -4.57 2.37
C TYR C 268 -40.37 -5.52 1.37
N SER C 269 -41.39 -5.04 0.64
CA SER C 269 -42.16 -5.85 -0.32
CA SER C 269 -42.17 -5.85 -0.33
C SER C 269 -41.26 -6.31 -1.47
N TYR C 270 -40.41 -5.43 -1.94
CA TYR C 270 -39.41 -5.73 -2.98
C TYR C 270 -38.48 -6.83 -2.47
N LEU C 271 -37.98 -6.68 -1.25
CA LEU C 271 -37.02 -7.66 -0.66
C LEU C 271 -37.70 -9.03 -0.49
N ARG C 272 -38.91 -9.06 0.01
CA ARG C 272 -39.68 -10.35 0.14
C ARG C 272 -39.93 -10.93 -1.25
N GLN C 273 -40.27 -10.09 -2.23
CA GLN C 273 -40.63 -10.57 -3.60
C GLN C 273 -39.37 -11.17 -4.26
N LEU C 274 -38.20 -10.59 -4.02
CA LEU C 274 -36.92 -11.16 -4.49
C LEU C 274 -36.84 -12.66 -4.10
N PHE C 275 -37.07 -12.97 -2.85
CA PHE C 275 -36.89 -14.33 -2.32
C PHE C 275 -38.08 -15.21 -2.74
N ARG C 276 -39.28 -14.63 -2.77
CA ARG C 276 -40.52 -15.32 -3.19
C ARG C 276 -40.38 -15.76 -4.65
N ASN C 277 -39.89 -14.89 -5.52
CA ASN C 277 -39.68 -15.20 -6.95
C ASN C 277 -38.70 -16.34 -7.07
N LEU C 278 -37.59 -16.30 -6.32
CA LEU C 278 -36.60 -17.41 -6.30
C LEU C 278 -37.26 -18.69 -5.81
N PHE C 279 -37.98 -18.59 -4.72
CA PHE C 279 -38.73 -19.72 -4.10
C PHE C 279 -39.58 -20.43 -5.18
N HIS C 280 -40.32 -19.64 -5.94
CA HIS C 280 -41.24 -20.11 -7.00
C HIS C 280 -40.42 -20.72 -8.15
N ARG C 281 -39.34 -20.07 -8.57
CA ARG C 281 -38.50 -20.57 -9.68
CA ARG C 281 -38.48 -20.56 -9.68
C ARG C 281 -37.88 -21.92 -9.28
N GLN C 282 -37.64 -22.14 -7.98
CA GLN C 282 -37.01 -23.39 -7.48
C GLN C 282 -38.05 -24.49 -7.42
N GLY C 283 -39.32 -24.16 -7.54
CA GLY C 283 -40.42 -25.14 -7.47
C GLY C 283 -40.69 -25.58 -6.05
N PHE C 284 -40.30 -24.78 -5.05
CA PHE C 284 -40.58 -25.09 -3.62
C PHE C 284 -42.05 -24.85 -3.29
N SER C 285 -42.57 -25.56 -2.30
CA SER C 285 -43.93 -25.40 -1.72
C SER C 285 -43.84 -24.62 -0.41
N TYR C 286 -44.69 -23.61 -0.27
CA TYR C 286 -44.78 -22.79 0.94
C TYR C 286 -45.59 -23.54 1.98
N ASP C 287 -44.99 -24.54 2.61
CA ASP C 287 -45.70 -25.52 3.51
C ASP C 287 -45.12 -25.45 4.91
N TYR C 288 -44.21 -24.52 5.18
CA TYR C 288 -43.54 -24.36 6.50
C TYR C 288 -42.82 -25.65 6.93
N VAL C 289 -42.43 -26.50 5.99
CA VAL C 289 -41.61 -27.70 6.35
C VAL C 289 -40.16 -27.27 6.25
N PHE C 290 -39.60 -26.95 7.39
CA PHE C 290 -38.18 -26.58 7.57
C PHE C 290 -37.36 -27.86 7.65
N ASP C 291 -36.05 -27.75 7.41
CA ASP C 291 -35.12 -28.90 7.47
C ASP C 291 -35.35 -29.69 8.77
N TRP C 292 -35.46 -29.01 9.91
CA TRP C 292 -35.55 -29.68 11.24
C TRP C 292 -36.86 -30.47 11.36
N ASN C 293 -37.91 -30.09 10.63
CA ASN C 293 -39.21 -30.79 10.66
C ASN C 293 -39.08 -32.17 10.00
N MET C 294 -38.00 -32.44 9.28
CA MET C 294 -37.81 -33.70 8.53
C MET C 294 -37.02 -34.72 9.35
N LEU C 295 -36.48 -34.33 10.50
CA LEU C 295 -35.69 -35.23 11.36
C LEU C 295 -36.61 -36.32 11.93
N LYS C 296 -36.33 -37.60 11.62
CA LYS C 296 -37.24 -38.73 11.93
C LYS C 296 -36.93 -39.24 13.34
N GLU D 4 35.31 51.04 -2.06
CA GLU D 4 36.80 51.18 -1.98
C GLU D 4 37.17 51.58 -0.55
N LEU D 5 36.87 50.71 0.42
CA LEU D 5 37.22 50.87 1.86
C LEU D 5 38.53 50.14 2.15
N ARG D 6 39.30 50.67 3.10
CA ARG D 6 40.56 50.06 3.59
C ARG D 6 40.20 49.00 4.63
N VAL D 7 40.93 47.89 4.63
CA VAL D 7 40.90 46.89 5.71
C VAL D 7 42.34 46.58 6.14
N GLY D 8 42.61 46.69 7.44
CA GLY D 8 43.96 46.87 8.01
C GLY D 8 44.69 47.99 7.30
N ASN D 9 45.97 47.82 7.07
CA ASN D 9 46.80 48.83 6.34
C ASN D 9 46.84 48.51 4.85
N ARG D 10 46.63 47.25 4.44
CA ARG D 10 47.14 46.76 3.14
C ARG D 10 46.06 46.12 2.29
N TYR D 11 44.79 46.05 2.74
CA TYR D 11 43.71 45.41 1.97
C TYR D 11 42.71 46.47 1.53
N ARG D 12 42.34 46.38 0.27
CA ARG D 12 41.24 47.18 -0.29
C ARG D 12 40.05 46.27 -0.51
N LEU D 13 38.89 46.69 -0.05
CA LEU D 13 37.63 45.94 -0.16
C LEU D 13 36.94 46.37 -1.44
N GLY D 14 36.48 45.39 -2.22
CA GLY D 14 35.64 45.57 -3.41
C GLY D 14 34.26 45.01 -3.18
N ARG D 15 33.59 44.56 -4.25
CA ARG D 15 32.16 44.20 -4.20
C ARG D 15 31.99 42.76 -3.73
N LYS D 16 30.81 42.47 -3.21
CA LYS D 16 30.43 41.13 -2.70
C LYS D 16 30.54 40.13 -3.86
N ILE D 17 31.14 38.97 -3.62
CA ILE D 17 31.26 37.89 -4.64
C ILE D 17 30.53 36.65 -4.14
N GLY D 18 30.05 36.63 -2.90
CA GLY D 18 29.19 35.53 -2.43
C GLY D 18 28.78 35.69 -0.99
N SER D 19 27.81 34.86 -0.57
CA SER D 19 27.31 34.75 0.82
C SER D 19 27.18 33.28 1.19
N GLY D 20 27.67 32.89 2.37
CA GLY D 20 27.59 31.51 2.89
C GLY D 20 26.60 31.42 4.03
N SER D 21 26.80 30.44 4.91
CA SER D 21 25.95 30.17 6.10
C SER D 21 25.94 31.38 7.05
N PHE D 22 27.06 32.12 7.10
CA PHE D 22 27.22 33.40 7.83
C PHE D 22 28.22 34.27 7.08
N GLY D 23 28.18 35.57 7.34
CA GLY D 23 29.07 36.57 6.72
C GLY D 23 28.89 36.63 5.21
N ASP D 24 29.69 37.46 4.58
CA ASP D 24 29.72 37.69 3.11
C ASP D 24 31.17 37.77 2.68
N ILE D 25 31.42 37.42 1.43
CA ILE D 25 32.77 37.33 0.82
C ILE D 25 32.87 38.45 -0.23
N TYR D 26 33.94 39.23 -0.18
CA TYR D 26 34.16 40.41 -1.03
C TYR D 26 35.44 40.21 -1.83
N LEU D 27 35.44 40.71 -3.07
CA LEU D 27 36.69 40.91 -3.79
C LEU D 27 37.55 41.86 -2.98
N GLY D 28 38.83 41.60 -2.91
CA GLY D 28 39.78 42.47 -2.25
C GLY D 28 41.07 42.52 -3.02
N THR D 29 41.92 43.49 -2.70
CA THR D 29 43.31 43.51 -3.15
C THR D 29 44.23 43.62 -1.98
N ASP D 30 45.25 42.78 -1.96
CA ASP D 30 46.45 42.97 -1.13
C ASP D 30 47.35 43.99 -1.81
N ILE D 31 47.24 45.24 -1.37
CA ILE D 31 47.99 46.43 -1.89
C ILE D 31 49.49 46.15 -1.80
N ALA D 32 49.94 45.56 -0.71
CA ALA D 32 51.38 45.45 -0.41
C ALA D 32 51.99 44.38 -1.34
N ALA D 33 51.24 43.32 -1.65
CA ALA D 33 51.72 42.14 -2.40
C ALA D 33 51.33 42.24 -3.88
N GLY D 34 50.36 43.07 -4.25
CA GLY D 34 49.84 43.11 -5.63
C GLY D 34 49.12 41.82 -6.01
N GLU D 35 48.20 41.36 -5.17
CA GLU D 35 47.47 40.09 -5.38
C GLU D 35 46.02 40.32 -5.03
N GLU D 36 45.12 39.77 -5.83
CA GLU D 36 43.68 39.75 -5.51
C GLU D 36 43.46 38.74 -4.38
N VAL D 37 42.53 39.06 -3.49
CA VAL D 37 42.19 38.22 -2.33
C VAL D 37 40.68 38.13 -2.27
N ALA D 38 40.20 37.20 -1.47
CA ALA D 38 38.81 37.15 -1.03
C ALA D 38 38.78 37.58 0.44
N ILE D 39 37.88 38.47 0.79
CA ILE D 39 37.76 39.02 2.16
C ILE D 39 36.40 38.63 2.72
N LYS D 40 36.37 37.80 3.74
CA LYS D 40 35.12 37.47 4.44
C LYS D 40 34.92 38.46 5.59
N LEU D 41 33.73 39.04 5.68
CA LEU D 41 33.29 39.94 6.76
C LEU D 41 32.17 39.28 7.55
N GLU D 42 32.23 39.40 8.86
CA GLU D 42 31.17 38.98 9.81
C GLU D 42 30.96 40.14 10.79
N CYS D 43 29.72 40.62 10.90
CA CYS D 43 29.34 41.69 11.84
CA CYS D 43 29.33 41.69 11.85
C CYS D 43 29.90 41.38 13.23
N VAL D 44 30.64 42.32 13.82
CA VAL D 44 31.26 42.19 15.16
C VAL D 44 30.17 41.81 16.20
N LYS D 45 28.98 42.36 16.04
CA LYS D 45 27.88 42.34 17.04
C LYS D 45 27.04 41.07 16.90
N THR D 46 27.38 40.19 15.98
CA THR D 46 26.60 38.95 15.72
C THR D 46 26.39 38.20 17.04
N LYS D 47 25.20 37.61 17.22
CA LYS D 47 24.83 36.85 18.43
C LYS D 47 25.68 35.57 18.52
N HIS D 48 26.00 34.96 17.37
CA HIS D 48 26.75 33.69 17.25
C HIS D 48 28.03 33.90 16.46
N PRO D 49 29.09 34.47 17.06
CA PRO D 49 30.33 34.71 16.30
C PRO D 49 30.98 33.39 15.89
N GLN D 50 31.39 33.28 14.63
CA GLN D 50 31.99 32.00 14.14
C GLN D 50 33.09 32.26 13.13
N LEU D 51 33.36 33.50 12.75
CA LEU D 51 34.42 33.76 11.73
C LEU D 51 35.76 33.35 12.31
N HIS D 52 36.06 33.76 13.54
CA HIS D 52 37.34 33.44 14.24
C HIS D 52 37.46 31.92 14.41
N ILE D 53 36.37 31.23 14.63
CA ILE D 53 36.37 29.73 14.74
C ILE D 53 36.72 29.15 13.37
N GLU D 54 36.05 29.60 12.32
CA GLU D 54 36.35 29.16 10.93
C GLU D 54 37.82 29.44 10.59
N SER D 55 38.37 30.60 10.98
CA SER D 55 39.77 30.96 10.68
C SER D 55 40.72 29.98 11.40
N LYS D 56 40.38 29.56 12.61
CA LYS D 56 41.13 28.51 13.37
C LYS D 56 41.15 27.21 12.57
N ILE D 57 40.01 26.79 12.06
CA ILE D 57 39.89 25.51 11.28
C ILE D 57 40.73 25.65 10.01
N TYR D 58 40.62 26.75 9.27
CA TYR D 58 41.44 26.99 8.05
C TYR D 58 42.92 26.94 8.42
N LYS D 59 43.32 27.57 9.54
CA LYS D 59 44.74 27.59 10.00
C LYS D 59 45.22 26.15 10.25
N MET D 60 44.40 25.36 10.89
CA MET D 60 44.65 23.94 11.18
C MET D 60 44.77 23.12 9.86
N MET D 61 44.07 23.54 8.81
CA MET D 61 44.03 22.80 7.50
C MET D 61 45.19 23.25 6.59
N GLN D 62 45.92 24.33 6.93
CA GLN D 62 46.91 24.95 6.00
C GLN D 62 47.94 23.90 5.62
N GLY D 63 48.42 23.93 4.38
CA GLY D 63 49.41 22.97 3.87
C GLY D 63 48.76 21.82 3.10
N GLY D 64 47.48 21.55 3.37
CA GLY D 64 46.64 20.66 2.55
C GLY D 64 46.58 21.14 1.11
N VAL D 65 46.69 20.22 0.19
CA VAL D 65 46.36 20.47 -1.22
C VAL D 65 44.90 20.94 -1.30
N GLY D 66 44.62 22.00 -2.07
CA GLY D 66 43.26 22.48 -2.30
C GLY D 66 42.59 22.97 -1.02
N ILE D 67 43.36 23.40 -0.04
CA ILE D 67 42.85 24.21 1.12
C ILE D 67 43.24 25.66 0.88
N PRO D 68 42.30 26.60 0.79
CA PRO D 68 42.68 27.98 0.55
C PRO D 68 43.58 28.50 1.67
N THR D 69 44.56 29.31 1.31
CA THR D 69 45.49 29.97 2.22
C THR D 69 44.73 31.10 2.92
N ILE D 70 44.82 31.14 4.23
CA ILE D 70 44.37 32.32 5.04
CA ILE D 70 44.36 32.31 5.01
C ILE D 70 45.53 33.30 5.15
N ARG D 71 45.32 34.54 4.76
CA ARG D 71 46.39 35.57 4.73
C ARG D 71 46.34 36.41 6.01
N TRP D 72 45.17 36.66 6.54
CA TRP D 72 45.02 37.60 7.69
C TRP D 72 43.66 37.44 8.32
N CYS D 73 43.65 37.51 9.65
CA CYS D 73 42.43 37.54 10.47
CA CYS D 73 42.44 37.53 10.47
C CYS D 73 42.54 38.72 11.41
N GLY D 74 41.46 39.46 11.56
CA GLY D 74 41.37 40.63 12.46
C GLY D 74 39.98 41.20 12.47
N ALA D 75 39.86 42.45 12.82
CA ALA D 75 38.58 43.16 13.01
C ALA D 75 38.80 44.60 12.57
N GLU D 76 37.94 45.10 11.69
CA GLU D 76 37.94 46.49 11.21
C GLU D 76 36.52 47.04 11.27
N GLY D 77 36.36 48.21 11.87
CA GLY D 77 35.06 48.88 12.01
C GLY D 77 34.02 47.93 12.57
N ASP D 78 32.95 47.70 11.83
CA ASP D 78 31.75 46.92 12.26
C ASP D 78 31.99 45.41 12.06
N TYR D 79 33.19 44.96 11.63
CA TYR D 79 33.39 43.60 11.08
C TYR D 79 34.59 42.88 11.70
N ASN D 80 34.41 41.57 11.92
CA ASN D 80 35.48 40.55 11.93
C ASN D 80 35.86 40.29 10.47
N VAL D 81 37.13 40.02 10.25
CA VAL D 81 37.74 39.95 8.89
C VAL D 81 38.55 38.67 8.79
N MET D 82 38.35 37.92 7.72
CA MET D 82 39.23 36.80 7.31
C MET D 82 39.58 36.99 5.83
N VAL D 83 40.85 37.21 5.57
CA VAL D 83 41.37 37.39 4.19
C VAL D 83 41.91 36.06 3.73
N MET D 84 41.48 35.62 2.57
CA MET D 84 41.96 34.37 1.99
CA MET D 84 41.82 34.32 1.95
C MET D 84 42.42 34.57 0.55
N GLU D 85 43.22 33.65 0.08
CA GLU D 85 43.54 33.44 -1.34
C GLU D 85 42.23 33.57 -2.13
N LEU D 86 42.24 34.32 -3.21
CA LEU D 86 41.11 34.35 -4.18
C LEU D 86 41.12 33.05 -4.97
N LEU D 87 39.99 32.40 -5.02
CA LEU D 87 39.83 31.17 -5.82
C LEU D 87 38.93 31.47 -6.99
N GLY D 88 38.80 30.49 -7.89
CA GLY D 88 38.02 30.64 -9.10
C GLY D 88 36.58 30.22 -8.90
N PRO D 89 35.86 29.94 -9.99
CA PRO D 89 34.46 29.62 -9.92
C PRO D 89 34.22 28.27 -9.23
N SER D 90 33.04 28.13 -8.63
CA SER D 90 32.56 26.87 -8.00
C SER D 90 32.32 25.81 -9.07
N LEU D 91 32.18 24.56 -8.65
CA LEU D 91 31.82 23.50 -9.61
C LEU D 91 30.36 23.74 -10.06
N GLU D 92 29.51 24.34 -9.24
CA GLU D 92 28.11 24.66 -9.66
C GLU D 92 28.19 25.73 -10.76
N ASP D 93 29.00 26.75 -10.56
CA ASP D 93 29.21 27.83 -11.58
C ASP D 93 29.69 27.19 -12.89
N LEU D 94 30.69 26.32 -12.83
CA LEU D 94 31.30 25.72 -14.05
C LEU D 94 30.29 24.78 -14.70
N PHE D 95 29.51 24.09 -13.90
CA PHE D 95 28.46 23.18 -14.39
C PHE D 95 27.48 24.00 -15.26
N ASN D 96 27.01 25.13 -14.73
CA ASN D 96 26.09 26.06 -15.44
C ASN D 96 26.76 26.58 -16.70
N PHE D 97 28.05 26.91 -16.62
CA PHE D 97 28.84 27.42 -17.76
C PHE D 97 28.94 26.36 -18.84
N CYS D 98 28.93 25.08 -18.47
CA CYS D 98 29.06 23.95 -19.41
C CYS D 98 27.67 23.40 -19.77
N SER D 99 26.63 24.22 -19.64
CA SER D 99 25.22 23.86 -19.97
C SER D 99 24.78 22.65 -19.15
N ARG D 100 25.24 22.56 -17.92
CA ARG D 100 24.81 21.54 -16.91
C ARG D 100 25.03 20.12 -17.48
N LYS D 101 26.09 19.94 -18.27
CA LYS D 101 26.60 18.62 -18.72
C LYS D 101 28.12 18.58 -18.55
N PHE D 102 28.62 17.62 -17.80
CA PHE D 102 30.07 17.31 -17.72
C PHE D 102 30.31 15.98 -18.47
N SER D 103 31.42 15.86 -19.17
CA SER D 103 31.93 14.58 -19.71
C SER D 103 32.24 13.64 -18.55
N LEU D 104 32.19 12.34 -18.79
CA LEU D 104 32.56 11.33 -17.82
C LEU D 104 33.99 11.62 -17.31
N LYS D 105 34.89 12.01 -18.19
CA LYS D 105 36.29 12.28 -17.82
C LYS D 105 36.35 13.39 -16.75
N THR D 106 35.66 14.50 -16.98
CA THR D 106 35.59 15.64 -16.03
C THR D 106 35.01 15.12 -14.69
N VAL D 107 33.94 14.36 -14.71
CA VAL D 107 33.33 13.84 -13.46
C VAL D 107 34.38 12.99 -12.71
N LEU D 108 35.16 12.18 -13.41
CA LEU D 108 36.17 11.30 -12.78
C LEU D 108 37.37 12.10 -12.32
N LEU D 109 37.78 13.11 -13.07
CA LEU D 109 38.88 13.98 -12.61
C LEU D 109 38.45 14.66 -11.30
N LEU D 110 37.22 15.16 -11.26
CA LEU D 110 36.70 15.85 -10.05
C LEU D 110 36.57 14.84 -8.92
N ALA D 111 36.06 13.64 -9.17
CA ALA D 111 35.81 12.66 -8.09
C ALA D 111 37.14 12.37 -7.39
N ASP D 112 38.21 12.18 -8.15
CA ASP D 112 39.54 11.85 -7.63
C ASP D 112 39.97 12.93 -6.63
N GLN D 113 39.85 14.20 -6.99
CA GLN D 113 40.33 15.31 -6.11
C GLN D 113 39.36 15.46 -4.93
N MET D 114 38.07 15.36 -5.17
CA MET D 114 37.08 15.63 -4.13
C MET D 114 37.16 14.58 -3.03
N ILE D 115 37.36 13.31 -3.38
CA ILE D 115 37.58 12.23 -2.37
C ILE D 115 38.82 12.59 -1.57
N SER D 116 39.90 13.00 -2.22
CA SER D 116 41.17 13.39 -1.55
C SER D 116 40.96 14.59 -0.63
N ARG D 117 40.18 15.60 -1.04
CA ARG D 117 39.95 16.80 -0.19
C ARG D 117 39.23 16.34 1.09
N ILE D 118 38.22 15.51 0.92
CA ILE D 118 37.42 15.02 2.07
C ILE D 118 38.35 14.18 2.97
N GLU D 119 39.16 13.32 2.41
CA GLU D 119 40.06 12.47 3.19
C GLU D 119 40.99 13.37 4.01
N TYR D 120 41.51 14.43 3.39
CA TYR D 120 42.43 15.36 4.07
C TYR D 120 41.72 15.97 5.29
N ILE D 121 40.51 16.47 5.11
CA ILE D 121 39.73 17.11 6.19
C ILE D 121 39.55 16.08 7.30
N HIS D 122 39.19 14.85 6.95
CA HIS D 122 38.99 13.78 7.95
C HIS D 122 40.30 13.53 8.70
N SER D 123 41.43 13.57 7.99
CA SER D 123 42.78 13.31 8.58
C SER D 123 43.07 14.37 9.65
N LYS D 124 42.41 15.51 9.58
CA LYS D 124 42.62 16.63 10.51
C LYS D 124 41.56 16.62 11.59
N ASN D 125 40.76 15.55 11.66
CA ASN D 125 39.84 15.24 12.78
C ASN D 125 38.50 15.97 12.58
N PHE D 126 38.23 16.49 11.40
CA PHE D 126 36.99 17.23 11.11
C PHE D 126 36.15 16.47 10.09
N ILE D 127 34.85 16.66 10.18
CA ILE D 127 33.92 16.37 9.05
C ILE D 127 33.40 17.71 8.56
N HIS D 128 33.10 17.80 7.31
CA HIS D 128 32.78 19.08 6.63
C HIS D 128 31.30 19.38 6.79
N ARG D 129 30.47 18.39 6.52
CA ARG D 129 29.01 18.39 6.72
C ARG D 129 28.29 19.28 5.71
N ASP D 130 28.95 19.90 4.76
CA ASP D 130 28.26 20.74 3.76
C ASP D 130 28.84 20.48 2.37
N VAL D 131 28.93 19.22 2.02
CA VAL D 131 29.50 18.78 0.72
C VAL D 131 28.47 19.06 -0.36
N LYS D 132 28.80 19.97 -1.27
CA LYS D 132 27.93 20.36 -2.38
C LYS D 132 28.76 21.06 -3.43
N PRO D 133 28.27 21.15 -4.66
CA PRO D 133 29.08 21.67 -5.76
C PRO D 133 29.48 23.13 -5.53
N ASP D 134 28.69 23.87 -4.75
CA ASP D 134 28.94 25.29 -4.43
C ASP D 134 30.19 25.44 -3.55
N ASN D 135 30.58 24.40 -2.83
CA ASN D 135 31.66 24.49 -1.84
C ASN D 135 32.94 23.88 -2.39
N PHE D 136 32.97 23.55 -3.68
CA PHE D 136 34.23 23.21 -4.37
C PHE D 136 34.49 24.27 -5.42
N LEU D 137 35.63 24.93 -5.33
CA LEU D 137 36.05 26.03 -6.25
C LEU D 137 37.32 25.57 -6.94
N MET D 138 37.47 25.88 -8.21
CA MET D 138 38.74 25.66 -8.93
C MET D 138 39.71 26.76 -8.49
N GLY D 139 40.99 26.45 -8.41
CA GLY D 139 42.04 27.47 -8.22
C GLY D 139 42.17 28.33 -9.45
N LEU D 140 42.96 29.38 -9.34
CA LEU D 140 43.33 30.28 -10.45
C LEU D 140 44.81 30.12 -10.74
N GLY D 141 45.21 30.52 -11.93
CA GLY D 141 46.62 30.66 -12.31
C GLY D 141 47.28 29.30 -12.30
N LYS D 142 48.39 29.17 -11.56
CA LYS D 142 49.17 27.93 -11.49
C LYS D 142 48.37 26.85 -10.75
N LYS D 143 47.34 27.23 -10.01
CA LYS D 143 46.47 26.33 -9.21
C LYS D 143 45.16 26.04 -9.96
N GLY D 144 45.08 26.35 -11.26
CA GLY D 144 43.85 26.27 -12.06
C GLY D 144 43.32 24.85 -12.25
N ASN D 145 44.16 23.84 -12.05
CA ASN D 145 43.78 22.42 -12.21
C ASN D 145 43.37 21.80 -10.86
N LEU D 146 43.41 22.57 -9.77
CA LEU D 146 43.11 22.07 -8.41
C LEU D 146 41.70 22.45 -8.01
N VAL D 147 40.98 21.48 -7.48
CA VAL D 147 39.70 21.65 -6.79
C VAL D 147 40.04 22.02 -5.36
N TYR D 148 39.51 23.14 -4.89
CA TYR D 148 39.61 23.59 -3.50
C TYR D 148 38.29 23.26 -2.83
N ILE D 149 38.34 22.99 -1.55
CA ILE D 149 37.13 22.90 -0.72
C ILE D 149 37.07 24.12 0.19
N ILE D 150 35.90 24.71 0.31
CA ILE D 150 35.65 25.92 1.13
C ILE D 150 34.50 25.65 2.09
N ASP D 151 34.14 26.67 2.86
CA ASP D 151 32.95 26.74 3.72
C ASP D 151 33.09 25.71 4.83
N PHE D 152 33.85 26.07 5.88
CA PHE D 152 34.01 25.24 7.12
C PHE D 152 33.07 25.75 8.20
N GLY D 153 32.02 26.46 7.80
CA GLY D 153 30.99 27.00 8.70
C GLY D 153 30.21 25.92 9.42
N LEU D 154 30.13 24.71 8.86
CA LEU D 154 29.34 23.61 9.49
C LEU D 154 30.27 22.50 9.95
N ALA D 155 31.57 22.67 9.79
CA ALA D 155 32.58 21.64 10.08
C ALA D 155 32.60 21.38 11.59
N LYS D 156 32.87 20.16 11.99
CA LYS D 156 32.88 19.76 13.41
C LYS D 156 33.93 18.67 13.58
N LYS D 157 34.59 18.64 14.73
CA LYS D 157 35.50 17.53 15.12
C LYS D 157 34.65 16.27 15.28
N TYR D 158 35.06 15.18 14.67
CA TYR D 158 34.37 13.88 14.81
C TYR D 158 35.18 12.97 15.73
N ARG D 159 36.41 13.37 16.10
CA ARG D 159 37.24 12.56 17.02
C ARG D 159 38.21 13.48 17.77
N ASP D 160 38.63 13.02 18.95
CA ASP D 160 39.66 13.68 19.79
C ASP D 160 40.99 13.67 19.04
N ALA D 161 41.68 14.82 18.98
CA ALA D 161 42.98 14.97 18.26
C ALA D 161 44.07 14.15 18.96
N ARG D 162 43.97 13.96 20.28
CA ARG D 162 44.95 13.19 21.11
C ARG D 162 44.72 11.68 20.90
N THR D 163 43.51 11.21 21.22
CA THR D 163 43.17 9.78 21.45
C THR D 163 42.57 9.17 20.17
N HIS D 164 42.12 10.00 19.22
CA HIS D 164 41.31 9.60 18.05
C HIS D 164 40.04 8.86 18.53
N GLN D 165 39.56 9.16 19.74
CA GLN D 165 38.23 8.71 20.24
C GLN D 165 37.11 9.40 19.45
N HIS D 166 36.28 8.60 18.78
CA HIS D 166 35.19 9.06 17.90
C HIS D 166 34.09 9.69 18.75
N ILE D 167 33.41 10.73 18.25
CA ILE D 167 32.20 11.32 18.88
C ILE D 167 31.14 10.22 19.01
N PRO D 168 30.29 10.29 20.04
CA PRO D 168 29.29 9.27 20.27
C PRO D 168 28.18 9.33 19.19
N TYR D 169 27.61 8.17 18.90
CA TYR D 169 26.36 8.00 18.13
C TYR D 169 25.23 8.79 18.82
N ARG D 170 24.52 9.62 18.07
CA ARG D 170 23.30 10.31 18.51
C ARG D 170 22.31 10.29 17.35
N GLU D 171 21.02 10.24 17.64
CA GLU D 171 19.93 9.95 16.68
C GLU D 171 18.87 11.03 16.77
N ASN D 172 19.21 12.19 17.35
CA ASN D 172 18.23 13.27 17.63
C ASN D 172 18.76 14.61 17.11
N LYS D 173 19.65 14.58 16.12
CA LYS D 173 20.20 15.80 15.49
C LYS D 173 19.13 16.38 14.55
N ASN D 174 19.12 17.69 14.36
CA ASN D 174 18.31 18.36 13.31
C ASN D 174 19.11 18.27 12.01
N LEU D 175 18.45 18.42 10.87
CA LEU D 175 19.14 18.41 9.56
C LEU D 175 20.14 19.57 9.55
N THR D 176 21.41 19.28 9.31
CA THR D 176 22.47 20.31 9.10
C THR D 176 23.10 20.04 7.74
N GLY D 177 23.38 21.11 7.00
CA GLY D 177 23.89 21.05 5.64
C GLY D 177 22.80 21.34 4.64
N THR D 178 22.98 20.84 3.42
CA THR D 178 22.13 21.14 2.26
C THR D 178 21.28 19.91 1.96
N ALA D 179 19.97 20.08 1.92
CA ALA D 179 18.99 18.98 1.84
C ALA D 179 19.25 18.16 0.57
N ARG D 180 19.54 18.81 -0.56
CA ARG D 180 19.67 18.10 -1.86
C ARG D 180 20.76 17.04 -1.76
N TYR D 181 21.84 17.29 -1.04
CA TYR D 181 23.03 16.40 -1.02
C TYR D 181 23.17 15.67 0.30
N ALA D 182 22.29 15.93 1.28
CA ALA D 182 22.40 15.32 2.62
C ALA D 182 22.32 13.79 2.49
N SER D 183 23.07 13.11 3.32
CA SER D 183 23.03 11.63 3.47
C SER D 183 21.66 11.21 3.99
N ILE D 184 21.26 9.98 3.71
CA ILE D 184 20.02 9.40 4.27
C ILE D 184 20.11 9.43 5.80
N ASN D 185 21.27 9.07 6.38
CA ASN D 185 21.50 9.13 7.85
C ASN D 185 21.16 10.53 8.38
N THR D 186 21.62 11.58 7.72
CA THR D 186 21.35 12.97 8.12
C THR D 186 19.83 13.24 8.11
N HIS D 187 19.11 12.78 7.09
CA HIS D 187 17.63 12.96 7.00
C HIS D 187 16.94 12.25 8.18
N LEU D 188 17.50 11.14 8.63
CA LEU D 188 16.94 10.35 9.75
C LEU D 188 17.27 11.00 11.10
N GLY D 189 18.10 12.04 11.12
CA GLY D 189 18.47 12.79 12.32
C GLY D 189 19.65 12.15 13.03
N ILE D 190 20.42 11.29 12.36
CA ILE D 190 21.65 10.66 12.92
C ILE D 190 22.82 11.61 12.80
N GLU D 191 23.64 11.66 13.84
CA GLU D 191 24.92 12.42 13.90
C GLU D 191 25.72 12.16 12.62
N GLN D 192 26.24 13.20 12.00
CA GLN D 192 27.12 13.06 10.80
C GLN D 192 28.47 12.51 11.24
N SER D 193 29.07 11.68 10.40
CA SER D 193 30.42 11.17 10.59
C SER D 193 31.09 11.13 9.21
N ARG D 194 32.24 10.49 9.11
CA ARG D 194 33.07 10.52 7.89
C ARG D 194 32.25 9.98 6.69
N ARG D 195 31.46 8.94 6.91
CA ARG D 195 30.67 8.27 5.85
C ARG D 195 29.73 9.29 5.16
N ASP D 196 29.21 10.27 5.90
CA ASP D 196 28.16 11.18 5.40
C ASP D 196 28.76 12.17 4.40
N ASP D 197 29.97 12.65 4.66
CA ASP D 197 30.65 13.55 3.70
C ASP D 197 30.82 12.77 2.37
N LEU D 198 31.16 11.49 2.44
CA LEU D 198 31.44 10.68 1.24
C LEU D 198 30.12 10.33 0.54
N GLU D 199 29.07 10.02 1.27
CA GLU D 199 27.75 9.74 0.64
C GLU D 199 27.30 11.01 -0.09
N SER D 200 27.42 12.17 0.53
CA SER D 200 27.02 13.45 -0.09
C SER D 200 27.81 13.64 -1.40
N LEU D 201 29.10 13.35 -1.40
CA LEU D 201 29.93 13.48 -2.63
C LEU D 201 29.38 12.55 -3.69
N GLY D 202 28.91 11.37 -3.31
CA GLY D 202 28.31 10.45 -4.26
C GLY D 202 27.07 11.04 -4.91
N TYR D 203 26.27 11.79 -4.16
CA TYR D 203 25.09 12.49 -4.75
C TYR D 203 25.58 13.62 -5.65
N VAL D 204 26.65 14.30 -5.26
CA VAL D 204 27.21 15.39 -6.10
C VAL D 204 27.65 14.80 -7.44
N LEU D 205 28.33 13.67 -7.43
CA LEU D 205 28.84 13.02 -8.66
C LEU D 205 27.67 12.62 -9.57
N MET D 206 26.61 12.05 -9.01
CA MET D 206 25.45 11.64 -9.83
C MET D 206 24.69 12.88 -10.28
N TYR D 207 24.67 13.95 -9.49
CA TYR D 207 24.11 15.26 -9.88
C TYR D 207 24.81 15.74 -11.15
N PHE D 208 26.14 15.68 -11.20
CA PHE D 208 26.94 16.12 -12.37
C PHE D 208 26.62 15.23 -13.58
N ASN D 209 26.45 13.93 -13.34
CA ASN D 209 26.09 12.96 -14.41
C ASN D 209 24.68 13.24 -14.97
N LEU D 210 23.70 13.53 -14.11
CA LEU D 210 22.26 13.58 -14.49
C LEU D 210 21.85 15.00 -14.92
N GLY D 211 22.48 16.04 -14.37
CA GLY D 211 22.04 17.44 -14.51
C GLY D 211 21.13 17.84 -13.37
N SER D 212 20.57 16.89 -12.64
CA SER D 212 19.70 17.14 -11.47
C SER D 212 19.49 15.82 -10.74
N LEU D 213 19.05 15.88 -9.51
CA LEU D 213 18.74 14.66 -8.73
C LEU D 213 17.23 14.48 -8.70
N PRO D 214 16.74 13.23 -8.57
CA PRO D 214 15.31 12.97 -8.65
C PRO D 214 14.51 13.58 -7.51
N TRP D 215 15.17 14.06 -6.46
CA TRP D 215 14.51 14.67 -5.28
C TRP D 215 14.63 16.19 -5.32
N GLN D 216 15.04 16.75 -6.43
CA GLN D 216 14.93 18.21 -6.72
C GLN D 216 13.53 18.55 -7.17
N GLY D 217 13.10 19.79 -6.92
CA GLY D 217 11.82 20.35 -7.40
C GLY D 217 10.61 19.70 -6.75
N LEU D 218 10.75 19.21 -5.53
CA LEU D 218 9.61 18.58 -4.82
C LEU D 218 8.81 19.71 -4.16
N LYS D 219 7.54 19.86 -4.55
CA LYS D 219 6.61 20.88 -4.03
C LYS D 219 6.30 20.57 -2.56
N ALA D 220 6.36 21.59 -1.70
CA ALA D 220 5.90 21.50 -0.30
C ALA D 220 5.42 22.87 0.19
N ALA D 221 4.43 22.88 1.09
CA ALA D 221 3.89 24.09 1.74
C ALA D 221 4.94 24.70 2.68
N THR D 222 5.75 23.87 3.35
CA THR D 222 6.72 24.30 4.40
C THR D 222 8.11 23.67 4.16
N LYS D 223 9.15 24.28 4.72
CA LYS D 223 10.55 23.78 4.70
C LYS D 223 10.60 22.37 5.31
N ARG D 224 9.97 22.17 6.47
CA ARG D 224 10.02 20.87 7.21
C ARG D 224 9.42 19.78 6.30
N GLN D 225 8.34 20.11 5.60
CA GLN D 225 7.62 19.17 4.70
C GLN D 225 8.52 18.89 3.49
N LYS D 226 9.21 19.92 2.97
CA LYS D 226 10.15 19.80 1.85
C LYS D 226 11.28 18.83 2.24
N TYR D 227 11.89 18.98 3.41
CA TYR D 227 12.94 18.06 3.90
C TYR D 227 12.39 16.63 3.89
N GLU D 228 11.16 16.46 4.36
CA GLU D 228 10.54 15.12 4.50
C GLU D 228 10.28 14.53 3.12
N ARG D 229 9.82 15.31 2.15
CA ARG D 229 9.61 14.82 0.77
C ARG D 229 10.97 14.42 0.17
N ILE D 230 12.02 15.20 0.41
CA ILE D 230 13.37 14.88 -0.13
C ILE D 230 13.84 13.58 0.52
N SER D 231 13.73 13.50 1.85
CA SER D 231 14.08 12.30 2.64
C SER D 231 13.37 11.07 2.04
N GLU D 232 12.07 11.18 1.82
CA GLU D 232 11.20 10.08 1.33
C GLU D 232 11.71 9.64 -0.04
N LYS D 233 11.95 10.59 -0.93
CA LYS D 233 12.36 10.31 -2.32
C LYS D 233 13.74 9.63 -2.32
N LYS D 234 14.67 10.14 -1.52
CA LYS D 234 16.03 9.52 -1.40
C LYS D 234 15.92 8.09 -0.92
N MET D 235 15.14 7.86 0.11
CA MET D 235 15.06 6.55 0.75
C MET D 235 14.32 5.56 -0.15
N SER D 236 13.50 6.05 -1.08
CA SER D 236 12.66 5.18 -1.93
C SER D 236 13.26 5.03 -3.34
N THR D 237 14.36 5.72 -3.64
CA THR D 237 15.06 5.62 -4.93
C THR D 237 16.23 4.66 -4.77
N PRO D 238 16.13 3.44 -5.30
CA PRO D 238 17.24 2.50 -5.23
C PRO D 238 18.46 3.12 -5.90
N ILE D 239 19.65 2.82 -5.38
CA ILE D 239 20.91 3.35 -5.94
C ILE D 239 20.99 2.89 -7.41
N GLU D 240 20.55 1.68 -7.71
CA GLU D 240 20.67 1.13 -9.10
C GLU D 240 19.72 1.90 -10.03
N VAL D 241 18.65 2.48 -9.52
CA VAL D 241 17.72 3.34 -10.31
C VAL D 241 18.32 4.75 -10.44
N LEU D 242 18.83 5.32 -9.35
CA LEU D 242 19.54 6.64 -9.39
C LEU D 242 20.64 6.60 -10.46
N CYS D 243 21.40 5.52 -10.52
CA CYS D 243 22.65 5.39 -11.29
C CYS D 243 22.43 4.67 -12.62
N LYS D 244 21.18 4.37 -12.98
CA LYS D 244 20.83 3.65 -14.24
C LYS D 244 21.40 4.43 -15.43
N GLY D 245 22.08 3.74 -16.33
CA GLY D 245 22.65 4.30 -17.56
C GLY D 245 24.04 4.86 -17.35
N TYR D 246 24.59 4.79 -16.13
CA TYR D 246 25.93 5.31 -15.79
C TYR D 246 26.83 4.18 -15.38
N PRO D 247 28.15 4.36 -15.46
CA PRO D 247 29.07 3.31 -15.03
C PRO D 247 28.73 2.81 -13.63
N SER D 248 28.80 1.50 -13.44
CA SER D 248 28.46 0.81 -12.18
C SER D 248 29.22 1.43 -10.99
N GLU D 249 30.37 2.04 -11.25
CA GLU D 249 31.25 2.59 -10.19
C GLU D 249 30.48 3.61 -9.33
N PHE D 250 29.59 4.39 -9.93
CA PHE D 250 28.83 5.42 -9.19
C PHE D 250 27.90 4.73 -8.19
N ALA D 251 27.32 3.61 -8.58
CA ALA D 251 26.43 2.81 -7.71
C ALA D 251 27.28 2.10 -6.64
N THR D 252 28.41 1.52 -7.04
CA THR D 252 29.32 0.80 -6.09
C THR D 252 29.79 1.79 -5.02
N TYR D 253 30.15 2.99 -5.44
CA TYR D 253 30.58 4.08 -4.52
C TYR D 253 29.48 4.35 -3.50
N LEU D 254 28.26 4.58 -3.95
CA LEU D 254 27.16 4.95 -3.04
C LEU D 254 26.80 3.77 -2.11
N ASN D 255 26.81 2.55 -2.62
CA ASN D 255 26.54 1.34 -1.83
C ASN D 255 27.60 1.19 -0.72
N PHE D 256 28.85 1.42 -1.04
CA PHE D 256 29.96 1.36 -0.09
C PHE D 256 29.73 2.39 1.02
N CYS D 257 29.47 3.65 0.68
CA CYS D 257 29.25 4.73 1.70
C CYS D 257 28.05 4.38 2.58
N ARG D 258 26.96 3.85 1.99
CA ARG D 258 25.72 3.56 2.73
C ARG D 258 25.95 2.36 3.66
N SER D 259 26.94 1.52 3.39
CA SER D 259 27.29 0.35 4.21
C SER D 259 28.19 0.72 5.39
N LEU D 260 28.84 1.87 5.38
CA LEU D 260 29.82 2.24 6.43
C LEU D 260 29.10 2.37 7.75
N ARG D 261 29.72 1.84 8.80
CA ARG D 261 29.27 2.05 10.18
C ARG D 261 29.63 3.45 10.61
N PHE D 262 28.93 3.94 11.63
CA PHE D 262 29.01 5.32 12.10
C PHE D 262 30.48 5.70 12.32
N ASP D 263 31.26 4.85 12.97
CA ASP D 263 32.64 5.25 13.37
CA ASP D 263 32.65 5.14 13.42
C ASP D 263 33.68 4.64 12.40
N ASP D 264 33.24 3.98 11.32
CA ASP D 264 34.16 3.32 10.37
C ASP D 264 35.07 4.38 9.73
N LYS D 265 36.34 4.07 9.58
CA LYS D 265 37.25 4.79 8.66
C LYS D 265 36.95 4.36 7.24
N PRO D 266 36.51 5.28 6.36
CA PRO D 266 36.27 4.94 4.98
C PRO D 266 37.57 4.45 4.31
N ASP D 267 37.45 3.50 3.40
CA ASP D 267 38.56 3.10 2.53
C ASP D 267 38.63 4.08 1.36
N TYR D 268 39.21 5.25 1.57
CA TYR D 268 39.30 6.32 0.57
C TYR D 268 40.04 5.79 -0.68
N SER D 269 41.08 4.98 -0.47
CA SER D 269 41.93 4.43 -1.55
C SER D 269 41.09 3.54 -2.46
N TYR D 270 40.25 2.71 -1.86
CA TYR D 270 39.29 1.84 -2.59
C TYR D 270 38.40 2.71 -3.47
N LEU D 271 37.82 3.76 -2.91
CA LEU D 271 36.85 4.64 -3.61
C LEU D 271 37.56 5.38 -4.76
N ARG D 272 38.77 5.88 -4.54
CA ARG D 272 39.56 6.55 -5.63
C ARG D 272 39.90 5.49 -6.68
N GLN D 273 40.29 4.28 -6.27
CA GLN D 273 40.75 3.22 -7.23
C GLN D 273 39.55 2.78 -8.10
N LEU D 274 38.37 2.74 -7.54
CA LEU D 274 37.10 2.47 -8.28
C LEU D 274 37.02 3.41 -9.51
N PHE D 275 37.21 4.68 -9.30
CA PHE D 275 37.05 5.69 -10.37
C PHE D 275 38.28 5.68 -11.29
N ARG D 276 39.47 5.47 -10.71
CA ARG D 276 40.74 5.43 -11.45
C ARG D 276 40.72 4.24 -12.43
N ASN D 277 40.23 3.08 -11.98
CA ASN D 277 40.11 1.87 -12.83
C ASN D 277 39.17 2.19 -13.99
N LEU D 278 38.03 2.83 -13.72
CA LEU D 278 37.07 3.23 -14.76
C LEU D 278 37.74 4.20 -15.73
N PHE D 279 38.42 5.22 -15.18
CA PHE D 279 39.16 6.23 -15.95
C PHE D 279 40.07 5.53 -16.97
N HIS D 280 40.82 4.56 -16.49
CA HIS D 280 41.80 3.79 -17.29
C HIS D 280 41.07 2.93 -18.34
N ARG D 281 40.00 2.24 -17.96
CA ARG D 281 39.22 1.41 -18.89
C ARG D 281 38.62 2.29 -20.01
N GLN D 282 38.31 3.54 -19.72
CA GLN D 282 37.72 4.48 -20.72
C GLN D 282 38.80 5.01 -21.66
N GLY D 283 40.07 4.79 -21.33
CA GLY D 283 41.20 5.27 -22.15
C GLY D 283 41.44 6.76 -21.97
N PHE D 284 40.97 7.36 -20.88
CA PHE D 284 41.18 8.80 -20.60
C PHE D 284 42.63 9.04 -20.17
N SER D 285 43.11 10.25 -20.42
CA SER D 285 44.44 10.77 -20.04
C SER D 285 44.29 11.69 -18.80
N TYR D 286 45.11 11.48 -17.77
CA TYR D 286 45.10 12.29 -16.55
C TYR D 286 45.90 13.57 -16.79
N ASP D 287 45.30 14.52 -17.52
CA ASP D 287 45.98 15.74 -18.05
C ASP D 287 45.33 17.00 -17.46
N TYR D 288 44.39 16.85 -16.54
CA TYR D 288 43.65 17.98 -15.91
C TYR D 288 42.91 18.83 -16.97
N VAL D 289 42.61 18.29 -18.13
CA VAL D 289 41.81 19.04 -19.14
C VAL D 289 40.36 18.74 -18.85
N PHE D 290 39.73 19.64 -18.13
CA PHE D 290 38.30 19.59 -17.78
C PHE D 290 37.51 20.15 -18.96
N ASP D 291 36.21 19.84 -19.03
CA ASP D 291 35.34 20.32 -20.13
C ASP D 291 35.51 21.82 -20.33
N TRP D 292 35.53 22.61 -19.26
CA TRP D 292 35.59 24.08 -19.35
C TRP D 292 36.92 24.55 -19.97
N ASN D 293 37.97 23.76 -19.87
CA ASN D 293 39.30 24.14 -20.45
C ASN D 293 39.24 24.05 -21.99
N MET D 294 38.19 23.47 -22.55
CA MET D 294 38.06 23.27 -24.02
CA MET D 294 38.08 23.27 -24.02
C MET D 294 37.24 24.40 -24.65
N LEU D 295 36.65 25.27 -23.83
CA LEU D 295 35.82 26.41 -24.33
C LEU D 295 36.74 27.39 -25.08
N LYS D 296 36.47 27.64 -26.36
CA LYS D 296 37.30 28.51 -27.24
C LYS D 296 36.41 29.18 -28.28
N SEP E 1 1.24 -11.20 15.36
CA SEP E 1 -0.09 -10.78 14.87
CB SEP E 1 -0.29 -9.29 14.95
OG SEP E 1 0.71 -8.77 15.82
C SEP E 1 -0.26 -11.23 13.44
O SEP E 1 0.70 -11.16 12.64
P SEP E 1 0.73 -7.21 16.10
O1P SEP E 1 1.62 -6.59 15.04
O2P SEP E 1 -0.73 -6.72 16.01
O3P SEP E 1 1.33 -7.12 17.50
N SER E 2 -1.48 -11.61 13.10
CA SER E 2 -1.79 -12.22 11.82
C SER E 2 -1.37 -11.28 10.69
N ALA E 3 -1.64 -10.00 10.84
CA ALA E 3 -1.43 -8.97 9.78
C ALA E 3 0.03 -8.93 9.33
N SEP E 4 0.97 -9.16 10.28
CA SEP E 4 2.38 -9.04 9.95
CB SEP E 4 3.10 -8.25 11.03
OG SEP E 4 3.04 -8.98 12.24
C SEP E 4 3.02 -10.39 9.72
O SEP E 4 4.15 -10.46 9.21
P SEP E 4 4.00 -8.55 13.43
O1P SEP E 4 3.57 -7.17 13.82
O2P SEP E 4 5.42 -8.55 12.99
O3P SEP E 4 3.67 -9.62 14.50
N THR E 5 2.32 -11.50 10.05
CA THR E 5 2.93 -12.82 9.93
C THR E 5 2.23 -13.65 8.87
N VAL E 6 1.05 -13.24 8.40
CA VAL E 6 0.27 -14.01 7.38
C VAL E 6 0.74 -13.56 5.99
N SEP E 7 1.17 -14.50 5.17
CA SEP E 7 1.59 -14.19 3.81
CB SEP E 7 2.26 -15.36 3.22
OG SEP E 7 1.39 -16.46 3.27
C SEP E 7 0.38 -13.70 2.98
O SEP E 7 -0.75 -14.12 3.20
P SEP E 7 1.63 -17.62 4.36
O1P SEP E 7 3.10 -17.92 4.61
O2P SEP E 7 0.99 -17.07 5.56
O3P SEP E 7 0.97 -18.80 3.69
N VAL E 8 0.64 -12.74 2.09
CA VAL E 8 -0.40 -12.17 1.25
C VAL E 8 0.07 -12.28 -0.19
N GLY E 9 -0.86 -12.23 -1.15
CA GLY E 9 -0.57 -12.45 -2.59
C GLY E 9 -0.88 -13.89 -3.01
N SER E 10 -0.52 -14.27 -4.23
CA SER E 10 -0.73 -15.63 -4.81
C SER E 10 0.44 -16.00 -5.75
N SEP F 1 -2.29 17.69 -5.75
CA SEP F 1 -1.00 17.02 -5.39
CB SEP F 1 -1.10 16.44 -4.01
OG SEP F 1 -1.58 17.47 -3.19
C SEP F 1 -0.66 15.97 -6.40
O SEP F 1 -1.53 15.19 -6.81
P SEP F 1 -2.02 17.13 -1.72
O1P SEP F 1 -2.86 18.33 -1.30
O2P SEP F 1 -0.69 17.01 -0.95
O3P SEP F 1 -2.82 15.78 -1.78
N SER F 2 0.63 15.95 -6.78
CA SER F 2 1.17 14.97 -7.70
C SER F 2 0.76 13.57 -7.25
N ALA F 3 0.92 13.27 -5.97
CA ALA F 3 0.77 11.91 -5.41
C ALA F 3 -0.61 11.35 -5.75
N SEP F 4 -1.63 12.22 -5.72
CA SEP F 4 -3.01 11.76 -5.86
CB SEP F 4 -3.89 12.45 -4.85
OG SEP F 4 -3.86 13.84 -5.08
C SEP F 4 -3.53 11.90 -7.29
O SEP F 4 -4.55 11.29 -7.64
P SEP F 4 -4.91 14.77 -4.33
O1P SEP F 4 -4.65 16.13 -4.89
O2P SEP F 4 -6.32 14.26 -4.71
O3P SEP F 4 -4.66 14.66 -2.85
N THR F 5 -2.81 12.69 -8.12
CA THR F 5 -3.33 12.99 -9.45
C THR F 5 -2.47 12.37 -10.54
N VAL F 6 -1.27 11.90 -10.22
CA VAL F 6 -0.35 11.25 -11.19
C VAL F 6 -0.80 9.81 -11.37
N SEP F 7 -0.98 9.38 -12.62
CA SEP F 7 -1.37 8.02 -12.84
CB SEP F 7 -1.95 7.82 -14.21
OG SEP F 7 -1.03 8.30 -15.19
C SEP F 7 -0.15 7.11 -12.58
O SEP F 7 1.00 7.56 -12.64
P SEP F 7 -1.36 9.64 -15.90
O1P SEP F 7 -0.59 9.62 -17.12
O2P SEP F 7 -0.93 10.72 -14.89
O3P SEP F 7 -2.85 9.70 -16.20
N VAL F 8 -0.46 5.89 -12.16
CA VAL F 8 0.54 4.92 -11.81
C VAL F 8 0.34 3.75 -12.76
N GLY F 9 1.43 3.20 -13.26
CA GLY F 9 1.43 1.96 -14.06
C GLY F 9 1.25 2.23 -15.54
N SER F 10 1.11 3.50 -15.94
CA SER F 10 0.73 3.91 -17.33
C SER F 10 1.82 3.47 -18.29
N SER F 11 1.47 2.59 -19.24
CA SER F 11 2.33 2.13 -20.35
C SER F 11 1.52 1.17 -21.22
N TYR F 12 1.90 1.03 -22.48
CA TYR F 12 1.17 0.26 -23.51
C TYR F 12 1.79 -1.14 -23.64
N SEP G 1 -16.68 -16.85 18.66
CA SEP G 1 -16.00 -16.29 19.87
CB SEP G 1 -14.65 -15.73 19.50
OG SEP G 1 -13.98 -16.70 18.69
C SEP G 1 -16.89 -15.23 20.52
O SEP G 1 -17.67 -14.58 19.83
P SEP G 1 -13.00 -16.21 17.52
O1P SEP G 1 -13.68 -15.03 16.84
O2P SEP G 1 -11.70 -15.81 18.20
O3P SEP G 1 -12.84 -17.42 16.59
N SER G 2 -16.76 -15.09 21.84
CA SER G 2 -17.57 -14.14 22.59
C SER G 2 -17.36 -12.74 22.03
N ALA G 3 -16.11 -12.37 21.70
CA ALA G 3 -15.75 -11.02 21.23
C ALA G 3 -16.63 -10.61 20.04
N SEP G 4 -16.90 -11.56 19.13
CA SEP G 4 -17.54 -11.24 17.85
CB SEP G 4 -16.82 -11.94 16.75
OG SEP G 4 -17.03 -13.34 16.92
C SEP G 4 -19.04 -11.58 17.84
O SEP G 4 -19.73 -11.25 16.88
P SEP G 4 -16.75 -14.28 15.70
O1P SEP G 4 -17.67 -13.76 14.60
O2P SEP G 4 -17.12 -15.69 16.19
O3P SEP G 4 -15.29 -14.15 15.36
N THR G 5 -19.57 -12.22 18.93
CA THR G 5 -20.96 -12.68 18.97
C THR G 5 -21.72 -12.13 20.21
N VAL G 6 -21.02 -11.66 21.25
CA VAL G 6 -21.63 -10.95 22.42
C VAL G 6 -22.01 -9.53 21.98
N SEP G 7 -23.29 -9.19 22.12
CA SEP G 7 -23.75 -7.84 21.79
CB SEP G 7 -25.27 -7.76 21.75
OG SEP G 7 -25.80 -8.11 23.06
C SEP G 7 -23.16 -6.82 22.77
O SEP G 7 -22.97 -7.10 23.95
P SEP G 7 -26.68 -9.48 23.21
O1P SEP G 7 -26.86 -10.00 21.79
O2P SEP G 7 -25.85 -10.43 24.08
O3P SEP G 7 -27.99 -9.04 23.87
N VAL G 8 -22.84 -5.64 22.24
CA VAL G 8 -22.31 -4.55 23.03
C VAL G 8 -23.16 -3.31 22.72
N GLY G 9 -23.08 -2.29 23.59
CA GLY G 9 -23.80 -1.01 23.46
C GLY G 9 -24.67 -0.73 24.68
N SEP H 1 15.89 25.82 -5.79
CA SEP H 1 15.06 26.36 -4.67
CB SEP H 1 13.88 25.46 -4.42
OG SEP H 1 13.23 25.22 -5.68
C SEP H 1 15.92 26.50 -3.42
O SEP H 1 16.56 25.53 -3.00
P SEP H 1 12.23 23.95 -5.82
O1P SEP H 1 12.26 23.60 -7.31
O2P SEP H 1 10.88 24.45 -5.35
O3P SEP H 1 12.79 22.84 -4.93
N SER H 2 15.88 27.69 -2.82
CA SER H 2 16.65 28.00 -1.63
C SER H 2 16.43 26.92 -0.55
N ALA H 3 15.20 26.44 -0.37
CA ALA H 3 14.84 25.48 0.70
C ALA H 3 15.72 24.22 0.58
N SEP H 4 15.98 23.76 -0.65
CA SEP H 4 16.70 22.52 -0.87
CB SEP H 4 16.05 21.74 -2.00
OG SEP H 4 16.24 22.46 -3.23
C SEP H 4 18.20 22.75 -1.11
O SEP H 4 18.97 21.79 -1.04
P SEP H 4 16.06 21.66 -4.60
O1P SEP H 4 16.38 22.65 -5.69
O2P SEP H 4 17.03 20.51 -4.51
O3P SEP H 4 14.62 21.14 -4.69
N THR H 5 18.61 24.02 -1.43
CA THR H 5 20.01 24.33 -1.78
C THR H 5 20.72 25.18 -0.71
N VAL H 6 19.99 25.94 0.11
CA VAL H 6 20.57 26.74 1.23
C VAL H 6 20.90 25.79 2.36
N SEP H 7 22.11 25.92 2.92
CA SEP H 7 22.52 25.11 4.05
CB SEP H 7 24.01 25.20 4.28
OG SEP H 7 24.38 26.59 4.38
C SEP H 7 21.71 25.52 5.29
O SEP H 7 21.21 26.63 5.38
P SEP H 7 25.00 27.36 3.06
O1P SEP H 7 24.98 28.82 3.41
O2P SEP H 7 24.10 27.04 1.91
O3P SEP H 7 26.39 26.80 2.90
N VAL H 8 21.54 24.56 6.21
CA VAL H 8 20.86 24.82 7.46
C VAL H 8 21.74 24.29 8.59
N GLY H 9 21.43 24.71 9.82
CA GLY H 9 22.25 24.47 11.03
C GLY H 9 23.20 25.63 11.28
PB ADP I . 3.27 -27.05 1.70
O1B ADP I . 2.33 -26.75 0.57
O2B ADP I . 4.68 -26.94 1.31
O3B ADP I . 2.96 -28.43 2.38
PA ADP I . 1.74 -25.30 3.54
O1A ADP I . 2.03 -23.87 3.85
O2A ADP I . 0.51 -25.65 2.76
O3A ADP I . 3.01 -25.93 2.82
O5' ADP I . 1.75 -26.14 4.89
C5' ADP I . 0.85 -25.82 5.96
C4' ADP I . 1.51 -26.23 7.26
O4' ADP I . 1.51 -27.68 7.36
C3' ADP I . 2.97 -25.83 7.40
O3' ADP I . 3.09 -24.53 7.94
C2' ADP I . 3.49 -26.88 8.38
O2' ADP I . 3.14 -26.52 9.69
C1' ADP I . 2.72 -28.14 7.95
N9 ADP I . 3.42 -28.97 6.98
C8 ADP I . 3.51 -28.74 5.63
N7 ADP I . 4.15 -29.67 4.98
C5 ADP I . 4.51 -30.58 5.96
C6 ADP I . 5.21 -31.79 5.90
N6 ADP I . 5.67 -32.32 4.77
N1 ADP I . 5.40 -32.46 7.06
C2 ADP I . 4.93 -31.92 8.19
N3 ADP I . 4.24 -30.81 8.36
C4 ADP I . 4.06 -30.17 7.19
C1 EDO J . 5.52 -33.63 12.90
O1 EDO J . 5.92 -32.53 12.14
C2 EDO J . 4.30 -34.26 12.37
O2 EDO J . 3.26 -33.32 12.16
C1 EDO K . 15.30 -32.17 15.57
O1 EDO K . 16.29 -31.59 14.75
C2 EDO K . 13.92 -31.92 15.09
O2 EDO K . 12.99 -31.80 16.15
C1 EDO L . 2.27 -50.32 8.66
O1 EDO L . 3.66 -50.43 8.69
C2 EDO L . 1.67 -50.34 7.31
O2 EDO L . 2.53 -50.86 6.32
C1 EDO M . 22.24 -16.66 -13.10
O1 EDO M . 21.00 -16.38 -13.75
C2 EDO M . 23.19 -15.56 -13.15
O2 EDO M . 22.57 -14.30 -13.06
C1 EDO N . 2.74 -11.63 -8.10
O1 EDO N . 3.58 -10.53 -7.79
C2 EDO N . 3.40 -12.57 -9.01
O2 EDO N . 4.28 -11.91 -9.89
NA NA O . 20.81 -32.70 16.02
S SO4 P . 37.89 -12.84 9.20
O1 SO4 P . 38.13 -13.14 7.83
O2 SO4 P . 38.55 -11.62 9.55
O3 SO4 P . 36.47 -12.67 9.40
O4 SO4 P . 38.36 -13.91 10.03
PB ADP Q . -2.35 10.61 -26.00
O1B ADP Q . -2.35 11.80 -26.99
O2B ADP Q . -3.63 9.88 -26.05
O3B ADP Q . -1.16 9.73 -26.18
PA ADP Q . -1.04 11.75 -23.63
O1A ADP Q . 0.25 11.23 -24.17
O2A ADP Q . -1.45 11.46 -22.22
O3A ADP Q . -2.24 11.22 -24.55
O5' ADP Q . -1.14 13.33 -23.90
C5' ADP Q . -0.37 14.26 -23.07
C4' ADP Q . -1.10 15.57 -22.99
O4' ADP Q . -1.02 16.27 -24.28
C3' ADP Q . -2.60 15.48 -22.69
O3' ADP Q . -2.85 15.44 -21.29
C2' ADP Q . -3.14 16.74 -23.34
O2' ADP Q . -3.01 17.86 -22.51
C1' ADP Q . -2.26 16.87 -24.58
N9 ADP Q . -2.81 16.22 -25.76
C8 ADP Q . -2.82 14.88 -26.04
N7 ADP Q . -3.39 14.59 -27.19
C5 ADP Q . -3.78 15.82 -27.69
C6 ADP Q . -4.47 16.18 -28.87
N6 ADP Q . -4.83 15.34 -29.82
N1 ADP Q . -4.71 17.49 -29.05
C2 ADP Q . -4.34 18.36 -28.10
N3 ADP Q . -3.68 18.13 -26.97
C4 ADP Q . -3.44 16.83 -26.81
C1 EDO R . -20.62 -1.56 -24.35
O1 EDO R . -21.18 -1.75 -25.62
C2 EDO R . -20.08 -2.83 -23.80
O2 EDO R . -20.34 -3.01 -22.44
C1 EDO S . -1.21 -6.69 -12.21
O1 EDO S . -0.76 -7.43 -11.08
C2 EDO S . -0.51 -5.40 -12.38
O2 EDO S . 0.85 -5.54 -12.77
C1 EDO T . -15.68 -4.16 -1.23
O1 EDO T . -16.59 -3.27 -0.61
C2 EDO T . -15.66 -4.01 -2.69
O2 EDO T . -16.95 -3.73 -3.21
C1 EDO U . -24.53 -0.76 -2.87
O1 EDO U . -23.47 -1.64 -2.53
C2 EDO U . -24.07 0.51 -3.47
O2 EDO U . -23.13 1.21 -2.67
NA NA V . -20.57 25.15 -26.90
S SO4 W . -38.09 10.63 -12.20
O1 SO4 W . -36.78 11.09 -11.82
O2 SO4 W . -38.74 11.65 -13.00
O3 SO4 W . -38.87 10.39 -11.02
O4 SO4 W . -37.97 9.42 -12.97
S SO4 X . -2.59 -4.90 -15.74
O1 SO4 X . -2.61 -4.67 -17.17
O2 SO4 X . -2.23 -3.68 -15.07
O3 SO4 X . -3.89 -5.32 -15.30
O4 SO4 X . -1.61 -5.92 -15.44
PB ADP Y . -35.66 -11.21 25.78
O1B ADP Y . -35.28 -9.92 26.48
O2B ADP Y . -36.57 -11.00 24.64
O3B ADP Y . -36.21 -12.29 26.75
PA ADP Y . -32.90 -12.06 25.97
O1A ADP Y . -31.80 -11.61 25.07
O2A ADP Y . -32.96 -11.50 27.35
O3A ADP Y . -34.29 -11.79 25.25
O5' ADP Y . -32.92 -13.67 26.03
C5' ADP Y . -31.72 -14.38 26.36
C4' ADP Y . -31.82 -15.78 25.84
O4' ADP Y . -32.86 -16.53 26.55
C3' ADP Y . -32.20 -15.92 24.37
O3' ADP Y . -31.04 -15.78 23.55
C2' ADP Y . -32.78 -17.32 24.33
O2' ADP Y . -31.74 -18.26 24.33
C1' ADP Y . -33.58 -17.34 25.64
N9 ADP Y . -34.94 -16.82 25.54
C8 ADP Y . -35.32 -15.50 25.60
N7 ADP Y . -36.61 -15.32 25.50
C5 ADP Y . -37.14 -16.60 25.47
C6 ADP Y . -38.47 -17.08 25.41
N6 ADP Y . -39.54 -16.28 25.41
N1 ADP Y . -38.64 -18.41 25.38
C2 ADP Y . -37.55 -19.20 25.37
N3 ADP Y . -36.27 -18.87 25.43
C4 ADP Y . -36.12 -17.54 25.47
C1 EDO Z . -40.21 -24.73 36.55
O1 EDO Z . -41.62 -24.70 36.60
C2 EDO Z . -39.68 -25.69 35.55
O2 EDO Z . -40.68 -26.49 34.95
C1 EDO AA . -43.59 -28.35 34.24
O1 EDO AA . -43.64 -29.53 35.02
C2 EDO AA . -42.32 -28.25 33.54
O2 EDO AA . -41.23 -28.72 34.31
C1 EDO BA . -31.00 -12.52 37.13
O1 EDO BA . -30.31 -13.75 37.20
C2 EDO BA . -30.31 -11.49 36.34
O2 EDO BA . -29.17 -10.93 36.97
C1 EDO CA . -36.82 -24.32 26.49
O1 EDO CA . -35.65 -23.52 26.48
C2 EDO CA . -37.77 -23.97 25.41
O2 EDO CA . -37.18 -23.35 24.28
C1 EDO DA . -51.43 -27.06 36.83
O1 EDO DA . -50.64 -25.96 36.46
C2 EDO DA . -52.38 -27.46 35.78
O2 EDO DA . -53.67 -27.73 36.29
C1 EDO EA . -39.38 -25.29 17.55
O1 EDO EA . -40.73 -25.29 17.19
C2 EDO EA . -38.57 -26.40 16.96
O2 EDO EA . -39.27 -27.14 15.98
PB ADP FA . 34.35 30.41 3.28
O1B ADP FA . 34.93 31.73 2.73
O2B ADP FA . 35.28 29.28 3.08
O3B ADP FA . 33.85 30.53 4.72
PA ADP FA . 31.60 30.81 2.42
O1A ADP FA . 31.55 31.90 3.45
O2A ADP FA . 30.57 29.73 2.48
O3A ADP FA . 33.04 30.12 2.45
O5' ADP FA . 31.64 31.43 0.96
C5' ADP FA . 30.43 31.92 0.34
C4' ADP FA . 30.66 32.03 -1.14
O4' ADP FA . 31.75 32.97 -1.40
C3' ADP FA . 31.11 30.75 -1.86
O3' ADP FA . 29.99 29.95 -2.21
C2' ADP FA . 31.78 31.33 -3.11
O2' ADP FA . 30.81 31.70 -4.06
C1' ADP FA . 32.51 32.55 -2.52
N9 ADP FA . 33.87 32.28 -2.06
C8 ADP FA . 34.22 31.80 -0.81
N7 ADP FA . 35.52 31.71 -0.63
C5 ADP FA . 36.07 32.22 -1.80
C6 ADP FA . 37.39 32.42 -2.20
N6 ADP FA . 38.45 32.12 -1.42
N1 ADP FA . 37.61 32.95 -3.42
C2 ADP FA . 36.55 33.24 -4.19
N3 ADP FA . 35.25 33.09 -3.92
C4 ADP FA . 35.07 32.58 -2.70
C1 EDO GA . 20.82 -1.37 -5.40
O1 EDO GA . 19.81 -0.51 -5.87
C2 EDO GA . 22.13 -1.03 -5.96
O2 EDO GA . 23.04 -2.08 -5.83
C1 EDO HA . 24.03 -0.30 0.84
O1 EDO HA . 22.93 0.21 0.10
C2 EDO HA . 23.66 -1.45 1.70
O2 EDO HA . 23.00 -1.06 2.89
C1 EDO IA . 38.44 45.69 -6.18
O1 EDO IA . 39.28 44.83 -6.91
C2 EDO IA . 38.82 45.75 -4.76
O2 EDO IA . 40.20 45.72 -4.54
#